data_2X6P
# 
_entry.id   2X6P 
# 
_audit_conform.dict_name       mmcif_pdbx.dic 
_audit_conform.dict_version    5.398 
_audit_conform.dict_location   http://mmcif.pdb.org/dictionaries/ascii/mmcif_pdbx.dic 
# 
loop_
_database_2.database_id 
_database_2.database_code 
_database_2.pdbx_database_accession 
_database_2.pdbx_DOI 
PDB   2X6P         pdb_00002x6p 10.2210/pdb2x6p/pdb 
PDBE  EBI-42941    ?            ?                   
WWPDB D_1290042941 ?            ?                   
# 
loop_
_pdbx_audit_revision_history.ordinal 
_pdbx_audit_revision_history.data_content_type 
_pdbx_audit_revision_history.major_revision 
_pdbx_audit_revision_history.minor_revision 
_pdbx_audit_revision_history.revision_date 
1 'Structure model' 1 0 2010-09-22 
2 'Structure model' 1 1 2016-12-21 
3 'Structure model' 1 2 2023-12-20 
4 'Structure model' 1 3 2024-11-06 
# 
_pdbx_audit_revision_details.ordinal             1 
_pdbx_audit_revision_details.revision_ordinal    1 
_pdbx_audit_revision_details.data_content_type   'Structure model' 
_pdbx_audit_revision_details.provider            repository 
_pdbx_audit_revision_details.type                'Initial release' 
_pdbx_audit_revision_details.description         ? 
_pdbx_audit_revision_details.details             ? 
# 
loop_
_pdbx_audit_revision_group.ordinal 
_pdbx_audit_revision_group.revision_ordinal 
_pdbx_audit_revision_group.data_content_type 
_pdbx_audit_revision_group.group 
1 2 'Structure model' Other                       
2 2 'Structure model' 'Source and taxonomy'       
3 2 'Structure model' 'Version format compliance' 
4 3 'Structure model' 'Data collection'           
5 3 'Structure model' 'Database references'       
6 3 'Structure model' 'Derived calculations'      
7 3 'Structure model' Other                       
8 3 'Structure model' 'Refinement description'    
9 4 'Structure model' 'Structure summary'         
# 
loop_
_pdbx_audit_revision_category.ordinal 
_pdbx_audit_revision_category.revision_ordinal 
_pdbx_audit_revision_category.data_content_type 
_pdbx_audit_revision_category.category 
1  3 'Structure model' chem_comp_atom                
2  3 'Structure model' chem_comp_bond                
3  3 'Structure model' database_2                    
4  3 'Structure model' pdbx_database_status          
5  3 'Structure model' pdbx_initial_refinement_model 
6  3 'Structure model' pdbx_struct_conn_angle        
7  3 'Structure model' struct_conn                   
8  3 'Structure model' struct_site                   
9  4 'Structure model' pdbx_entry_details            
10 4 'Structure model' pdbx_modification_feature     
# 
loop_
_pdbx_audit_revision_item.ordinal 
_pdbx_audit_revision_item.revision_ordinal 
_pdbx_audit_revision_item.data_content_type 
_pdbx_audit_revision_item.item 
1  3 'Structure model' '_database_2.pdbx_DOI'                        
2  3 'Structure model' '_database_2.pdbx_database_accession'         
3  3 'Structure model' '_pdbx_database_status.status_code_sf'        
4  3 'Structure model' '_pdbx_struct_conn_angle.ptnr1_auth_asym_id'  
5  3 'Structure model' '_pdbx_struct_conn_angle.ptnr1_auth_comp_id'  
6  3 'Structure model' '_pdbx_struct_conn_angle.ptnr1_auth_seq_id'   
7  3 'Structure model' '_pdbx_struct_conn_angle.ptnr1_label_asym_id' 
8  3 'Structure model' '_pdbx_struct_conn_angle.ptnr1_label_atom_id' 
9  3 'Structure model' '_pdbx_struct_conn_angle.ptnr1_label_comp_id' 
10 3 'Structure model' '_pdbx_struct_conn_angle.ptnr1_label_seq_id'  
11 3 'Structure model' '_pdbx_struct_conn_angle.ptnr1_symmetry'      
12 3 'Structure model' '_pdbx_struct_conn_angle.ptnr2_auth_asym_id'  
13 3 'Structure model' '_pdbx_struct_conn_angle.ptnr2_auth_seq_id'   
14 3 'Structure model' '_pdbx_struct_conn_angle.ptnr2_label_asym_id' 
15 3 'Structure model' '_pdbx_struct_conn_angle.ptnr2_symmetry'      
16 3 'Structure model' '_pdbx_struct_conn_angle.ptnr3_auth_asym_id'  
17 3 'Structure model' '_pdbx_struct_conn_angle.ptnr3_auth_comp_id'  
18 3 'Structure model' '_pdbx_struct_conn_angle.ptnr3_auth_seq_id'   
19 3 'Structure model' '_pdbx_struct_conn_angle.ptnr3_label_asym_id' 
20 3 'Structure model' '_pdbx_struct_conn_angle.ptnr3_label_atom_id' 
21 3 'Structure model' '_pdbx_struct_conn_angle.ptnr3_label_comp_id' 
22 3 'Structure model' '_pdbx_struct_conn_angle.ptnr3_label_seq_id'  
23 3 'Structure model' '_pdbx_struct_conn_angle.ptnr3_symmetry'      
24 3 'Structure model' '_pdbx_struct_conn_angle.value'               
25 3 'Structure model' '_struct_conn.conn_type_id'                   
26 3 'Structure model' '_struct_conn.id'                             
27 3 'Structure model' '_struct_conn.pdbx_dist_value'                
28 3 'Structure model' '_struct_conn.pdbx_leaving_atom_flag'         
29 3 'Structure model' '_struct_conn.ptnr1_auth_asym_id'             
30 3 'Structure model' '_struct_conn.ptnr1_auth_comp_id'             
31 3 'Structure model' '_struct_conn.ptnr1_auth_seq_id'              
32 3 'Structure model' '_struct_conn.ptnr1_label_asym_id'            
33 3 'Structure model' '_struct_conn.ptnr1_label_atom_id'            
34 3 'Structure model' '_struct_conn.ptnr1_label_comp_id'            
35 3 'Structure model' '_struct_conn.ptnr1_label_seq_id'             
36 3 'Structure model' '_struct_conn.ptnr1_symmetry'                 
37 3 'Structure model' '_struct_conn.ptnr2_auth_asym_id'             
38 3 'Structure model' '_struct_conn.ptnr2_auth_comp_id'             
39 3 'Structure model' '_struct_conn.ptnr2_auth_seq_id'              
40 3 'Structure model' '_struct_conn.ptnr2_label_asym_id'            
41 3 'Structure model' '_struct_conn.ptnr2_label_atom_id'            
42 3 'Structure model' '_struct_conn.ptnr2_label_comp_id'            
43 3 'Structure model' '_struct_conn.ptnr2_label_seq_id'             
44 3 'Structure model' '_struct_conn.ptnr2_symmetry'                 
45 3 'Structure model' '_struct_site.pdbx_auth_asym_id'              
46 3 'Structure model' '_struct_site.pdbx_auth_comp_id'              
47 3 'Structure model' '_struct_site.pdbx_auth_seq_id'               
# 
_pdbx_database_status.status_code                     REL 
_pdbx_database_status.entry_id                        2X6P 
_pdbx_database_status.deposit_site                    PDBE 
_pdbx_database_status.process_site                    PDBE 
_pdbx_database_status.SG_entry                        . 
_pdbx_database_status.recvd_initial_deposition_date   2010-02-18 
_pdbx_database_status.pdb_format_compatible           Y 
_pdbx_database_status.status_code_sf                  REL 
_pdbx_database_status.status_code_mr                  ? 
_pdbx_database_status.status_code_cs                  ? 
_pdbx_database_status.methods_development_category    ? 
_pdbx_database_status.status_code_nmr_data            ? 
# 
loop_
_audit_author.name 
_audit_author.pdbx_ordinal 
'Chakraborty, S.' 1 
'Touw, D.S.'      2 
'Peacock, A.F.A.' 3 
'Stuckey, J.A.'   4 
'Pecoraro, V.L.'  5 
# 
_citation.id                        primary 
_citation.title                     
;Structural Comparisons of Apo- and Metalated Three-Stranded Coiled Coils Clarify Metal Binding Determinants in Thiolate Containing Designed Peptides.
;
_citation.journal_abbrev            J.Am.Chem.Soc. 
_citation.journal_volume            132 
_citation.page_first                13240 
_citation.page_last                 ? 
_citation.year                      2010 
_citation.journal_id_ASTM           JACSAT 
_citation.country                   US 
_citation.journal_id_ISSN           0002-7863 
_citation.journal_id_CSD            0004 
_citation.book_publisher            ? 
_citation.pdbx_database_id_PubMed   20825181 
_citation.pdbx_database_id_DOI      10.1021/JA101812C 
# 
loop_
_citation_author.citation_id 
_citation_author.name 
_citation_author.ordinal 
_citation_author.identifier_ORCID 
primary 'Chakraborty, S.' 1 ? 
primary 'Touw, D.S.'      2 ? 
primary 'Peacock, A.F.A.' 3 ? 
primary 'Stuckey, J.A.'   4 ? 
primary 'Pecoraro, V.L.'  5 ? 
# 
loop_
_entity.id 
_entity.type 
_entity.src_method 
_entity.pdbx_description 
_entity.formula_weight 
_entity.pdbx_number_of_molecules 
_entity.pdbx_ec 
_entity.pdbx_mutation 
_entity.pdbx_fragment 
_entity.details 
1 polymer     syn 'COIL SER L19C' 3327.842 3  ? ? ? ? 
2 non-polymer syn 'ZINC ION'      65.409   6  ? ? ? ? 
3 water       nat water           18.015   19 ? ? ? ? 
# 
_entity_poly.entity_id                      1 
_entity_poly.type                           'polypeptide(L)' 
_entity_poly.nstd_linkage                   no 
_entity_poly.nstd_monomer                   yes 
_entity_poly.pdbx_seq_one_letter_code       '(ACE)EWEALEKKLAALESKLQACEKKLEALEHG' 
_entity_poly.pdbx_seq_one_letter_code_can   XEWEALEKKLAALESKLQACEKKLEALEHG 
_entity_poly.pdbx_strand_id                 A,B,C 
_entity_poly.pdbx_target_identifier         ? 
# 
loop_
_pdbx_entity_nonpoly.entity_id 
_pdbx_entity_nonpoly.name 
_pdbx_entity_nonpoly.comp_id 
2 'ZINC ION' ZN  
3 water      HOH 
# 
loop_
_entity_poly_seq.entity_id 
_entity_poly_seq.num 
_entity_poly_seq.mon_id 
_entity_poly_seq.hetero 
1 1  ACE n 
1 2  GLU n 
1 3  TRP n 
1 4  GLU n 
1 5  ALA n 
1 6  LEU n 
1 7  GLU n 
1 8  LYS n 
1 9  LYS n 
1 10 LEU n 
1 11 ALA n 
1 12 ALA n 
1 13 LEU n 
1 14 GLU n 
1 15 SER n 
1 16 LYS n 
1 17 LEU n 
1 18 GLN n 
1 19 ALA n 
1 20 CYS n 
1 21 GLU n 
1 22 LYS n 
1 23 LYS n 
1 24 LEU n 
1 25 GLU n 
1 26 ALA n 
1 27 LEU n 
1 28 GLU n 
1 29 HIS n 
1 30 GLY n 
# 
_pdbx_entity_src_syn.entity_id              1 
_pdbx_entity_src_syn.pdbx_src_id            1 
_pdbx_entity_src_syn.pdbx_alt_source_flag   sample 
_pdbx_entity_src_syn.pdbx_beg_seq_num       ? 
_pdbx_entity_src_syn.pdbx_end_seq_num       ? 
_pdbx_entity_src_syn.organism_scientific    'SYNTHETIC CONSTRUCT' 
_pdbx_entity_src_syn.organism_common_name   ? 
_pdbx_entity_src_syn.ncbi_taxonomy_id       32630 
_pdbx_entity_src_syn.details                ? 
# 
loop_
_chem_comp.id 
_chem_comp.type 
_chem_comp.mon_nstd_flag 
_chem_comp.name 
_chem_comp.pdbx_synonyms 
_chem_comp.formula 
_chem_comp.formula_weight 
ACE non-polymer         . 'ACETYL GROUP'  ? 'C2 H4 O'        44.053  
ALA 'L-peptide linking' y ALANINE         ? 'C3 H7 N O2'     89.093  
CYS 'L-peptide linking' y CYSTEINE        ? 'C3 H7 N O2 S'   121.158 
GLN 'L-peptide linking' y GLUTAMINE       ? 'C5 H10 N2 O3'   146.144 
GLU 'L-peptide linking' y 'GLUTAMIC ACID' ? 'C5 H9 N O4'     147.129 
GLY 'peptide linking'   y GLYCINE         ? 'C2 H5 N O2'     75.067  
HIS 'L-peptide linking' y HISTIDINE       ? 'C6 H10 N3 O2 1' 156.162 
HOH non-polymer         . WATER           ? 'H2 O'           18.015  
LEU 'L-peptide linking' y LEUCINE         ? 'C6 H13 N O2'    131.173 
LYS 'L-peptide linking' y LYSINE          ? 'C6 H15 N2 O2 1' 147.195 
SER 'L-peptide linking' y SERINE          ? 'C3 H7 N O3'     105.093 
TRP 'L-peptide linking' y TRYPTOPHAN      ? 'C11 H12 N2 O2'  204.225 
ZN  non-polymer         . 'ZINC ION'      ? 'Zn 2'           65.409  
# 
loop_
_pdbx_poly_seq_scheme.asym_id 
_pdbx_poly_seq_scheme.entity_id 
_pdbx_poly_seq_scheme.seq_id 
_pdbx_poly_seq_scheme.mon_id 
_pdbx_poly_seq_scheme.ndb_seq_num 
_pdbx_poly_seq_scheme.pdb_seq_num 
_pdbx_poly_seq_scheme.auth_seq_num 
_pdbx_poly_seq_scheme.pdb_mon_id 
_pdbx_poly_seq_scheme.auth_mon_id 
_pdbx_poly_seq_scheme.pdb_strand_id 
_pdbx_poly_seq_scheme.pdb_ins_code 
_pdbx_poly_seq_scheme.hetero 
A 1 1  ACE 1  0  0  ACE ACE A . n 
A 1 2  GLU 2  1  1  GLU GLU A . n 
A 1 3  TRP 3  2  2  TRP TRP A . n 
A 1 4  GLU 4  3  3  GLU GLU A . n 
A 1 5  ALA 5  4  4  ALA ALA A . n 
A 1 6  LEU 6  5  5  LEU LEU A . n 
A 1 7  GLU 7  6  6  GLU GLU A . n 
A 1 8  LYS 8  7  7  LYS LYS A . n 
A 1 9  LYS 9  8  8  LYS LYS A . n 
A 1 10 LEU 10 9  9  LEU LEU A . n 
A 1 11 ALA 11 10 10 ALA ALA A . n 
A 1 12 ALA 12 11 11 ALA ALA A . n 
A 1 13 LEU 13 12 12 LEU LEU A . n 
A 1 14 GLU 14 13 13 GLU GLU A . n 
A 1 15 SER 15 14 14 SER SER A . n 
A 1 16 LYS 16 15 15 LYS LYS A . n 
A 1 17 LEU 17 16 16 LEU LEU A . n 
A 1 18 GLN 18 17 17 GLN GLN A . n 
A 1 19 ALA 19 18 18 ALA ALA A . n 
A 1 20 CYS 20 19 19 CYS CYS A . n 
A 1 21 GLU 21 20 20 GLU GLU A . n 
A 1 22 LYS 22 21 21 LYS LYS A . n 
A 1 23 LYS 23 22 22 LYS LYS A . n 
A 1 24 LEU 24 23 23 LEU LEU A . n 
A 1 25 GLU 25 24 24 GLU GLU A . n 
A 1 26 ALA 26 25 25 ALA ALA A . n 
A 1 27 LEU 27 26 26 LEU LEU A . n 
A 1 28 GLU 28 27 27 GLU GLU A . n 
A 1 29 HIS 29 28 28 HIS HIS A . n 
A 1 30 GLY 30 29 29 GLY GLY A . n 
B 1 1  ACE 1  0  0  ACE ACE B . n 
B 1 2  GLU 2  1  1  GLU GLU B . n 
B 1 3  TRP 3  2  2  TRP TRP B . n 
B 1 4  GLU 4  3  3  GLU GLU B . n 
B 1 5  ALA 5  4  4  ALA ALA B . n 
B 1 6  LEU 6  5  5  LEU LEU B . n 
B 1 7  GLU 7  6  6  GLU GLU B . n 
B 1 8  LYS 8  7  7  LYS LYS B . n 
B 1 9  LYS 9  8  8  LYS LYS B . n 
B 1 10 LEU 10 9  9  LEU LEU B . n 
B 1 11 ALA 11 10 10 ALA ALA B . n 
B 1 12 ALA 12 11 11 ALA ALA B . n 
B 1 13 LEU 13 12 12 LEU LEU B . n 
B 1 14 GLU 14 13 13 GLU GLU B . n 
B 1 15 SER 15 14 14 SER SER B . n 
B 1 16 LYS 16 15 15 LYS LYS B . n 
B 1 17 LEU 17 16 16 LEU LEU B . n 
B 1 18 GLN 18 17 17 GLN GLN B . n 
B 1 19 ALA 19 18 18 ALA ALA B . n 
B 1 20 CYS 20 19 19 CYS CYS B . n 
B 1 21 GLU 21 20 20 GLU GLU B . n 
B 1 22 LYS 22 21 21 LYS LYS B . n 
B 1 23 LYS 23 22 22 LYS LYS B . n 
B 1 24 LEU 24 23 23 LEU LEU B . n 
B 1 25 GLU 25 24 24 GLU GLU B . n 
B 1 26 ALA 26 25 25 ALA ALA B . n 
B 1 27 LEU 27 26 26 LEU LEU B . n 
B 1 28 GLU 28 27 27 GLU GLU B . n 
B 1 29 HIS 29 28 28 HIS HIS B . n 
B 1 30 GLY 30 29 29 GLY GLY B . n 
C 1 1  ACE 1  0  0  ACE ACE C . n 
C 1 2  GLU 2  1  1  GLU GLU C . n 
C 1 3  TRP 3  2  2  TRP TRP C . n 
C 1 4  GLU 4  3  3  GLU GLU C . n 
C 1 5  ALA 5  4  4  ALA ALA C . n 
C 1 6  LEU 6  5  5  LEU LEU C . n 
C 1 7  GLU 7  6  6  GLU GLU C . n 
C 1 8  LYS 8  7  7  LYS LYS C . n 
C 1 9  LYS 9  8  8  LYS LYS C . n 
C 1 10 LEU 10 9  9  LEU LEU C . n 
C 1 11 ALA 11 10 10 ALA ALA C . n 
C 1 12 ALA 12 11 11 ALA ALA C . n 
C 1 13 LEU 13 12 12 LEU LEU C . n 
C 1 14 GLU 14 13 13 GLU GLU C . n 
C 1 15 SER 15 14 14 SER SER C . n 
C 1 16 LYS 16 15 15 LYS LYS C . n 
C 1 17 LEU 17 16 16 LEU LEU C . n 
C 1 18 GLN 18 17 17 GLN GLN C . n 
C 1 19 ALA 19 18 18 ALA ALA C . n 
C 1 20 CYS 20 19 19 CYS CYS C . n 
C 1 21 GLU 21 20 20 GLU GLU C . n 
C 1 22 LYS 22 21 21 LYS LYS C . n 
C 1 23 LYS 23 22 22 LYS LYS C . n 
C 1 24 LEU 24 23 23 LEU LEU C . n 
C 1 25 GLU 25 24 24 GLU GLU C . n 
C 1 26 ALA 26 25 25 ALA ALA C . n 
C 1 27 LEU 27 26 26 LEU LEU C . n 
C 1 28 GLU 28 27 27 GLU GLU C . n 
C 1 29 HIS 29 28 28 HIS HIS C . n 
C 1 30 GLY 30 29 29 GLY GLY C . n 
# 
loop_
_pdbx_nonpoly_scheme.asym_id 
_pdbx_nonpoly_scheme.entity_id 
_pdbx_nonpoly_scheme.mon_id 
_pdbx_nonpoly_scheme.ndb_seq_num 
_pdbx_nonpoly_scheme.pdb_seq_num 
_pdbx_nonpoly_scheme.auth_seq_num 
_pdbx_nonpoly_scheme.pdb_mon_id 
_pdbx_nonpoly_scheme.auth_mon_id 
_pdbx_nonpoly_scheme.pdb_strand_id 
_pdbx_nonpoly_scheme.pdb_ins_code 
D 2 ZN  1 1030 1030 ZN  ZN  B . 
E 2 ZN  1 1031 1031 ZN  ZN  B . 
F 2 ZN  1 1032 1032 ZN  ZN  B . 
G 2 ZN  1 1033 1033 ZN  ZN  B . 
H 2 ZN  1 1030 1030 ZN  ZN  C . 
I 2 ZN  1 1031 1031 ZN  ZN  C . 
J 3 HOH 1 2001 2001 HOH HOH A . 
J 3 HOH 2 2002 2002 HOH HOH A . 
J 3 HOH 3 2003 2003 HOH HOH A . 
J 3 HOH 4 2004 2004 HOH HOH A . 
J 3 HOH 5 2005 2005 HOH HOH A . 
K 3 HOH 1 2001 2001 HOH HOH B . 
K 3 HOH 2 2002 2002 HOH HOH B . 
K 3 HOH 3 2003 2003 HOH HOH B . 
K 3 HOH 4 2004 2004 HOH HOH B . 
K 3 HOH 5 2005 2005 HOH HOH B . 
K 3 HOH 6 2006 2006 HOH HOH B . 
K 3 HOH 7 2007 2007 HOH HOH B . 
K 3 HOH 8 2008 2008 HOH HOH B . 
L 3 HOH 1 2001 2001 HOH HOH C . 
L 3 HOH 2 2002 2002 HOH HOH C . 
L 3 HOH 3 2003 2003 HOH HOH C . 
L 3 HOH 4 2004 2004 HOH HOH C . 
L 3 HOH 5 2005 2005 HOH HOH C . 
L 3 HOH 6 2006 2006 HOH HOH C . 
# 
loop_
_software.name 
_software.classification 
_software.version 
_software.citation_id 
_software.pdbx_ordinal 
REFMAC    refinement       5.5.0109 ? 1 
DENZO     'data reduction' .        ? 2 
SCALEPACK 'data scaling'   .        ? 3 
PHASER    phasing          .        ? 4 
# 
_cell.entry_id           2X6P 
_cell.length_a           38.089 
_cell.length_b           38.089 
_cell.length_c           178.798 
_cell.angle_alpha        90.00 
_cell.angle_beta         90.00 
_cell.angle_gamma        120.00 
_cell.Z_PDB              18 
_cell.pdbx_unique_axis   ? 
# 
_symmetry.entry_id                         2X6P 
_symmetry.space_group_name_H-M             'P 61' 
_symmetry.pdbx_full_space_group_name_H-M   ? 
_symmetry.cell_setting                     ? 
_symmetry.Int_Tables_number                169 
# 
_exptl.entry_id          2X6P 
_exptl.method            'X-RAY DIFFRACTION' 
_exptl.crystals_number   1 
# 
_exptl_crystal.id                    1 
_exptl_crystal.density_meas          ? 
_exptl_crystal.density_Matthews      3.65 
_exptl_crystal.density_percent_sol   65 
_exptl_crystal.description           NONE 
# 
_exptl_crystal_grow.crystal_id      1 
_exptl_crystal_grow.method          ? 
_exptl_crystal_grow.temp            ? 
_exptl_crystal_grow.temp_details    ? 
_exptl_crystal_grow.pH              6.5 
_exptl_crystal_grow.pdbx_pH_range   ? 
_exptl_crystal_grow.pdbx_details    '100MM MES PH 6.5 40% PEG 200' 
# 
_diffrn.id                     1 
_diffrn.ambient_temp           100 
_diffrn.ambient_temp_details   ? 
_diffrn.crystal_id             1 
# 
_diffrn_detector.diffrn_id              1 
_diffrn_detector.detector               CCD 
_diffrn_detector.type                   MARRESEARCH 
_diffrn_detector.pdbx_collection_date   ? 
_diffrn_detector.details                ? 
# 
_diffrn_radiation.diffrn_id                        1 
_diffrn_radiation.wavelength_id                    1 
_diffrn_radiation.pdbx_monochromatic_or_laue_m_l   M 
_diffrn_radiation.monochromator                    ? 
_diffrn_radiation.pdbx_diffrn_protocol             'SINGLE WAVELENGTH' 
_diffrn_radiation.pdbx_scattering_type             x-ray 
# 
_diffrn_radiation_wavelength.id           1 
_diffrn_radiation_wavelength.wavelength   1.00 
_diffrn_radiation_wavelength.wt           1.0 
# 
_diffrn_source.diffrn_id                   1 
_diffrn_source.source                      SYNCHROTRON 
_diffrn_source.type                        'APS BEAMLINE 21-ID-D' 
_diffrn_source.pdbx_synchrotron_site       APS 
_diffrn_source.pdbx_synchrotron_beamline   21-ID-D 
_diffrn_source.pdbx_wavelength             1.00 
_diffrn_source.pdbx_wavelength_list        ? 
# 
_reflns.pdbx_diffrn_id               1 
_reflns.pdbx_ordinal                 1 
_reflns.entry_id                     2X6P 
_reflns.observed_criterion_sigma_I   2.0 
_reflns.observed_criterion_sigma_F   ? 
_reflns.d_resolution_low             32.99 
_reflns.d_resolution_high            2.00 
_reflns.number_obs                   8556 
_reflns.number_all                   ? 
_reflns.percent_possible_obs         97.3 
_reflns.pdbx_Rmerge_I_obs            0.06 
_reflns.pdbx_Rsym_value              ? 
_reflns.pdbx_netI_over_sigmaI        ? 
_reflns.B_iso_Wilson_estimate        ? 
_reflns.pdbx_redundancy              8 
# 
_reflns_shell.pdbx_diffrn_id         1 
_reflns_shell.pdbx_ordinal           1 
_reflns_shell.d_res_high             2.00 
_reflns_shell.d_res_low              2.07 
_reflns_shell.percent_possible_all   89.1 
_reflns_shell.Rmerge_I_obs           ? 
_reflns_shell.pdbx_Rsym_value        ? 
_reflns_shell.meanI_over_sigI_obs    2.00 
_reflns_shell.pdbx_redundancy        7 
# 
_refine.pdbx_refine_id                           'X-RAY DIFFRACTION' 
_refine.entry_id                                 2X6P 
_refine.pdbx_diffrn_id                           1 
_refine.pdbx_TLS_residual_ADP_flag               ? 
_refine.ls_number_reflns_obs                     7281 
_refine.ls_number_reflns_all                     ? 
_refine.pdbx_ls_sigma_I                          ? 
_refine.pdbx_ls_sigma_F                          . 
_refine.pdbx_data_cutoff_high_absF               ? 
_refine.pdbx_data_cutoff_low_absF                ? 
_refine.pdbx_data_cutoff_high_rms_absF           ? 
_refine.ls_d_res_low                             32.99 
_refine.ls_d_res_high                            2.15 
_refine.ls_percent_reflns_obs                    96.03 
_refine.ls_R_factor_obs                          0.22194 
_refine.ls_R_factor_all                          ? 
_refine.ls_R_factor_R_work                       0.21994 
_refine.ls_R_factor_R_free                       0.26432 
_refine.ls_R_factor_R_free_error                 ? 
_refine.ls_R_factor_R_free_error_details         ? 
_refine.ls_percent_reflns_R_free                 4.8 
_refine.ls_number_reflns_R_free                  365 
_refine.ls_number_parameters                     ? 
_refine.ls_number_restraints                     ? 
_refine.occupancy_min                            ? 
_refine.occupancy_max                            ? 
_refine.correlation_coeff_Fo_to_Fc               0.939 
_refine.correlation_coeff_Fo_to_Fc_free          0.922 
_refine.B_iso_mean                               44.304 
_refine.aniso_B[1][1]                            1.38 
_refine.aniso_B[2][2]                            1.38 
_refine.aniso_B[3][3]                            -2.07 
_refine.aniso_B[1][2]                            0.69 
_refine.aniso_B[1][3]                            0.00 
_refine.aniso_B[2][3]                            0.00 
_refine.solvent_model_details                    MASK 
_refine.solvent_model_param_ksol                 ? 
_refine.solvent_model_param_bsol                 ? 
_refine.pdbx_solvent_vdw_probe_radii             1.40 
_refine.pdbx_solvent_ion_probe_radii             0.80 
_refine.pdbx_solvent_shrinkage_radii             0.80 
_refine.pdbx_ls_cross_valid_method               THROUGHOUT 
_refine.details                                  
'HYDROGENS HAVE BEEN ADDED IN THE RIDING POSITIONS.U VALUES WITH TLS ADDED. ATOM RECORD CONTAINS SUM OF TLS AND RESIDUAL B FACTORS' 
_refine.pdbx_starting_model                      'PDB ENTRY 1COI' 
_refine.pdbx_method_to_determine_struct          'MOLECULAR REPLACEMENT' 
_refine.pdbx_isotropic_thermal_model             ? 
_refine.pdbx_stereochemistry_target_values       'MAXIMUM LIKELIHOOD' 
_refine.pdbx_stereochem_target_val_spec_case     ? 
_refine.pdbx_R_Free_selection_details            RANDOM 
_refine.pdbx_overall_ESU_R                       0.198 
_refine.pdbx_overall_ESU_R_Free                  0.185 
_refine.overall_SU_ML                            0.141 
_refine.pdbx_overall_phase_error                 ? 
_refine.overall_SU_B                             9.648 
_refine.overall_SU_R_Cruickshank_DPI             ? 
_refine.pdbx_overall_SU_R_free_Cruickshank_DPI   ? 
_refine.pdbx_overall_SU_R_Blow_DPI               ? 
_refine.pdbx_overall_SU_R_free_Blow_DPI          ? 
# 
_refine_hist.pdbx_refine_id                   'X-RAY DIFFRACTION' 
_refine_hist.cycle_id                         LAST 
_refine_hist.pdbx_number_atoms_protein        699 
_refine_hist.pdbx_number_atoms_nucleic_acid   0 
_refine_hist.pdbx_number_atoms_ligand         6 
_refine_hist.number_atoms_solvent             19 
_refine_hist.number_atoms_total               724 
_refine_hist.d_res_high                       2.15 
_refine_hist.d_res_low                        32.99 
# 
loop_
_refine_ls_restr.type 
_refine_ls_restr.dev_ideal 
_refine_ls_restr.dev_ideal_target 
_refine_ls_restr.weight 
_refine_ls_restr.number 
_refine_ls_restr.pdbx_refine_id 
_refine_ls_restr.pdbx_restraint_function 
r_bond_refined_d             0.025  0.022  ? 705 'X-RAY DIFFRACTION' ? 
r_bond_other_d               ?      ?      ? ?   'X-RAY DIFFRACTION' ? 
r_angle_refined_deg          2.318  2.017  ? 936 'X-RAY DIFFRACTION' ? 
r_angle_other_deg            ?      ?      ? ?   'X-RAY DIFFRACTION' ? 
r_dihedral_angle_1_deg       6.136  5.000  ? 84  'X-RAY DIFFRACTION' ? 
r_dihedral_angle_2_deg       36.643 28.000 ? 30  'X-RAY DIFFRACTION' ? 
r_dihedral_angle_3_deg       21.627 15.000 ? 156 'X-RAY DIFFRACTION' ? 
r_dihedral_angle_4_deg       ?      ?      ? ?   'X-RAY DIFFRACTION' ? 
r_chiral_restr               0.128  0.200  ? 102 'X-RAY DIFFRACTION' ? 
r_gen_planes_refined         0.008  0.020  ? 480 'X-RAY DIFFRACTION' ? 
r_gen_planes_other           ?      ?      ? ?   'X-RAY DIFFRACTION' ? 
r_nbd_refined                ?      ?      ? ?   'X-RAY DIFFRACTION' ? 
r_nbd_other                  ?      ?      ? ?   'X-RAY DIFFRACTION' ? 
r_nbtor_refined              ?      ?      ? ?   'X-RAY DIFFRACTION' ? 
r_nbtor_other                ?      ?      ? ?   'X-RAY DIFFRACTION' ? 
r_xyhbond_nbd_refined        ?      ?      ? ?   'X-RAY DIFFRACTION' ? 
r_xyhbond_nbd_other          ?      ?      ? ?   'X-RAY DIFFRACTION' ? 
r_metal_ion_refined          ?      ?      ? ?   'X-RAY DIFFRACTION' ? 
r_metal_ion_other            ?      ?      ? ?   'X-RAY DIFFRACTION' ? 
r_symmetry_vdw_refined       ?      ?      ? ?   'X-RAY DIFFRACTION' ? 
r_symmetry_vdw_other         ?      ?      ? ?   'X-RAY DIFFRACTION' ? 
r_symmetry_hbond_refined     ?      ?      ? ?   'X-RAY DIFFRACTION' ? 
r_symmetry_hbond_other       ?      ?      ? ?   'X-RAY DIFFRACTION' ? 
r_symmetry_metal_ion_refined ?      ?      ? ?   'X-RAY DIFFRACTION' ? 
r_symmetry_metal_ion_other   ?      ?      ? ?   'X-RAY DIFFRACTION' ? 
r_mcbond_it                  1.118  1.500  ? 438 'X-RAY DIFFRACTION' ? 
r_mcbond_other               ?      ?      ? ?   'X-RAY DIFFRACTION' ? 
r_mcangle_it                 2.368  2.000  ? 675 'X-RAY DIFFRACTION' ? 
r_mcangle_other              ?      ?      ? ?   'X-RAY DIFFRACTION' ? 
r_scbond_it                  4.114  3.000  ? 267 'X-RAY DIFFRACTION' ? 
r_scbond_other               ?      ?      ? ?   'X-RAY DIFFRACTION' ? 
r_scangle_it                 6.194  4.500  ? 261 'X-RAY DIFFRACTION' ? 
r_scangle_other              ?      ?      ? ?   'X-RAY DIFFRACTION' ? 
r_long_range_B_refined       ?      ?      ? ?   'X-RAY DIFFRACTION' ? 
r_long_range_B_other         ?      ?      ? ?   'X-RAY DIFFRACTION' ? 
r_rigid_bond_restr           ?      ?      ? ?   'X-RAY DIFFRACTION' ? 
r_sphericity_free            ?      ?      ? ?   'X-RAY DIFFRACTION' ? 
r_sphericity_bonded          ?      ?      ? ?   'X-RAY DIFFRACTION' ? 
# 
_refine_ls_shell.pdbx_refine_id                   'X-RAY DIFFRACTION' 
_refine_ls_shell.pdbx_total_number_of_bins_used   20 
_refine_ls_shell.d_res_high                       2.150 
_refine_ls_shell.d_res_low                        2.206 
_refine_ls_shell.number_reflns_R_work             455 
_refine_ls_shell.R_factor_R_work                  0.202 
_refine_ls_shell.percent_reflns_obs               82.25 
_refine_ls_shell.R_factor_R_free                  0.275 
_refine_ls_shell.R_factor_R_free_error            ? 
_refine_ls_shell.percent_reflns_R_free            ? 
_refine_ls_shell.number_reflns_R_free             27 
_refine_ls_shell.number_reflns_all                ? 
_refine_ls_shell.R_factor_all                     ? 
# 
_struct.entry_id                  2X6P 
_struct.title                     'Crystal Structure of Coil Ser L19C' 
_struct.pdbx_model_details        ? 
_struct.pdbx_CASP_flag            ? 
_struct.pdbx_model_type_details   ? 
# 
_struct_keywords.entry_id        2X6P 
_struct_keywords.pdbx_keywords   'DE NOVO PROTEIN' 
_struct_keywords.text            'THREE STRANDED COILED COIL, APO, DE NOVO DESIGN, DE NOVO PROTEIN' 
# 
loop_
_struct_asym.id 
_struct_asym.pdbx_blank_PDB_chainid_flag 
_struct_asym.pdbx_modified 
_struct_asym.entity_id 
_struct_asym.details 
A N N 1 ? 
B N N 1 ? 
C N N 1 ? 
D N N 2 ? 
E N N 2 ? 
F N N 2 ? 
G N N 2 ? 
H N N 2 ? 
I N N 2 ? 
J N N 3 ? 
K N N 3 ? 
L N N 3 ? 
# 
_struct_ref.id                         1 
_struct_ref.db_name                    PDB 
_struct_ref.db_code                    2X6P 
_struct_ref.entity_id                  1 
_struct_ref.pdbx_seq_one_letter_code   ? 
_struct_ref.pdbx_align_begin           ? 
_struct_ref.pdbx_db_accession          2X6P 
_struct_ref.pdbx_db_isoform            ? 
# 
loop_
_struct_ref_seq.align_id 
_struct_ref_seq.ref_id 
_struct_ref_seq.pdbx_PDB_id_code 
_struct_ref_seq.pdbx_strand_id 
_struct_ref_seq.seq_align_beg 
_struct_ref_seq.pdbx_seq_align_beg_ins_code 
_struct_ref_seq.seq_align_end 
_struct_ref_seq.pdbx_seq_align_end_ins_code 
_struct_ref_seq.pdbx_db_accession 
_struct_ref_seq.db_align_beg 
_struct_ref_seq.pdbx_db_align_beg_ins_code 
_struct_ref_seq.db_align_end 
_struct_ref_seq.pdbx_db_align_end_ins_code 
_struct_ref_seq.pdbx_auth_seq_align_beg 
_struct_ref_seq.pdbx_auth_seq_align_end 
1 1 2X6P C 1 ? 30 ? 2X6P 0 ? 29 ? 0 29 
2 1 2X6P B 1 ? 30 ? 2X6P 0 ? 29 ? 0 29 
3 1 2X6P A 1 ? 30 ? 2X6P 0 ? 29 ? 0 29 
# 
_pdbx_struct_assembly.id                   1 
_pdbx_struct_assembly.details              author_and_software_defined_assembly 
_pdbx_struct_assembly.method_details       PISA 
_pdbx_struct_assembly.oligomeric_details   trimeric 
_pdbx_struct_assembly.oligomeric_count     3 
# 
loop_
_pdbx_struct_assembly_prop.biol_id 
_pdbx_struct_assembly_prop.type 
_pdbx_struct_assembly_prop.value 
_pdbx_struct_assembly_prop.details 
1 'ABSA (A^2)' 4510   ? 
1 MORE         -181.0 ? 
1 'SSA (A^2)'  5820   ? 
# 
_pdbx_struct_assembly_gen.assembly_id       1 
_pdbx_struct_assembly_gen.oper_expression   1 
_pdbx_struct_assembly_gen.asym_id_list      A,B,C,D,E,F,G,H,I,J,K,L 
# 
_pdbx_struct_oper_list.id                   1 
_pdbx_struct_oper_list.type                 'identity operation' 
_pdbx_struct_oper_list.name                 1_555 
_pdbx_struct_oper_list.symmetry_operation   x,y,z 
_pdbx_struct_oper_list.matrix[1][1]         1.0000000000 
_pdbx_struct_oper_list.matrix[1][2]         0.0000000000 
_pdbx_struct_oper_list.matrix[1][3]         0.0000000000 
_pdbx_struct_oper_list.vector[1]            0.0000000000 
_pdbx_struct_oper_list.matrix[2][1]         0.0000000000 
_pdbx_struct_oper_list.matrix[2][2]         1.0000000000 
_pdbx_struct_oper_list.matrix[2][3]         0.0000000000 
_pdbx_struct_oper_list.vector[2]            0.0000000000 
_pdbx_struct_oper_list.matrix[3][1]         0.0000000000 
_pdbx_struct_oper_list.matrix[3][2]         0.0000000000 
_pdbx_struct_oper_list.matrix[3][3]         1.0000000000 
_pdbx_struct_oper_list.vector[3]            0.0000000000 
# 
_struct_biol.id   1 
# 
loop_
_struct_conf.conf_type_id 
_struct_conf.id 
_struct_conf.pdbx_PDB_helix_id 
_struct_conf.beg_label_comp_id 
_struct_conf.beg_label_asym_id 
_struct_conf.beg_label_seq_id 
_struct_conf.pdbx_beg_PDB_ins_code 
_struct_conf.end_label_comp_id 
_struct_conf.end_label_asym_id 
_struct_conf.end_label_seq_id 
_struct_conf.pdbx_end_PDB_ins_code 
_struct_conf.beg_auth_comp_id 
_struct_conf.beg_auth_asym_id 
_struct_conf.beg_auth_seq_id 
_struct_conf.end_auth_comp_id 
_struct_conf.end_auth_asym_id 
_struct_conf.end_auth_seq_id 
_struct_conf.pdbx_PDB_helix_class 
_struct_conf.details 
_struct_conf.pdbx_PDB_helix_length 
HELX_P HELX_P1 1 GLU A 2 ? GLY A 30 ? GLU A 1 GLY A 29 1 ? 29 
HELX_P HELX_P2 2 GLU B 2 ? HIS B 29 ? GLU B 1 HIS B 28 1 ? 28 
HELX_P HELX_P3 3 GLU C 2 ? HIS C 29 ? GLU C 1 HIS C 28 1 ? 28 
# 
_struct_conf_type.id          HELX_P 
_struct_conf_type.criteria    ? 
_struct_conf_type.reference   ? 
# 
loop_
_struct_conn.id 
_struct_conn.conn_type_id 
_struct_conn.pdbx_leaving_atom_flag 
_struct_conn.pdbx_PDB_id 
_struct_conn.ptnr1_label_asym_id 
_struct_conn.ptnr1_label_comp_id 
_struct_conn.ptnr1_label_seq_id 
_struct_conn.ptnr1_label_atom_id 
_struct_conn.pdbx_ptnr1_label_alt_id 
_struct_conn.pdbx_ptnr1_PDB_ins_code 
_struct_conn.pdbx_ptnr1_standard_comp_id 
_struct_conn.ptnr1_symmetry 
_struct_conn.ptnr2_label_asym_id 
_struct_conn.ptnr2_label_comp_id 
_struct_conn.ptnr2_label_seq_id 
_struct_conn.ptnr2_label_atom_id 
_struct_conn.pdbx_ptnr2_label_alt_id 
_struct_conn.pdbx_ptnr2_PDB_ins_code 
_struct_conn.ptnr1_auth_asym_id 
_struct_conn.ptnr1_auth_comp_id 
_struct_conn.ptnr1_auth_seq_id 
_struct_conn.ptnr2_auth_asym_id 
_struct_conn.ptnr2_auth_comp_id 
_struct_conn.ptnr2_auth_seq_id 
_struct_conn.ptnr2_symmetry 
_struct_conn.pdbx_ptnr3_label_atom_id 
_struct_conn.pdbx_ptnr3_label_seq_id 
_struct_conn.pdbx_ptnr3_label_comp_id 
_struct_conn.pdbx_ptnr3_label_asym_id 
_struct_conn.pdbx_ptnr3_label_alt_id 
_struct_conn.pdbx_ptnr3_PDB_ins_code 
_struct_conn.details 
_struct_conn.pdbx_dist_value 
_struct_conn.pdbx_value_order 
_struct_conn.pdbx_role 
covale1  covale both ? A ACE 1  C   ? ? ? 1_555 A GLU 2 N   ? ? A ACE 0    A GLU 1    1_555 ? ? ? ? ? ? ? 1.323 ? ? 
covale2  covale both ? B ACE 1  C   ? ? ? 1_555 B GLU 2 N   ? ? B ACE 0    B GLU 1    1_555 ? ? ? ? ? ? ? 1.340 ? ? 
covale3  covale both ? C ACE 1  C   ? ? ? 1_555 C GLU 2 N   ? ? C ACE 0    C GLU 1    1_555 ? ? ? ? ? ? ? 1.354 ? ? 
metalc1  metalc ?    ? A GLU 2  OE1 ? ? ? 1_555 D ZN  . ZN  ? ? A GLU 1    B ZN  1030 1_555 ? ? ? ? ? ? ? 2.266 ? ? 
metalc2  metalc ?    ? A GLU 2  OE2 ? ? ? 1_555 D ZN  . ZN  ? ? A GLU 1    B ZN  1030 1_555 ? ? ? ? ? ? ? 2.604 ? ? 
metalc3  metalc ?    ? A GLU 4  OE2 ? ? ? 5_564 I ZN  . ZN  ? ? A GLU 3    C ZN  1031 1_555 ? ? ? ? ? ? ? 1.886 ? ? 
metalc4  metalc ?    ? A GLU 7  OE2 ? ? ? 1_555 H ZN  . ZN  ? ? A GLU 6    C ZN  1030 6_655 ? ? ? ? ? ? ? 1.825 ? ? 
metalc5  metalc ?    ? A GLU 7  OE2 ? ? ? 5_564 H ZN  . ZN  ? ? A GLU 6    C ZN  1030 1_555 ? ? ? ? ? ? ? 1.825 ? ? 
metalc6  metalc ?    ? A GLU 25 OE1 ? ? ? 1_655 D ZN  . ZN  ? ? A GLU 24   B ZN  1030 1_555 ? ? ? ? ? ? ? 2.437 ? ? 
metalc7  metalc ?    ? A GLU 28 OE2 ? ? ? 1_655 E ZN  . ZN  ? ? A GLU 27   B ZN  1031 1_555 ? ? ? ? ? ? ? 2.017 ? ? 
metalc8  metalc ?    ? A HIS 29 NE2 ? ? ? 1_655 D ZN  . ZN  ? ? A HIS 28   B ZN  1030 1_555 ? ? ? ? ? ? ? 2.260 ? ? 
metalc9  metalc ?    ? B GLU 2  OE2 ? ? ? 1_565 G ZN  . ZN  ? ? B GLU 1    B ZN  1033 1_555 ? ? ? ? ? ? ? 2.039 ? ? 
metalc10 metalc ?    ? B GLU 4  OE1 ? ? ? 1_555 E ZN  . ZN  ? ? B GLU 3    B ZN  1031 1_555 ? ? ? ? ? ? ? 2.390 ? ? 
metalc11 metalc ?    ? B GLU 7  OE2 ? ? ? 1_555 D ZN  . ZN  ? ? B GLU 6    B ZN  1030 1_555 ? ? ? ? ? ? ? 1.936 ? ? 
metalc12 metalc ?    ? B GLU 7  OE1 ? ? ? 1_555 E ZN  . ZN  ? ? B GLU 6    B ZN  1031 1_555 ? ? ? ? ? ? ? 2.110 ? ? 
metalc13 metalc ?    ? B GLU 25 OE2 ? ? ? 1_555 F ZN  . ZN  ? ? B GLU 24   B ZN  1032 1_555 ? ? ? ? ? ? ? 2.109 ? ? 
metalc14 metalc ?    ? B GLU 25 OE2 ? ? ? 1_555 G ZN  . ZN  ? ? B GLU 24   B ZN  1033 1_555 ? ? ? ? ? ? ? 2.278 ? ? 
metalc15 metalc ?    ? B GLU 28 OE1 ? ? ? 1_555 F ZN  . ZN  ? ? B GLU 27   B ZN  1032 1_555 ? ? ? ? ? ? ? 2.180 ? ? 
metalc16 metalc ?    ? B HIS 29 NE2 ? ? ? 1_555 G ZN  . ZN  ? ? B HIS 28   B ZN  1033 1_555 ? ? ? ? ? ? ? 1.993 ? ? 
metalc17 metalc ?    ? F ZN  .  ZN  ? ? ? 1_555 C GLU 4 OE2 ? ? B ZN  1032 C GLU 3    1_565 ? ? ? ? ? ? ? 2.582 ? ? 
metalc18 metalc ?    ? F ZN  .  ZN  ? ? ? 1_555 C GLU 4 OE1 ? ? B ZN  1032 C GLU 3    1_565 ? ? ? ? ? ? ? 2.275 ? ? 
metalc19 metalc ?    ? F ZN  .  ZN  ? ? ? 1_555 C GLU 7 OE1 ? ? B ZN  1032 C GLU 6    1_565 ? ? ? ? ? ? ? 2.390 ? ? 
metalc20 metalc ?    ? G ZN  .  ZN  ? ? ? 1_555 C GLU 7 OE2 ? ? B ZN  1033 C GLU 6    1_565 ? ? ? ? ? ? ? 2.069 ? ? 
metalc21 metalc ?    ? C GLU 2  OE2 ? ? ? 1_555 H ZN  . ZN  ? ? C GLU 1    C ZN  1030 6_655 ? ? ? ? ? ? ? 1.813 ? ? 
metalc22 metalc ?    ? C GLU 2  OE2 ? ? ? 5_564 H ZN  . ZN  ? ? C GLU 1    C ZN  1030 1_555 ? ? ? ? ? ? ? 1.813 ? ? 
metalc23 metalc ?    ? C GLU 2  OE1 ? ? ? 5_564 H ZN  . ZN  ? ? C GLU 1    C ZN  1030 1_555 ? ? ? ? ? ? ? 2.634 ? ? 
metalc24 metalc ?    ? C GLU 25 OE1 ? ? ? 1_555 I ZN  . ZN  ? ? C GLU 24   C ZN  1031 1_555 ? ? ? ? ? ? ? 1.834 ? ? 
metalc25 metalc ?    ? C GLU 28 OE1 ? ? ? 1_555 I ZN  . ZN  ? ? C GLU 27   C ZN  1031 1_555 ? ? ? ? ? ? ? 1.802 ? ? 
metalc26 metalc ?    ? C HIS 29 ND1 ? ? ? 1_555 H ZN  . ZN  ? ? C HIS 28   C ZN  1030 1_555 ? ? ? ? ? ? ? 1.980 ? ? 
metalc27 metalc ?    ? I ZN  .  ZN  ? ? ? 1_555 L HOH . O   ? ? C ZN  1031 C HOH 2006 1_555 ? ? ? ? ? ? ? 1.815 ? ? 
# 
loop_
_struct_conn_type.id 
_struct_conn_type.criteria 
_struct_conn_type.reference 
covale ? ? 
metalc ? ? 
# 
loop_
_pdbx_struct_conn_angle.id 
_pdbx_struct_conn_angle.ptnr1_label_atom_id 
_pdbx_struct_conn_angle.ptnr1_label_alt_id 
_pdbx_struct_conn_angle.ptnr1_label_asym_id 
_pdbx_struct_conn_angle.ptnr1_label_comp_id 
_pdbx_struct_conn_angle.ptnr1_label_seq_id 
_pdbx_struct_conn_angle.ptnr1_auth_atom_id 
_pdbx_struct_conn_angle.ptnr1_auth_asym_id 
_pdbx_struct_conn_angle.ptnr1_auth_comp_id 
_pdbx_struct_conn_angle.ptnr1_auth_seq_id 
_pdbx_struct_conn_angle.ptnr1_PDB_ins_code 
_pdbx_struct_conn_angle.ptnr1_symmetry 
_pdbx_struct_conn_angle.ptnr2_label_atom_id 
_pdbx_struct_conn_angle.ptnr2_label_alt_id 
_pdbx_struct_conn_angle.ptnr2_label_asym_id 
_pdbx_struct_conn_angle.ptnr2_label_comp_id 
_pdbx_struct_conn_angle.ptnr2_label_seq_id 
_pdbx_struct_conn_angle.ptnr2_auth_atom_id 
_pdbx_struct_conn_angle.ptnr2_auth_asym_id 
_pdbx_struct_conn_angle.ptnr2_auth_comp_id 
_pdbx_struct_conn_angle.ptnr2_auth_seq_id 
_pdbx_struct_conn_angle.ptnr2_PDB_ins_code 
_pdbx_struct_conn_angle.ptnr2_symmetry 
_pdbx_struct_conn_angle.ptnr3_label_atom_id 
_pdbx_struct_conn_angle.ptnr3_label_alt_id 
_pdbx_struct_conn_angle.ptnr3_label_asym_id 
_pdbx_struct_conn_angle.ptnr3_label_comp_id 
_pdbx_struct_conn_angle.ptnr3_label_seq_id 
_pdbx_struct_conn_angle.ptnr3_auth_atom_id 
_pdbx_struct_conn_angle.ptnr3_auth_asym_id 
_pdbx_struct_conn_angle.ptnr3_auth_comp_id 
_pdbx_struct_conn_angle.ptnr3_auth_seq_id 
_pdbx_struct_conn_angle.ptnr3_PDB_ins_code 
_pdbx_struct_conn_angle.ptnr3_symmetry 
_pdbx_struct_conn_angle.value 
_pdbx_struct_conn_angle.value_esd 
1  OE1 ? A GLU 2  ? A GLU 1  ? 1_555 ZN ? D ZN . ? B ZN 1030 ? 1_555 OE2 ? A GLU 2  ? A GLU 1    ? 1_555 53.8  ? 
2  OE1 ? A GLU 2  ? A GLU 1  ? 1_555 ZN ? D ZN . ? B ZN 1030 ? 1_555 OE1 ? A GLU 25 ? A GLU 24   ? 1_655 59.8  ? 
3  OE2 ? A GLU 2  ? A GLU 1  ? 1_555 ZN ? D ZN . ? B ZN 1030 ? 1_555 OE1 ? A GLU 25 ? A GLU 24   ? 1_655 92.6  ? 
4  OE1 ? A GLU 2  ? A GLU 1  ? 1_555 ZN ? D ZN . ? B ZN 1030 ? 1_555 NE2 ? A HIS 29 ? A HIS 28   ? 1_655 84.7  ? 
5  OE2 ? A GLU 2  ? A GLU 1  ? 1_555 ZN ? D ZN . ? B ZN 1030 ? 1_555 NE2 ? A HIS 29 ? A HIS 28   ? 1_655 135.1 ? 
6  OE1 ? A GLU 25 ? A GLU 24 ? 1_655 ZN ? D ZN . ? B ZN 1030 ? 1_555 NE2 ? A HIS 29 ? A HIS 28   ? 1_655 78.0  ? 
7  OE1 ? A GLU 2  ? A GLU 1  ? 1_555 ZN ? D ZN . ? B ZN 1030 ? 1_555 OE2 ? B GLU 7  ? B GLU 6    ? 1_555 138.6 ? 
8  OE2 ? A GLU 2  ? A GLU 1  ? 1_555 ZN ? D ZN . ? B ZN 1030 ? 1_555 OE2 ? B GLU 7  ? B GLU 6    ? 1_555 97.6  ? 
9  OE1 ? A GLU 25 ? A GLU 24 ? 1_655 ZN ? D ZN . ? B ZN 1030 ? 1_555 OE2 ? B GLU 7  ? B GLU 6    ? 1_555 161.0 ? 
10 NE2 ? A HIS 29 ? A HIS 28 ? 1_655 ZN ? D ZN . ? B ZN 1030 ? 1_555 OE2 ? B GLU 7  ? B GLU 6    ? 1_555 105.3 ? 
11 OE2 ? A GLU 4  ? A GLU 3  ? 5_564 ZN ? I ZN . ? C ZN 1031 ? 1_555 OE1 ? C GLU 25 ? C GLU 24   ? 1_555 120.8 ? 
12 OE2 ? A GLU 4  ? A GLU 3  ? 5_564 ZN ? I ZN . ? C ZN 1031 ? 1_555 OE1 ? C GLU 28 ? C GLU 27   ? 1_555 99.7  ? 
13 OE1 ? C GLU 25 ? C GLU 24 ? 1_555 ZN ? I ZN . ? C ZN 1031 ? 1_555 OE1 ? C GLU 28 ? C GLU 27   ? 1_555 100.3 ? 
14 OE2 ? A GLU 4  ? A GLU 3  ? 5_564 ZN ? I ZN . ? C ZN 1031 ? 1_555 O   ? L HOH .  ? C HOH 2006 ? 1_555 106.2 ? 
15 OE1 ? C GLU 25 ? C GLU 24 ? 1_555 ZN ? I ZN . ? C ZN 1031 ? 1_555 O   ? L HOH .  ? C HOH 2006 ? 1_555 115.8 ? 
16 OE1 ? C GLU 28 ? C GLU 27 ? 1_555 ZN ? I ZN . ? C ZN 1031 ? 1_555 O   ? L HOH .  ? C HOH 2006 ? 1_555 112.7 ? 
17 OE2 ? A GLU 7  ? A GLU 6  ? 1_555 ZN ? H ZN . ? C ZN 1030 ? 6_655 OE2 ? A GLU 7  ? A GLU 6    ? 5_564 19.4  ? 
18 OE2 ? A GLU 7  ? A GLU 6  ? 1_555 ZN ? H ZN . ? C ZN 1030 ? 6_655 OE2 ? C GLU 2  ? C GLU 1    ? 1_555 106.8 ? 
19 OE2 ? A GLU 7  ? A GLU 6  ? 5_564 ZN ? H ZN . ? C ZN 1030 ? 6_655 OE2 ? C GLU 2  ? C GLU 1    ? 1_555 91.4  ? 
20 OE2 ? A GLU 7  ? A GLU 6  ? 1_555 ZN ? H ZN . ? C ZN 1030 ? 6_655 OE2 ? C GLU 2  ? C GLU 1    ? 5_564 23.2  ? 
21 OE2 ? A GLU 7  ? A GLU 6  ? 5_564 ZN ? H ZN . ? C ZN 1030 ? 6_655 OE2 ? C GLU 2  ? C GLU 1    ? 5_564 3.8   ? 
22 OE2 ? C GLU 2  ? C GLU 1  ? 1_555 ZN ? H ZN . ? C ZN 1030 ? 6_655 OE2 ? C GLU 2  ? C GLU 1    ? 5_564 88.9  ? 
23 OE2 ? A GLU 7  ? A GLU 6  ? 1_555 ZN ? H ZN . ? C ZN 1030 ? 6_655 OE1 ? C GLU 2  ? C GLU 1    ? 5_564 23.4  ? 
24 OE2 ? A GLU 7  ? A GLU 6  ? 5_564 ZN ? H ZN . ? C ZN 1030 ? 6_655 OE1 ? C GLU 2  ? C GLU 1    ? 5_564 4.3   ? 
25 OE2 ? C GLU 2  ? C GLU 1  ? 1_555 ZN ? H ZN . ? C ZN 1030 ? 6_655 OE1 ? C GLU 2  ? C GLU 1    ? 5_564 87.1  ? 
26 OE2 ? C GLU 2  ? C GLU 1  ? 5_564 ZN ? H ZN . ? C ZN 1030 ? 6_655 OE1 ? C GLU 2  ? C GLU 1    ? 5_564 2.9   ? 
27 OE2 ? A GLU 7  ? A GLU 6  ? 1_555 ZN ? H ZN . ? C ZN 1030 ? 6_655 ND1 ? C HIS 29 ? C HIS 28   ? 1_555 21.8  ? 
28 OE2 ? A GLU 7  ? A GLU 6  ? 5_564 ZN ? H ZN . ? C ZN 1030 ? 6_655 ND1 ? C HIS 29 ? C HIS 28   ? 1_555 2.4   ? 
29 OE2 ? C GLU 2  ? C GLU 1  ? 1_555 ZN ? H ZN . ? C ZN 1030 ? 6_655 ND1 ? C HIS 29 ? C HIS 28   ? 1_555 89.3  ? 
30 OE2 ? C GLU 2  ? C GLU 1  ? 5_564 ZN ? H ZN . ? C ZN 1030 ? 6_655 ND1 ? C HIS 29 ? C HIS 28   ? 1_555 1.9   ? 
31 OE1 ? C GLU 2  ? C GLU 1  ? 5_564 ZN ? H ZN . ? C ZN 1030 ? 6_655 ND1 ? C HIS 29 ? C HIS 28   ? 1_555 2.2   ? 
32 OE2 ? A GLU 28 ? A GLU 27 ? 1_655 ZN ? E ZN . ? B ZN 1031 ? 1_555 OE1 ? B GLU 4  ? B GLU 3    ? 1_555 134.1 ? 
33 OE2 ? A GLU 28 ? A GLU 27 ? 1_655 ZN ? E ZN . ? B ZN 1031 ? 1_555 OE1 ? B GLU 7  ? B GLU 6    ? 1_555 91.4  ? 
34 OE1 ? B GLU 4  ? B GLU 3  ? 1_555 ZN ? E ZN . ? B ZN 1031 ? 1_555 OE1 ? B GLU 7  ? B GLU 6    ? 1_555 84.3  ? 
35 OE2 ? B GLU 2  ? B GLU 1  ? 1_565 ZN ? G ZN . ? B ZN 1033 ? 1_555 OE2 ? B GLU 25 ? B GLU 24   ? 1_555 100.8 ? 
36 OE2 ? B GLU 2  ? B GLU 1  ? 1_565 ZN ? G ZN . ? B ZN 1033 ? 1_555 NE2 ? B HIS 29 ? B HIS 28   ? 1_555 143.7 ? 
37 OE2 ? B GLU 25 ? B GLU 24 ? 1_555 ZN ? G ZN . ? B ZN 1033 ? 1_555 NE2 ? B HIS 29 ? B HIS 28   ? 1_555 105.4 ? 
38 OE2 ? B GLU 2  ? B GLU 1  ? 1_565 ZN ? G ZN . ? B ZN 1033 ? 1_555 OE2 ? C GLU 7  ? C GLU 6    ? 1_565 82.9  ? 
39 OE2 ? B GLU 25 ? B GLU 24 ? 1_555 ZN ? G ZN . ? B ZN 1033 ? 1_555 OE2 ? C GLU 7  ? C GLU 6    ? 1_565 114.0 ? 
40 NE2 ? B HIS 29 ? B HIS 28 ? 1_555 ZN ? G ZN . ? B ZN 1033 ? 1_555 OE2 ? C GLU 7  ? C GLU 6    ? 1_565 108.2 ? 
41 OE2 ? B GLU 25 ? B GLU 24 ? 1_555 ZN ? F ZN . ? B ZN 1032 ? 1_555 OE1 ? B GLU 28 ? B GLU 27   ? 1_555 139.0 ? 
42 OE2 ? B GLU 25 ? B GLU 24 ? 1_555 ZN ? F ZN . ? B ZN 1032 ? 1_555 OE2 ? C GLU 4  ? C GLU 3    ? 1_565 84.0  ? 
43 OE1 ? B GLU 28 ? B GLU 27 ? 1_555 ZN ? F ZN . ? B ZN 1032 ? 1_555 OE2 ? C GLU 4  ? C GLU 3    ? 1_565 133.8 ? 
44 OE2 ? B GLU 25 ? B GLU 24 ? 1_555 ZN ? F ZN . ? B ZN 1032 ? 1_555 OE1 ? C GLU 4  ? C GLU 3    ? 1_565 128.4 ? 
45 OE1 ? B GLU 28 ? B GLU 27 ? 1_555 ZN ? F ZN . ? B ZN 1032 ? 1_555 OE1 ? C GLU 4  ? C GLU 3    ? 1_565 80.9  ? 
46 OE2 ? C GLU 4  ? C GLU 3  ? 1_565 ZN ? F ZN . ? B ZN 1032 ? 1_555 OE1 ? C GLU 4  ? C GLU 3    ? 1_565 53.8  ? 
47 OE2 ? B GLU 25 ? B GLU 24 ? 1_555 ZN ? F ZN . ? B ZN 1032 ? 1_555 OE1 ? C GLU 7  ? C GLU 6    ? 1_565 87.1  ? 
48 OE1 ? B GLU 28 ? B GLU 27 ? 1_555 ZN ? F ZN . ? B ZN 1032 ? 1_555 OE1 ? C GLU 7  ? C GLU 6    ? 1_565 103.6 ? 
49 OE2 ? C GLU 4  ? C GLU 3  ? 1_565 ZN ? F ZN . ? B ZN 1032 ? 1_555 OE1 ? C GLU 7  ? C GLU 6    ? 1_565 92.4  ? 
50 OE1 ? C GLU 4  ? C GLU 3  ? 1_565 ZN ? F ZN . ? B ZN 1032 ? 1_555 OE1 ? C GLU 7  ? C GLU 6    ? 1_565 119.0 ? 
# 
loop_
_pdbx_modification_feature.ordinal 
_pdbx_modification_feature.label_comp_id 
_pdbx_modification_feature.label_asym_id 
_pdbx_modification_feature.label_seq_id 
_pdbx_modification_feature.label_alt_id 
_pdbx_modification_feature.modified_residue_label_comp_id 
_pdbx_modification_feature.modified_residue_label_asym_id 
_pdbx_modification_feature.modified_residue_label_seq_id 
_pdbx_modification_feature.modified_residue_label_alt_id 
_pdbx_modification_feature.auth_comp_id 
_pdbx_modification_feature.auth_asym_id 
_pdbx_modification_feature.auth_seq_id 
_pdbx_modification_feature.PDB_ins_code 
_pdbx_modification_feature.symmetry 
_pdbx_modification_feature.modified_residue_auth_comp_id 
_pdbx_modification_feature.modified_residue_auth_asym_id 
_pdbx_modification_feature.modified_residue_auth_seq_id 
_pdbx_modification_feature.modified_residue_PDB_ins_code 
_pdbx_modification_feature.modified_residue_symmetry 
_pdbx_modification_feature.comp_id_linking_atom 
_pdbx_modification_feature.modified_residue_id_linking_atom 
_pdbx_modification_feature.modified_residue_id 
_pdbx_modification_feature.ref_pcm_id 
_pdbx_modification_feature.ref_comp_id 
_pdbx_modification_feature.type 
_pdbx_modification_feature.category 
1 ACE A 1 ? GLU A 2 ? ACE A 0 ? 1_555 GLU A 1 ? 1_555 . . GLU 10 ACE None 'Terminal acetylation' 
2 ACE B 1 ? GLU B 2 ? ACE B 0 ? 1_555 GLU B 1 ? 1_555 . . GLU 10 ACE None 'Terminal acetylation' 
3 ACE C 1 ? GLU C 2 ? ACE C 0 ? 1_555 GLU C 1 ? 1_555 . . GLU 10 ACE None 'Terminal acetylation' 
# 
loop_
_struct_site.id 
_struct_site.pdbx_evidence_code 
_struct_site.pdbx_auth_asym_id 
_struct_site.pdbx_auth_comp_id 
_struct_site.pdbx_auth_seq_id 
_struct_site.pdbx_auth_ins_code 
_struct_site.pdbx_num_residues 
_struct_site.details 
AC1 Software C ZN 1030 ? 4 'BINDING SITE FOR RESIDUE ZN C 1030' 
AC2 Software C ZN 1031 ? 4 'BINDING SITE FOR RESIDUE ZN C 1031' 
AC3 Software B ZN 1030 ? 5 'BINDING SITE FOR RESIDUE ZN B 1030' 
AC4 Software B ZN 1031 ? 6 'BINDING SITE FOR RESIDUE ZN B 1031' 
AC5 Software B ZN 1032 ? 5 'BINDING SITE FOR RESIDUE ZN B 1032' 
AC6 Software B ZN 1033 ? 5 'BINDING SITE FOR RESIDUE ZN B 1033' 
# 
loop_
_struct_site_gen.id 
_struct_site_gen.site_id 
_struct_site_gen.pdbx_num_res 
_struct_site_gen.label_comp_id 
_struct_site_gen.label_asym_id 
_struct_site_gen.label_seq_id 
_struct_site_gen.pdbx_auth_ins_code 
_struct_site_gen.auth_comp_id 
_struct_site_gen.auth_asym_id 
_struct_site_gen.auth_seq_id 
_struct_site_gen.label_atom_id 
_struct_site_gen.label_alt_id 
_struct_site_gen.symmetry 
_struct_site_gen.details 
1  AC1 4 GLU A 7  ? GLU A 6    . ? 5_564 ? 
2  AC1 4 GLU C 2  ? GLU C 1    . ? 5_564 ? 
3  AC1 4 HIS C 29 ? HIS C 28   . ? 1_555 ? 
4  AC1 4 HOH L .  ? HOH C 2005 . ? 1_555 ? 
5  AC2 4 GLU A 4  ? GLU A 3    . ? 5_564 ? 
6  AC2 4 GLU C 25 ? GLU C 24   . ? 1_555 ? 
7  AC2 4 GLU C 28 ? GLU C 27   . ? 1_555 ? 
8  AC2 4 HOH L .  ? HOH C 2006 . ? 1_555 ? 
9  AC3 5 GLU A 2  ? GLU A 1    . ? 1_555 ? 
10 AC3 5 GLU A 25 ? GLU A 24   . ? 1_655 ? 
11 AC3 5 HIS A 29 ? HIS A 28   . ? 1_655 ? 
12 AC3 5 GLU B 7  ? GLU B 6    . ? 1_555 ? 
13 AC3 5 ZN  E .  ? ZN  B 1031 . ? 1_555 ? 
14 AC4 6 GLU A 25 ? GLU A 24   . ? 1_655 ? 
15 AC4 6 GLU A 28 ? GLU A 27   . ? 1_655 ? 
16 AC4 6 GLU B 4  ? GLU B 3    . ? 1_555 ? 
17 AC4 6 GLU B 7  ? GLU B 6    . ? 1_555 ? 
18 AC4 6 ZN  D .  ? ZN  B 1030 . ? 1_555 ? 
19 AC4 6 LYS C 23 ? LYS C 22   . ? 1_655 ? 
20 AC5 5 GLU B 25 ? GLU B 24   . ? 1_555 ? 
21 AC5 5 GLU B 28 ? GLU B 27   . ? 1_555 ? 
22 AC5 5 ZN  G .  ? ZN  B 1033 . ? 1_555 ? 
23 AC5 5 GLU C 4  ? GLU C 3    . ? 1_565 ? 
24 AC5 5 GLU C 7  ? GLU C 6    . ? 1_565 ? 
25 AC6 5 GLU B 2  ? GLU B 1    . ? 1_565 ? 
26 AC6 5 GLU B 25 ? GLU B 24   . ? 1_555 ? 
27 AC6 5 HIS B 29 ? HIS B 28   . ? 1_555 ? 
28 AC6 5 ZN  F .  ? ZN  B 1032 . ? 1_555 ? 
29 AC6 5 GLU C 7  ? GLU C 6    . ? 1_565 ? 
# 
_pdbx_entry_details.entry_id                   2X6P 
_pdbx_entry_details.compound_details           ? 
_pdbx_entry_details.source_details             ? 
_pdbx_entry_details.nonpolymer_details         ? 
_pdbx_entry_details.sequence_details           ? 
_pdbx_entry_details.has_ligand_of_interest     ? 
_pdbx_entry_details.has_protein_modification   Y 
# 
loop_
_pdbx_validate_close_contact.id 
_pdbx_validate_close_contact.PDB_model_num 
_pdbx_validate_close_contact.auth_atom_id_1 
_pdbx_validate_close_contact.auth_asym_id_1 
_pdbx_validate_close_contact.auth_comp_id_1 
_pdbx_validate_close_contact.auth_seq_id_1 
_pdbx_validate_close_contact.PDB_ins_code_1 
_pdbx_validate_close_contact.label_alt_id_1 
_pdbx_validate_close_contact.auth_atom_id_2 
_pdbx_validate_close_contact.auth_asym_id_2 
_pdbx_validate_close_contact.auth_comp_id_2 
_pdbx_validate_close_contact.auth_seq_id_2 
_pdbx_validate_close_contact.PDB_ins_code_2 
_pdbx_validate_close_contact.label_alt_id_2 
_pdbx_validate_close_contact.dist 
1 1 ZN  C ZN  1030 ? ? O  C HOH 2005 ? ? 1.39 
2 1 OE2 A GLU 24   ? ? NZ C LYS 22   ? ? 2.14 
# 
_pdbx_validate_symm_contact.id                1 
_pdbx_validate_symm_contact.PDB_model_num     1 
_pdbx_validate_symm_contact.auth_atom_id_1    OE2 
_pdbx_validate_symm_contact.auth_asym_id_1    A 
_pdbx_validate_symm_contact.auth_comp_id_1    GLU 
_pdbx_validate_symm_contact.auth_seq_id_1     6 
_pdbx_validate_symm_contact.PDB_ins_code_1    ? 
_pdbx_validate_symm_contact.label_alt_id_1    ? 
_pdbx_validate_symm_contact.site_symmetry_1   1_555 
_pdbx_validate_symm_contact.auth_atom_id_2    O 
_pdbx_validate_symm_contact.auth_asym_id_2    C 
_pdbx_validate_symm_contact.auth_comp_id_2    HOH 
_pdbx_validate_symm_contact.auth_seq_id_2     2005 
_pdbx_validate_symm_contact.PDB_ins_code_2    ? 
_pdbx_validate_symm_contact.label_alt_id_2    ? 
_pdbx_validate_symm_contact.site_symmetry_2   6_655 
_pdbx_validate_symm_contact.dist              2.18 
# 
_pdbx_validate_rmsd_bond.id                        1 
_pdbx_validate_rmsd_bond.PDB_model_num             1 
_pdbx_validate_rmsd_bond.auth_atom_id_1            CB 
_pdbx_validate_rmsd_bond.auth_asym_id_1            A 
_pdbx_validate_rmsd_bond.auth_comp_id_1            CYS 
_pdbx_validate_rmsd_bond.auth_seq_id_1             19 
_pdbx_validate_rmsd_bond.PDB_ins_code_1            ? 
_pdbx_validate_rmsd_bond.label_alt_id_1            ? 
_pdbx_validate_rmsd_bond.auth_atom_id_2            SG 
_pdbx_validate_rmsd_bond.auth_asym_id_2            A 
_pdbx_validate_rmsd_bond.auth_comp_id_2            CYS 
_pdbx_validate_rmsd_bond.auth_seq_id_2             19 
_pdbx_validate_rmsd_bond.PDB_ins_code_2            ? 
_pdbx_validate_rmsd_bond.label_alt_id_2            ? 
_pdbx_validate_rmsd_bond.bond_value                1.683 
_pdbx_validate_rmsd_bond.bond_target_value         1.812 
_pdbx_validate_rmsd_bond.bond_deviation            -0.129 
_pdbx_validate_rmsd_bond.bond_standard_deviation   0.016 
_pdbx_validate_rmsd_bond.linker_flag               N 
# 
loop_
_pdbx_validate_rmsd_angle.id 
_pdbx_validate_rmsd_angle.PDB_model_num 
_pdbx_validate_rmsd_angle.auth_atom_id_1 
_pdbx_validate_rmsd_angle.auth_asym_id_1 
_pdbx_validate_rmsd_angle.auth_comp_id_1 
_pdbx_validate_rmsd_angle.auth_seq_id_1 
_pdbx_validate_rmsd_angle.PDB_ins_code_1 
_pdbx_validate_rmsd_angle.label_alt_id_1 
_pdbx_validate_rmsd_angle.auth_atom_id_2 
_pdbx_validate_rmsd_angle.auth_asym_id_2 
_pdbx_validate_rmsd_angle.auth_comp_id_2 
_pdbx_validate_rmsd_angle.auth_seq_id_2 
_pdbx_validate_rmsd_angle.PDB_ins_code_2 
_pdbx_validate_rmsd_angle.label_alt_id_2 
_pdbx_validate_rmsd_angle.auth_atom_id_3 
_pdbx_validate_rmsd_angle.auth_asym_id_3 
_pdbx_validate_rmsd_angle.auth_comp_id_3 
_pdbx_validate_rmsd_angle.auth_seq_id_3 
_pdbx_validate_rmsd_angle.PDB_ins_code_3 
_pdbx_validate_rmsd_angle.label_alt_id_3 
_pdbx_validate_rmsd_angle.angle_value 
_pdbx_validate_rmsd_angle.angle_target_value 
_pdbx_validate_rmsd_angle.angle_deviation 
_pdbx_validate_rmsd_angle.angle_standard_deviation 
_pdbx_validate_rmsd_angle.linker_flag 
1 1 CB A LEU 9  ? ? CG A LEU 9  ? ? CD2 A LEU 9  ? ? 94.57  111.00 -16.43 1.70 N 
2 1 CB B LEU 23 ? ? CG B LEU 23 ? ? CD2 B LEU 23 ? ? 100.16 111.00 -10.84 1.70 N 
3 1 CA C CYS 19 ? ? CB C CYS 19 ? ? SG  C CYS 19 ? ? 120.90 114.20 6.70   1.10 N 
# 
_pdbx_validate_torsion.id              1 
_pdbx_validate_torsion.PDB_model_num   1 
_pdbx_validate_torsion.auth_comp_id    HIS 
_pdbx_validate_torsion.auth_asym_id    A 
_pdbx_validate_torsion.auth_seq_id     28 
_pdbx_validate_torsion.PDB_ins_code    ? 
_pdbx_validate_torsion.label_alt_id    ? 
_pdbx_validate_torsion.phi             -104.17 
_pdbx_validate_torsion.psi             -156.66 
# 
loop_
_pdbx_refine_tls.pdbx_refine_id 
_pdbx_refine_tls.id 
_pdbx_refine_tls.details 
_pdbx_refine_tls.method 
_pdbx_refine_tls.origin_x 
_pdbx_refine_tls.origin_y 
_pdbx_refine_tls.origin_z 
_pdbx_refine_tls.T[1][1] 
_pdbx_refine_tls.T[2][2] 
_pdbx_refine_tls.T[3][3] 
_pdbx_refine_tls.T[1][2] 
_pdbx_refine_tls.T[1][3] 
_pdbx_refine_tls.T[2][3] 
_pdbx_refine_tls.L[1][1] 
_pdbx_refine_tls.L[2][2] 
_pdbx_refine_tls.L[3][3] 
_pdbx_refine_tls.L[1][2] 
_pdbx_refine_tls.L[1][3] 
_pdbx_refine_tls.L[2][3] 
_pdbx_refine_tls.S[1][1] 
_pdbx_refine_tls.S[1][2] 
_pdbx_refine_tls.S[1][3] 
_pdbx_refine_tls.S[2][1] 
_pdbx_refine_tls.S[2][2] 
_pdbx_refine_tls.S[2][3] 
_pdbx_refine_tls.S[3][1] 
_pdbx_refine_tls.S[3][2] 
_pdbx_refine_tls.S[3][3] 
'X-RAY DIFFRACTION' 1 ? refined 2.6115  -3.2263  -3.9844 0.0458 0.0684 0.0738 -0.0477 0.0688  -0.0120 2.4710  24.0312 2.4434  6.8600  -2.0184 -7.4723  -0.2083 0.0905  -0.1951 -0.4113 0.0984  -0.2192 0.1794  0.0947  0.1098  
'X-RAY DIFFRACTION' 2 ? refined 3.2251  1.1987   4.7988  0.0354 0.0917 0.0454 -0.0549 0.0340  -0.0240 3.1976  21.5106 3.3234  -4.2551 1.6796  -6.5788  -0.0849 -0.2104 -0.0344 0.1630  0.3024  -0.0525 -0.1239 -0.0754 -0.2177 
'X-RAY DIFFRACTION' 3 ? refined -4.4623 -13.7610 10.9676 0.0685 0.0582 0.0273 -0.0902 0.0526  0.0038  8.7053  16.9942 8.3594  -5.1106 0.0987  3.5528   0.1825  -0.3479 -0.1911 -0.0907 -0.2332 -0.1485 0.2943  0.3366  0.0506  
'X-RAY DIFFRACTION' 4 ? refined 2.3673  6.6670   4.6191  0.2677 0.1606 0.0822 0.0867  0.1215  0.0321  0.8728  6.8828  -0.9089 1.4062  1.1163  -0.0223  -0.3627 -0.1637 -0.0465 0.9964  0.3448  0.2780  -0.3050 -0.2381 0.0180  
'X-RAY DIFFRACTION' 5 ? refined 0.8726  2.0730   1.1729  0.0842 0.1018 0.2137 -0.0940 -0.1159 0.0031  1.5245  -2.3831 2.2436  1.1134  -1.1029 1.3231   -0.0125 -0.1457 -0.0530 0.0305  0.0891  -0.0204 -0.1977 -0.1502 -0.0766 
'X-RAY DIFFRACTION' 6 ? refined 2.6043  3.4864   4.8000  0.2890 0.2853 0.3009 -0.0304 -0.1870 -0.0376 -1.3693 6.0507  22.4021 4.2274  -6.8997 -10.5992 -0.0225 0.2578  0.3561  1.3761  0.3186  0.2439  -0.9578 -0.3451 -0.2961  
# 
loop_
_pdbx_refine_tls_group.pdbx_refine_id 
_pdbx_refine_tls_group.id 
_pdbx_refine_tls_group.refine_tls_id 
_pdbx_refine_tls_group.beg_auth_asym_id 
_pdbx_refine_tls_group.beg_auth_seq_id 
_pdbx_refine_tls_group.beg_label_asym_id 
_pdbx_refine_tls_group.beg_label_seq_id 
_pdbx_refine_tls_group.end_auth_asym_id 
_pdbx_refine_tls_group.end_auth_seq_id 
_pdbx_refine_tls_group.end_label_asym_id 
_pdbx_refine_tls_group.end_label_seq_id 
_pdbx_refine_tls_group.selection 
_pdbx_refine_tls_group.selection_details 
'X-RAY DIFFRACTION' 1  1 A 0    ? ? A 7    ? ? ? ? 
'X-RAY DIFFRACTION' 2  1 A 8    ? ? A 16   ? ? ? ? 
'X-RAY DIFFRACTION' 3  1 A 17   ? ? A 29   ? ? ? ? 
'X-RAY DIFFRACTION' 4  2 B 0    ? ? B 7    ? ? ? ? 
'X-RAY DIFFRACTION' 5  2 B 8    ? ? B 16   ? ? ? ? 
'X-RAY DIFFRACTION' 6  2 B 17   ? ? B 29   ? ? ? ? 
'X-RAY DIFFRACTION' 7  3 C 0    ? ? C 7    ? ? ? ? 
'X-RAY DIFFRACTION' 8  3 ? 8    ? ? ? 16   ? ? ? ? 
'X-RAY DIFFRACTION' 9  3 ? 17   ? ? ? 29   ? ? ? ? 
'X-RAY DIFFRACTION' 10 4 A 1030 ? ? A 1031 ? ? ? ? 
'X-RAY DIFFRACTION' 11 4 B 1030 ? ? B 1033 ? ? ? ? 
'X-RAY DIFFRACTION' 12 5 A 2001 ? ? A 2006 ? ? ? ? 
'X-RAY DIFFRACTION' 13 5 B 2001 ? ? B 2008 ? ? ? ? 
'X-RAY DIFFRACTION' 14 6 C 2001 ? ? C 2005 ? ? ? ? 
# 
loop_
_chem_comp_atom.comp_id 
_chem_comp_atom.atom_id 
_chem_comp_atom.type_symbol 
_chem_comp_atom.pdbx_aromatic_flag 
_chem_comp_atom.pdbx_stereo_config 
_chem_comp_atom.pdbx_ordinal 
ACE C    C  N N 1   
ACE O    O  N N 2   
ACE CH3  C  N N 3   
ACE H    H  N N 4   
ACE H1   H  N N 5   
ACE H2   H  N N 6   
ACE H3   H  N N 7   
ALA N    N  N N 8   
ALA CA   C  N S 9   
ALA C    C  N N 10  
ALA O    O  N N 11  
ALA CB   C  N N 12  
ALA OXT  O  N N 13  
ALA H    H  N N 14  
ALA H2   H  N N 15  
ALA HA   H  N N 16  
ALA HB1  H  N N 17  
ALA HB2  H  N N 18  
ALA HB3  H  N N 19  
ALA HXT  H  N N 20  
CYS N    N  N N 21  
CYS CA   C  N R 22  
CYS C    C  N N 23  
CYS O    O  N N 24  
CYS CB   C  N N 25  
CYS SG   S  N N 26  
CYS OXT  O  N N 27  
CYS H    H  N N 28  
CYS H2   H  N N 29  
CYS HA   H  N N 30  
CYS HB2  H  N N 31  
CYS HB3  H  N N 32  
CYS HG   H  N N 33  
CYS HXT  H  N N 34  
GLN N    N  N N 35  
GLN CA   C  N S 36  
GLN C    C  N N 37  
GLN O    O  N N 38  
GLN CB   C  N N 39  
GLN CG   C  N N 40  
GLN CD   C  N N 41  
GLN OE1  O  N N 42  
GLN NE2  N  N N 43  
GLN OXT  O  N N 44  
GLN H    H  N N 45  
GLN H2   H  N N 46  
GLN HA   H  N N 47  
GLN HB2  H  N N 48  
GLN HB3  H  N N 49  
GLN HG2  H  N N 50  
GLN HG3  H  N N 51  
GLN HE21 H  N N 52  
GLN HE22 H  N N 53  
GLN HXT  H  N N 54  
GLU N    N  N N 55  
GLU CA   C  N S 56  
GLU C    C  N N 57  
GLU O    O  N N 58  
GLU CB   C  N N 59  
GLU CG   C  N N 60  
GLU CD   C  N N 61  
GLU OE1  O  N N 62  
GLU OE2  O  N N 63  
GLU OXT  O  N N 64  
GLU H    H  N N 65  
GLU H2   H  N N 66  
GLU HA   H  N N 67  
GLU HB2  H  N N 68  
GLU HB3  H  N N 69  
GLU HG2  H  N N 70  
GLU HG3  H  N N 71  
GLU HE2  H  N N 72  
GLU HXT  H  N N 73  
GLY N    N  N N 74  
GLY CA   C  N N 75  
GLY C    C  N N 76  
GLY O    O  N N 77  
GLY OXT  O  N N 78  
GLY H    H  N N 79  
GLY H2   H  N N 80  
GLY HA2  H  N N 81  
GLY HA3  H  N N 82  
GLY HXT  H  N N 83  
HIS N    N  N N 84  
HIS CA   C  N S 85  
HIS C    C  N N 86  
HIS O    O  N N 87  
HIS CB   C  N N 88  
HIS CG   C  Y N 89  
HIS ND1  N  Y N 90  
HIS CD2  C  Y N 91  
HIS CE1  C  Y N 92  
HIS NE2  N  Y N 93  
HIS OXT  O  N N 94  
HIS H    H  N N 95  
HIS H2   H  N N 96  
HIS HA   H  N N 97  
HIS HB2  H  N N 98  
HIS HB3  H  N N 99  
HIS HD1  H  N N 100 
HIS HD2  H  N N 101 
HIS HE1  H  N N 102 
HIS HE2  H  N N 103 
HIS HXT  H  N N 104 
HOH O    O  N N 105 
HOH H1   H  N N 106 
HOH H2   H  N N 107 
LEU N    N  N N 108 
LEU CA   C  N S 109 
LEU C    C  N N 110 
LEU O    O  N N 111 
LEU CB   C  N N 112 
LEU CG   C  N N 113 
LEU CD1  C  N N 114 
LEU CD2  C  N N 115 
LEU OXT  O  N N 116 
LEU H    H  N N 117 
LEU H2   H  N N 118 
LEU HA   H  N N 119 
LEU HB2  H  N N 120 
LEU HB3  H  N N 121 
LEU HG   H  N N 122 
LEU HD11 H  N N 123 
LEU HD12 H  N N 124 
LEU HD13 H  N N 125 
LEU HD21 H  N N 126 
LEU HD22 H  N N 127 
LEU HD23 H  N N 128 
LEU HXT  H  N N 129 
LYS N    N  N N 130 
LYS CA   C  N S 131 
LYS C    C  N N 132 
LYS O    O  N N 133 
LYS CB   C  N N 134 
LYS CG   C  N N 135 
LYS CD   C  N N 136 
LYS CE   C  N N 137 
LYS NZ   N  N N 138 
LYS OXT  O  N N 139 
LYS H    H  N N 140 
LYS H2   H  N N 141 
LYS HA   H  N N 142 
LYS HB2  H  N N 143 
LYS HB3  H  N N 144 
LYS HG2  H  N N 145 
LYS HG3  H  N N 146 
LYS HD2  H  N N 147 
LYS HD3  H  N N 148 
LYS HE2  H  N N 149 
LYS HE3  H  N N 150 
LYS HZ1  H  N N 151 
LYS HZ2  H  N N 152 
LYS HZ3  H  N N 153 
LYS HXT  H  N N 154 
SER N    N  N N 155 
SER CA   C  N S 156 
SER C    C  N N 157 
SER O    O  N N 158 
SER CB   C  N N 159 
SER OG   O  N N 160 
SER OXT  O  N N 161 
SER H    H  N N 162 
SER H2   H  N N 163 
SER HA   H  N N 164 
SER HB2  H  N N 165 
SER HB3  H  N N 166 
SER HG   H  N N 167 
SER HXT  H  N N 168 
TRP N    N  N N 169 
TRP CA   C  N S 170 
TRP C    C  N N 171 
TRP O    O  N N 172 
TRP CB   C  N N 173 
TRP CG   C  Y N 174 
TRP CD1  C  Y N 175 
TRP CD2  C  Y N 176 
TRP NE1  N  Y N 177 
TRP CE2  C  Y N 178 
TRP CE3  C  Y N 179 
TRP CZ2  C  Y N 180 
TRP CZ3  C  Y N 181 
TRP CH2  C  Y N 182 
TRP OXT  O  N N 183 
TRP H    H  N N 184 
TRP H2   H  N N 185 
TRP HA   H  N N 186 
TRP HB2  H  N N 187 
TRP HB3  H  N N 188 
TRP HD1  H  N N 189 
TRP HE1  H  N N 190 
TRP HE3  H  N N 191 
TRP HZ2  H  N N 192 
TRP HZ3  H  N N 193 
TRP HH2  H  N N 194 
TRP HXT  H  N N 195 
ZN  ZN   ZN N N 196 
# 
loop_
_chem_comp_bond.comp_id 
_chem_comp_bond.atom_id_1 
_chem_comp_bond.atom_id_2 
_chem_comp_bond.value_order 
_chem_comp_bond.pdbx_aromatic_flag 
_chem_comp_bond.pdbx_stereo_config 
_chem_comp_bond.pdbx_ordinal 
ACE C   O    doub N N 1   
ACE C   CH3  sing N N 2   
ACE C   H    sing N N 3   
ACE CH3 H1   sing N N 4   
ACE CH3 H2   sing N N 5   
ACE CH3 H3   sing N N 6   
ALA N   CA   sing N N 7   
ALA N   H    sing N N 8   
ALA N   H2   sing N N 9   
ALA CA  C    sing N N 10  
ALA CA  CB   sing N N 11  
ALA CA  HA   sing N N 12  
ALA C   O    doub N N 13  
ALA C   OXT  sing N N 14  
ALA CB  HB1  sing N N 15  
ALA CB  HB2  sing N N 16  
ALA CB  HB3  sing N N 17  
ALA OXT HXT  sing N N 18  
CYS N   CA   sing N N 19  
CYS N   H    sing N N 20  
CYS N   H2   sing N N 21  
CYS CA  C    sing N N 22  
CYS CA  CB   sing N N 23  
CYS CA  HA   sing N N 24  
CYS C   O    doub N N 25  
CYS C   OXT  sing N N 26  
CYS CB  SG   sing N N 27  
CYS CB  HB2  sing N N 28  
CYS CB  HB3  sing N N 29  
CYS SG  HG   sing N N 30  
CYS OXT HXT  sing N N 31  
GLN N   CA   sing N N 32  
GLN N   H    sing N N 33  
GLN N   H2   sing N N 34  
GLN CA  C    sing N N 35  
GLN CA  CB   sing N N 36  
GLN CA  HA   sing N N 37  
GLN C   O    doub N N 38  
GLN C   OXT  sing N N 39  
GLN CB  CG   sing N N 40  
GLN CB  HB2  sing N N 41  
GLN CB  HB3  sing N N 42  
GLN CG  CD   sing N N 43  
GLN CG  HG2  sing N N 44  
GLN CG  HG3  sing N N 45  
GLN CD  OE1  doub N N 46  
GLN CD  NE2  sing N N 47  
GLN NE2 HE21 sing N N 48  
GLN NE2 HE22 sing N N 49  
GLN OXT HXT  sing N N 50  
GLU N   CA   sing N N 51  
GLU N   H    sing N N 52  
GLU N   H2   sing N N 53  
GLU CA  C    sing N N 54  
GLU CA  CB   sing N N 55  
GLU CA  HA   sing N N 56  
GLU C   O    doub N N 57  
GLU C   OXT  sing N N 58  
GLU CB  CG   sing N N 59  
GLU CB  HB2  sing N N 60  
GLU CB  HB3  sing N N 61  
GLU CG  CD   sing N N 62  
GLU CG  HG2  sing N N 63  
GLU CG  HG3  sing N N 64  
GLU CD  OE1  doub N N 65  
GLU CD  OE2  sing N N 66  
GLU OE2 HE2  sing N N 67  
GLU OXT HXT  sing N N 68  
GLY N   CA   sing N N 69  
GLY N   H    sing N N 70  
GLY N   H2   sing N N 71  
GLY CA  C    sing N N 72  
GLY CA  HA2  sing N N 73  
GLY CA  HA3  sing N N 74  
GLY C   O    doub N N 75  
GLY C   OXT  sing N N 76  
GLY OXT HXT  sing N N 77  
HIS N   CA   sing N N 78  
HIS N   H    sing N N 79  
HIS N   H2   sing N N 80  
HIS CA  C    sing N N 81  
HIS CA  CB   sing N N 82  
HIS CA  HA   sing N N 83  
HIS C   O    doub N N 84  
HIS C   OXT  sing N N 85  
HIS CB  CG   sing N N 86  
HIS CB  HB2  sing N N 87  
HIS CB  HB3  sing N N 88  
HIS CG  ND1  sing Y N 89  
HIS CG  CD2  doub Y N 90  
HIS ND1 CE1  doub Y N 91  
HIS ND1 HD1  sing N N 92  
HIS CD2 NE2  sing Y N 93  
HIS CD2 HD2  sing N N 94  
HIS CE1 NE2  sing Y N 95  
HIS CE1 HE1  sing N N 96  
HIS NE2 HE2  sing N N 97  
HIS OXT HXT  sing N N 98  
HOH O   H1   sing N N 99  
HOH O   H2   sing N N 100 
LEU N   CA   sing N N 101 
LEU N   H    sing N N 102 
LEU N   H2   sing N N 103 
LEU CA  C    sing N N 104 
LEU CA  CB   sing N N 105 
LEU CA  HA   sing N N 106 
LEU C   O    doub N N 107 
LEU C   OXT  sing N N 108 
LEU CB  CG   sing N N 109 
LEU CB  HB2  sing N N 110 
LEU CB  HB3  sing N N 111 
LEU CG  CD1  sing N N 112 
LEU CG  CD2  sing N N 113 
LEU CG  HG   sing N N 114 
LEU CD1 HD11 sing N N 115 
LEU CD1 HD12 sing N N 116 
LEU CD1 HD13 sing N N 117 
LEU CD2 HD21 sing N N 118 
LEU CD2 HD22 sing N N 119 
LEU CD2 HD23 sing N N 120 
LEU OXT HXT  sing N N 121 
LYS N   CA   sing N N 122 
LYS N   H    sing N N 123 
LYS N   H2   sing N N 124 
LYS CA  C    sing N N 125 
LYS CA  CB   sing N N 126 
LYS CA  HA   sing N N 127 
LYS C   O    doub N N 128 
LYS C   OXT  sing N N 129 
LYS CB  CG   sing N N 130 
LYS CB  HB2  sing N N 131 
LYS CB  HB3  sing N N 132 
LYS CG  CD   sing N N 133 
LYS CG  HG2  sing N N 134 
LYS CG  HG3  sing N N 135 
LYS CD  CE   sing N N 136 
LYS CD  HD2  sing N N 137 
LYS CD  HD3  sing N N 138 
LYS CE  NZ   sing N N 139 
LYS CE  HE2  sing N N 140 
LYS CE  HE3  sing N N 141 
LYS NZ  HZ1  sing N N 142 
LYS NZ  HZ2  sing N N 143 
LYS NZ  HZ3  sing N N 144 
LYS OXT HXT  sing N N 145 
SER N   CA   sing N N 146 
SER N   H    sing N N 147 
SER N   H2   sing N N 148 
SER CA  C    sing N N 149 
SER CA  CB   sing N N 150 
SER CA  HA   sing N N 151 
SER C   O    doub N N 152 
SER C   OXT  sing N N 153 
SER CB  OG   sing N N 154 
SER CB  HB2  sing N N 155 
SER CB  HB3  sing N N 156 
SER OG  HG   sing N N 157 
SER OXT HXT  sing N N 158 
TRP N   CA   sing N N 159 
TRP N   H    sing N N 160 
TRP N   H2   sing N N 161 
TRP CA  C    sing N N 162 
TRP CA  CB   sing N N 163 
TRP CA  HA   sing N N 164 
TRP C   O    doub N N 165 
TRP C   OXT  sing N N 166 
TRP CB  CG   sing N N 167 
TRP CB  HB2  sing N N 168 
TRP CB  HB3  sing N N 169 
TRP CG  CD1  doub Y N 170 
TRP CG  CD2  sing Y N 171 
TRP CD1 NE1  sing Y N 172 
TRP CD1 HD1  sing N N 173 
TRP CD2 CE2  doub Y N 174 
TRP CD2 CE3  sing Y N 175 
TRP NE1 CE2  sing Y N 176 
TRP NE1 HE1  sing N N 177 
TRP CE2 CZ2  sing Y N 178 
TRP CE3 CZ3  doub Y N 179 
TRP CE3 HE3  sing N N 180 
TRP CZ2 CH2  doub Y N 181 
TRP CZ2 HZ2  sing N N 182 
TRP CZ3 CH2  sing Y N 183 
TRP CZ3 HZ3  sing N N 184 
TRP CH2 HH2  sing N N 185 
TRP OXT HXT  sing N N 186 
# 
_pdbx_initial_refinement_model.id               1 
_pdbx_initial_refinement_model.entity_id_list   ? 
_pdbx_initial_refinement_model.type             'experimental model' 
_pdbx_initial_refinement_model.source_name      PDB 
_pdbx_initial_refinement_model.accession_code   1COI 
_pdbx_initial_refinement_model.details          'PDB ENTRY 1COI' 
# 
_atom_sites.entry_id                    2X6P 
_atom_sites.fract_transf_matrix[1][1]   0.00332186 
_atom_sites.fract_transf_matrix[1][2]   -0.00176278 
_atom_sites.fract_transf_matrix[1][3]   0.03008148 
_atom_sites.fract_transf_matrix[2][1]   -0.00734183 
_atom_sites.fract_transf_matrix[2][2]   0.02366085 
_atom_sites.fract_transf_matrix[2][3]   0.01747346 
_atom_sites.fract_transf_matrix[3][1]   -0.00521803 
_atom_sites.fract_transf_matrix[3][2]   -0.00195985 
_atom_sites.fract_transf_matrix[3][3]   0.00046137 
_atom_sites.fract_transf_vector[1]      0.315863 
_atom_sites.fract_transf_vector[2]      0.348231 
_atom_sites.fract_transf_vector[3]      -0.049607 
# 
loop_
_atom_type.symbol 
C  
N  
O  
S  
ZN 
# 
loop_
_atom_site.group_PDB 
_atom_site.id 
_atom_site.type_symbol 
_atom_site.label_atom_id 
_atom_site.label_alt_id 
_atom_site.label_comp_id 
_atom_site.label_asym_id 
_atom_site.label_entity_id 
_atom_site.label_seq_id 
_atom_site.pdbx_PDB_ins_code 
_atom_site.Cartn_x 
_atom_site.Cartn_y 
_atom_site.Cartn_z 
_atom_site.occupancy 
_atom_site.B_iso_or_equiv 
_atom_site.pdbx_formal_charge 
_atom_site.auth_seq_id 
_atom_site.auth_comp_id 
_atom_site.auth_asym_id 
_atom_site.auth_atom_id 
_atom_site.pdbx_PDB_model_num 
HETATM 1   C  C   . ACE A 1 1  ? -4.527  -14.588 16.313  1.00 40.45 ? 0    ACE A C   1 
HETATM 2   O  O   . ACE A 1 1  ? -5.117  -13.885 15.490  1.00 37.32 ? 0    ACE A O   1 
HETATM 3   C  CH3 . ACE A 1 1  ? -5.313  -15.594 17.116  1.00 43.08 ? 0    ACE A CH3 1 
ATOM   4   N  N   . GLU A 1 2  ? -3.292  -15.001 16.082  1.00 42.05 ? 1    GLU A N   1 
ATOM   5   C  CA  . GLU A 1 2  ? -2.274  -14.302 15.302  1.00 42.50 ? 1    GLU A CA  1 
ATOM   6   C  C   . GLU A 1 2  ? -2.411  -14.568 13.838  1.00 39.88 ? 1    GLU A C   1 
ATOM   7   O  O   . GLU A 1 2  ? -2.306  -13.643 13.049  1.00 39.54 ? 1    GLU A O   1 
ATOM   8   C  CB  . GLU A 1 2  ? -0.906  -14.806 15.683  1.00 46.77 ? 1    GLU A CB  1 
ATOM   9   C  CG  . GLU A 1 2  ? -0.260  -14.029 16.820  1.00 52.53 ? 1    GLU A CG  1 
ATOM   10  C  CD  . GLU A 1 2  ? 0.827   -13.157 16.316  1.00 50.40 ? 1    GLU A CD  1 
ATOM   11  O  OE1 . GLU A 1 2  ? 0.910   -12.016 16.815  1.00 52.87 ? 1    GLU A OE1 1 
ATOM   12  O  OE2 . GLU A 1 2  ? 1.552   -13.611 15.404  1.00 49.51 ? 1    GLU A OE2 1 
ATOM   13  N  N   . TRP A 1 3  ? -2.601  -15.817 13.457  1.00 38.42 ? 2    TRP A N   1 
ATOM   14  C  CA  . TRP A 1 3  ? -2.908  -16.064 12.070  1.00 37.31 ? 2    TRP A CA  1 
ATOM   15  C  C   . TRP A 1 3  ? -4.029  -15.191 11.523  1.00 35.59 ? 2    TRP A C   1 
ATOM   16  O  O   . TRP A 1 3  ? -3.816  -14.529 10.536  1.00 34.46 ? 2    TRP A O   1 
ATOM   17  C  CB  . TRP A 1 3  ? -3.280  -17.489 11.827  1.00 38.57 ? 2    TRP A CB  1 
ATOM   18  C  CG  . TRP A 1 3  ? -3.326  -17.841 10.358  1.00 38.65 ? 2    TRP A CG  1 
ATOM   19  C  CD1 . TRP A 1 3  ? -4.383  -17.695 9.517   1.00 38.73 ? 2    TRP A CD1 1 
ATOM   20  C  CD2 . TRP A 1 3  ? -2.281  -18.432 9.584   1.00 42.00 ? 2    TRP A CD2 1 
ATOM   21  N  NE1 . TRP A 1 3  ? -4.071  -18.166 8.255   1.00 40.70 ? 2    TRP A NE1 1 
ATOM   22  C  CE2 . TRP A 1 3  ? -2.782  -18.604 8.265   1.00 40.63 ? 2    TRP A CE2 1 
ATOM   23  C  CE3 . TRP A 1 3  ? -0.970  -18.854 9.882   1.00 47.36 ? 2    TRP A CE3 1 
ATOM   24  C  CZ2 . TRP A 1 3  ? -2.053  -19.154 7.264   1.00 47.71 ? 2    TRP A CZ2 1 
ATOM   25  C  CZ3 . TRP A 1 3  ? -0.221  -19.420 8.869   1.00 53.78 ? 2    TRP A CZ3 1 
ATOM   26  C  CH2 . TRP A 1 3  ? -0.766  -19.563 7.560   1.00 55.55 ? 2    TRP A CH2 1 
ATOM   27  N  N   . GLU A 1 4  ? -5.192  -15.178 12.170  1.00 33.62 ? 3    GLU A N   1 
ATOM   28  C  CA  . GLU A 1 4  ? -6.321  -14.354 11.769  1.00 33.47 ? 3    GLU A CA  1 
ATOM   29  C  C   . GLU A 1 4  ? -6.187  -12.838 11.926  1.00 34.05 ? 3    GLU A C   1 
ATOM   30  O  O   . GLU A 1 4  ? -6.834  -12.104 11.168  1.00 34.62 ? 3    GLU A O   1 
ATOM   31  C  CB  . GLU A 1 4  ? -7.585  -14.775 12.497  1.00 34.60 ? 3    GLU A CB  1 
ATOM   32  C  CG  . GLU A 1 4  ? -8.061  -16.083 12.011  1.00 35.78 ? 3    GLU A CG  1 
ATOM   33  C  CD  . GLU A 1 4  ? -9.285  -16.630 12.751  1.00 35.66 ? 3    GLU A CD  1 
ATOM   34  O  OE1 . GLU A 1 4  ? -9.873  -15.997 13.627  1.00 37.20 ? 3    GLU A OE1 1 
ATOM   35  O  OE2 . GLU A 1 4  ? -9.690  -17.723 12.387  1.00 44.20 ? 3    GLU A OE2 1 
ATOM   36  N  N   . ALA A 1 5  ? -5.388  -12.371 12.896  1.00 34.10 ? 4    ALA A N   1 
ATOM   37  C  CA  . ALA A 1 5  ? -5.061  -10.960 12.965  1.00 34.86 ? 4    ALA A CA  1 
ATOM   38  C  C   . ALA A 1 5  ? -4.215  -10.564 11.750  1.00 34.49 ? 4    ALA A C   1 
ATOM   39  O  O   . ALA A 1 5  ? -4.472  -9.512  11.156  1.00 36.75 ? 4    ALA A O   1 
ATOM   40  C  CB  . ALA A 1 5  ? -4.351  -10.602 14.286  1.00 35.63 ? 4    ALA A CB  1 
ATOM   41  N  N   . LEU A 1 6  ? -3.257  -11.405 11.345  1.00 34.73 ? 5    LEU A N   1 
ATOM   42  C  CA  . LEU A 1 6  ? -2.452  -11.179 10.131  1.00 34.88 ? 5    LEU A CA  1 
ATOM   43  C  C   . LEU A 1 6  ? -3.336  -11.128 8.911   1.00 34.40 ? 5    LEU A C   1 
ATOM   44  O  O   . LEU A 1 6  ? -3.147  -10.290 8.020   1.00 35.50 ? 5    LEU A O   1 
ATOM   45  C  CB  . LEU A 1 6  ? -1.493  -12.322 9.882   1.00 36.69 ? 5    LEU A CB  1 
ATOM   46  C  CG  . LEU A 1 6  ? -0.528  -12.015 8.734   1.00 42.96 ? 5    LEU A CG  1 
ATOM   47  C  CD1 . LEU A 1 6  ? 0.806   -11.541 9.313   1.00 48.82 ? 5    LEU A CD1 1 
ATOM   48  C  CD2 . LEU A 1 6  ? -0.300  -13.244 7.954   1.00 47.20 ? 5    LEU A CD2 1 
ATOM   49  N  N   . GLU A 1 7  ? -4.290  -12.040 8.841   1.00 30.87 ? 6    GLU A N   1 
ATOM   50  C  CA  . GLU A 1 7  ? -5.151  -12.086 7.709   1.00 31.38 ? 6    GLU A CA  1 
ATOM   51  C  C   . GLU A 1 7  ? -6.006  -10.811 7.623   1.00 32.00 ? 6    GLU A C   1 
ATOM   52  O  O   . GLU A 1 7  ? -6.301  -10.346 6.515   1.00 32.85 ? 6    GLU A O   1 
ATOM   53  C  CB  . GLU A 1 7  ? -6.048  -13.326 7.777   1.00 29.39 ? 6    GLU A CB  1 
ATOM   54  C  CG  . GLU A 1 7  ? -5.374  -14.629 7.340   1.00 32.66 ? 6    GLU A CG  1 
ATOM   55  C  CD  . GLU A 1 7  ? -6.389  -15.781 7.398   1.00 33.36 ? 6    GLU A CD  1 
ATOM   56  O  OE1 . GLU A 1 7  ? -7.224  -15.726 8.295   1.00 31.94 ? 6    GLU A OE1 1 
ATOM   57  O  OE2 . GLU A 1 7  ? -6.428  -16.688 6.555   1.00 30.55 ? 6    GLU A OE2 1 
ATOM   58  N  N   . LYS A 1 8  ? -6.430  -10.261 8.762   1.00 31.25 ? 7    LYS A N   1 
ATOM   59  C  CA  . LYS A 1 8  ? -7.291  -9.044  8.759   1.00 35.59 ? 7    LYS A CA  1 
ATOM   60  C  C   . LYS A 1 8  ? -6.498  -7.773  8.438   1.00 36.74 ? 7    LYS A C   1 
ATOM   61  O  O   . LYS A 1 8  ? -7.023  -6.795  7.973   1.00 38.05 ? 7    LYS A O   1 
ATOM   62  C  CB  . LYS A 1 8  ? -8.058  -8.843  10.101  1.00 35.39 ? 7    LYS A CB  1 
ATOM   63  C  CG  . LYS A 1 8  ? -9.059  -10.050 10.521  1.00 42.51 ? 7    LYS A CG  1 
ATOM   64  C  CD  . LYS A 1 8  ? -10.158 -10.371 9.430   1.00 51.39 ? 7    LYS A CD  1 
ATOM   65  C  CE  . LYS A 1 8  ? -10.633 -11.861 9.335   1.00 55.80 ? 7    LYS A CE  1 
ATOM   66  N  NZ  . LYS A 1 8  ? -10.047 -12.581 8.124   1.00 56.09 ? 7    LYS A NZ  1 
ATOM   67  N  N   . LYS A 1 9  ? -5.231  -7.796  8.766   1.00 31.80 ? 8    LYS A N   1 
ATOM   68  C  CA  . LYS A 1 9  ? -4.300  -6.701  8.450   1.00 33.56 ? 8    LYS A CA  1 
ATOM   69  C  C   . LYS A 1 9  ? -4.037  -6.665  6.978   1.00 33.48 ? 8    LYS A C   1 
ATOM   70  O  O   . LYS A 1 9  ? -3.967  -5.584  6.325   1.00 34.01 ? 8    LYS A O   1 
ATOM   71  C  CB  . LYS A 1 9  ? -3.000  -6.973  9.163   1.00 33.13 ? 8    LYS A CB  1 
ATOM   72  C  CG  . LYS A 1 9  ? -3.042  -6.486  10.581  1.00 37.09 ? 8    LYS A CG  1 
ATOM   73  C  CD  . LYS A 1 9  ? -1.599  -6.575  11.165  1.00 40.44 ? 8    LYS A CD  1 
ATOM   74  C  CE  . LYS A 1 9  ? -1.662  -6.180  12.618  1.00 40.00 ? 8    LYS A CE  1 
ATOM   75  N  NZ  . LYS A 1 9  ? -0.645  -6.967  13.310  1.00 44.72 ? 8    LYS A NZ  1 
ATOM   76  N  N   . LEU A 1 10 ? -3.913  -7.854  6.432   1.00 32.91 ? 9    LEU A N   1 
ATOM   77  C  CA  . LEU A 1 10 ? -3.733  -7.937  5.039   1.00 35.40 ? 9    LEU A CA  1 
ATOM   78  C  C   . LEU A 1 10 ? -4.985  -7.452  4.344   1.00 36.18 ? 9    LEU A C   1 
ATOM   79  O  O   . LEU A 1 10 ? -4.882  -6.733  3.371   1.00 38.02 ? 9    LEU A O   1 
ATOM   80  C  CB  . LEU A 1 10 ? -3.461  -9.369  4.680   1.00 37.28 ? 9    LEU A CB  1 
ATOM   81  C  CG  . LEU A 1 10 ? -2.573  -9.706  3.541   1.00 39.97 ? 9    LEU A CG  1 
ATOM   82  C  CD1 . LEU A 1 10 ? -1.352  -8.999  3.725   1.00 42.27 ? 9    LEU A CD1 1 
ATOM   83  C  CD2 . LEU A 1 10 ? -2.301  -11.079 4.006   1.00 45.15 ? 9    LEU A CD2 1 
ATOM   84  N  N   . ALA A 1 11 ? -6.193  -7.801  4.790   1.00 35.70 ? 10   ALA A N   1 
ATOM   85  C  CA  . ALA A 1 11 ? -7.402  -7.226  4.165   1.00 35.40 ? 10   ALA A CA  1 
ATOM   86  C  C   . ALA A 1 11 ? -7.513  -5.689  4.256   1.00 35.30 ? 10   ALA A C   1 
ATOM   87  O  O   . ALA A 1 11 ? -7.964  -5.052  3.318   1.00 36.32 ? 10   ALA A O   1 
ATOM   88  C  CB  . ALA A 1 11 ? -8.712  -7.863  4.759   1.00 36.16 ? 10   ALA A CB  1 
ATOM   89  N  N   . ALA A 1 12 ? -7.248  -5.128  5.424   1.00 36.07 ? 11   ALA A N   1 
ATOM   90  C  CA  . ALA A 1 12 ? -7.238  -3.673  5.579   1.00 38.00 ? 11   ALA A CA  1 
ATOM   91  C  C   . ALA A 1 12 ? -6.125  -3.027  4.679   1.00 37.86 ? 11   ALA A C   1 
ATOM   92  O  O   . ALA A 1 12 ? -6.405  -2.070  4.021   1.00 39.46 ? 11   ALA A O   1 
ATOM   93  C  CB  . ALA A 1 12 ? -7.032  -3.290  7.031   1.00 37.81 ? 11   ALA A CB  1 
ATOM   94  N  N   . LEU A 1 13 ? -4.907  -3.576  4.627   1.00 37.57 ? 12   LEU A N   1 
ATOM   95  C  CA  . LEU A 1 13 ? -3.893  -3.057  3.738   1.00 37.31 ? 12   LEU A CA  1 
ATOM   96  C  C   . LEU A 1 13 ? -4.448  -3.009  2.334   1.00 38.00 ? 12   LEU A C   1 
ATOM   97  O  O   . LEU A 1 13 ? -4.266  -2.029  1.627   1.00 36.18 ? 12   LEU A O   1 
ATOM   98  C  CB  . LEU A 1 13 ? -2.607  -3.898  3.806   1.00 38.39 ? 12   LEU A CB  1 
ATOM   99  C  CG  . LEU A 1 13 ? -1.472  -3.731  4.830   1.00 41.27 ? 12   LEU A CG  1 
ATOM   100 C  CD1 . LEU A 1 13 ? -0.922  -2.324  4.796   1.00 45.95 ? 12   LEU A CD1 1 
ATOM   101 C  CD2 . LEU A 1 13 ? -1.824  -4.040  6.232   1.00 45.93 ? 12   LEU A CD2 1 
ATOM   102 N  N   . GLU A 1 14 ? -5.156  -4.052  1.917   1.00 37.56 ? 13   GLU A N   1 
ATOM   103 C  CA  . GLU A 1 14 ? -5.691  -4.107  0.547   1.00 39.82 ? 13   GLU A CA  1 
ATOM   104 C  C   . GLU A 1 14 ? -6.723  -3.001  0.284   1.00 39.10 ? 13   GLU A C   1 
ATOM   105 O  O   . GLU A 1 14 ? -6.740  -2.367  -0.773  1.00 38.12 ? 13   GLU A O   1 
ATOM   106 C  CB  . GLU A 1 14 ? -6.275  -5.490  0.205   1.00 39.96 ? 13   GLU A CB  1 
ATOM   107 C  CG  . GLU A 1 14 ? -5.242  -6.624  0.187   1.00 45.82 ? 13   GLU A CG  1 
ATOM   108 C  CD  . GLU A 1 14 ? -5.845  -8.036  0.066   1.00 50.97 ? 13   GLU A CD  1 
ATOM   109 O  OE1 . GLU A 1 14 ? -6.888  -8.182  -0.584  1.00 54.10 ? 13   GLU A OE1 1 
ATOM   110 O  OE2 . GLU A 1 14 ? -5.280  -8.994  0.620   1.00 52.03 ? 13   GLU A OE2 1 
ATOM   111 N  N   . SER A 1 15 ? -7.542  -2.746  1.285   1.00 39.41 ? 14   SER A N   1 
ATOM   112 C  CA  . SER A 1 15 ? -8.566  -1.730  1.214   1.00 40.45 ? 14   SER A CA  1 
ATOM   113 C  C   . SER A 1 15 ? -7.986  -0.290  1.285   1.00 40.34 ? 14   SER A C   1 
ATOM   114 O  O   . SER A 1 15 ? -8.420  0.577   0.541   1.00 41.19 ? 14   SER A O   1 
ATOM   115 C  CB  . SER A 1 15 ? -9.476  -1.946  2.396   1.00 41.25 ? 14   SER A CB  1 
ATOM   116 O  OG  . SER A 1 15 ? -10.021 -0.706  2.808   1.00 47.53 ? 14   SER A OG  1 
ATOM   117 N  N   . LYS A 1 16 ? -7.054  -0.062  2.195   1.00 39.31 ? 15   LYS A N   1 
ATOM   118 C  CA  . LYS A 1 16 ? -6.270  1.167   2.267   1.00 40.38 ? 15   LYS A CA  1 
ATOM   119 C  C   . LYS A 1 16 ? -5.554  1.475   0.936   1.00 40.63 ? 15   LYS A C   1 
ATOM   120 O  O   . LYS A 1 16 ? -5.630  2.599   0.398   1.00 40.97 ? 15   LYS A O   1 
ATOM   121 C  CB  . LYS A 1 16 ? -5.240  1.047   3.396   1.00 39.51 ? 15   LYS A CB  1 
ATOM   122 C  CG  . LYS A 1 16 ? -5.840  1.202   4.757   1.00 40.53 ? 15   LYS A CG  1 
ATOM   123 C  CD  . LYS A 1 16 ? -4.784  1.243   5.858   1.00 45.95 ? 15   LYS A CD  1 
ATOM   124 C  CE  . LYS A 1 16 ? -5.484  1.718   7.123   1.00 47.74 ? 15   LYS A CE  1 
ATOM   125 N  NZ  . LYS A 1 16 ? -4.871  1.285   8.375   1.00 54.25 ? 15   LYS A NZ  1 
ATOM   126 N  N   . LEU A 1 17 ? -4.882  0.477   0.385   1.00 38.59 ? 16   LEU A N   1 
ATOM   127 C  CA  . LEU A 1 17 ? -4.154  0.656   -0.851  1.00 38.45 ? 16   LEU A CA  1 
ATOM   128 C  C   . LEU A 1 17 ? -5.120  0.995   -1.969  1.00 39.52 ? 16   LEU A C   1 
ATOM   129 O  O   . LEU A 1 17 ? -4.818  1.869   -2.813  1.00 39.89 ? 16   LEU A O   1 
ATOM   130 C  CB  . LEU A 1 17 ? -3.300  -0.556  -1.162  1.00 37.07 ? 16   LEU A CB  1 
ATOM   131 C  CG  . LEU A 1 17 ? -2.622  -0.656  -2.479  1.00 36.99 ? 16   LEU A CG  1 
ATOM   132 C  CD1 . LEU A 1 17 ? -1.735  0.565   -2.662  1.00 39.37 ? 16   LEU A CD1 1 
ATOM   133 C  CD2 . LEU A 1 17 ? -1.748  -1.886  -2.367  1.00 40.34 ? 16   LEU A CD2 1 
ATOM   134 N  N   . GLN A 1 18 ? -6.282  0.353   -2.009  1.00 39.66 ? 17   GLN A N   1 
ATOM   135 C  CA  . GLN A 1 18 ? -7.284  0.750   -3.003  1.00 41.56 ? 17   GLN A CA  1 
ATOM   136 C  C   . GLN A 1 18 ? -7.757  2.172   -2.829  1.00 40.50 ? 17   GLN A C   1 
ATOM   137 O  O   . GLN A 1 18 ? -7.937  2.821   -3.844  1.00 42.30 ? 17   GLN A O   1 
ATOM   138 C  CB  . GLN A 1 18 ? -8.533  -0.165  -3.032  1.00 42.64 ? 17   GLN A CB  1 
ATOM   139 C  CG  . GLN A 1 18 ? -8.172  -1.610  -2.925  1.00 50.73 ? 17   GLN A CG  1 
ATOM   140 C  CD  . GLN A 1 18 ? -7.783  -2.161  -4.251  1.00 62.06 ? 17   GLN A CD  1 
ATOM   141 O  OE1 . GLN A 1 18 ? -8.665  -2.333  -5.103  1.00 67.94 ? 17   GLN A OE1 1 
ATOM   142 N  NE2 . GLN A 1 18 ? -6.456  -2.431  -4.471  1.00 63.22 ? 17   GLN A NE2 1 
ATOM   143 N  N   . ALA A 1 19 ? -7.974  2.619   -1.589  1.00 38.89 ? 18   ALA A N   1 
ATOM   144 C  CA  . ALA A 1 19 ? -8.298  4.024   -1.232  1.00 40.82 ? 18   ALA A CA  1 
ATOM   145 C  C   . ALA A 1 19 ? -7.218  5.042   -1.675  1.00 42.71 ? 18   ALA A C   1 
ATOM   146 O  O   . ALA A 1 19 ? -7.592  6.081   -2.216  1.00 44.83 ? 18   ALA A O   1 
ATOM   147 C  CB  . ALA A 1 19 ? -8.500  4.176   0.206   1.00 38.46 ? 18   ALA A CB  1 
ATOM   148 N  N   . CYS A 1 20 ? -5.923  4.772   -1.422  1.00 43.55 ? 19   CYS A N   1 
ATOM   149 C  CA  . CYS A 1 20 ? -4.780  5.455   -2.085  1.00 45.51 ? 19   CYS A CA  1 
ATOM   150 C  C   . CYS A 1 20 ? -4.810  5.526   -3.573  1.00 43.76 ? 19   CYS A C   1 
ATOM   151 O  O   . CYS A 1 20 ? -4.608  6.613   -4.135  1.00 42.33 ? 19   CYS A O   1 
ATOM   152 C  CB  . CYS A 1 20 ? -3.474  4.754   -1.790  1.00 46.34 ? 19   CYS A CB  1 
ATOM   153 S  SG  . CYS A 1 20 ? -2.794  5.424   -0.405  1.00 59.98 ? 19   CYS A SG  1 
ATOM   154 N  N   . GLU A 1 21 ? -4.997  4.363   -4.211  1.00 44.25 ? 20   GLU A N   1 
ATOM   155 C  CA  . GLU A 1 21 ? -5.117  4.264   -5.659  1.00 46.57 ? 20   GLU A CA  1 
ATOM   156 C  C   . GLU A 1 21 ? -6.186  5.217   -6.170  1.00 47.38 ? 20   GLU A C   1 
ATOM   157 O  O   . GLU A 1 21 ? -5.991  5.821   -7.238  1.00 47.95 ? 20   GLU A O   1 
ATOM   158 C  CB  . GLU A 1 21 ? -5.439  2.849   -6.152  1.00 46.84 ? 20   GLU A CB  1 
ATOM   159 C  CG  . GLU A 1 21 ? -4.243  1.868   -6.274  1.00 52.28 ? 20   GLU A CG  1 
ATOM   160 C  CD  . GLU A 1 21 ? -4.648  0.418   -6.750  1.00 57.09 ? 20   GLU A CD  1 
ATOM   161 O  OE1 . GLU A 1 21 ? -5.829  0.027   -6.609  1.00 56.01 ? 20   GLU A OE1 1 
ATOM   162 O  OE2 . GLU A 1 21 ? -3.783  -0.333  -7.268  1.00 57.44 ? 20   GLU A OE2 1 
ATOM   163 N  N   . LYS A 1 22 ? -7.267  5.385   -5.398  1.00 47.67 ? 21   LYS A N   1 
ATOM   164 C  CA  . LYS A 1 22 ? -8.406  6.254   -5.820  1.00 48.81 ? 21   LYS A CA  1 
ATOM   165 C  C   . LYS A 1 22 ? -8.160  7.746   -5.610  1.00 46.90 ? 21   LYS A C   1 
ATOM   166 O  O   . LYS A 1 22 ? -8.558  8.489   -6.433  1.00 47.24 ? 21   LYS A O   1 
ATOM   167 C  CB  . LYS A 1 22 ? -9.741  5.893   -5.153  1.00 48.24 ? 21   LYS A CB  1 
ATOM   168 C  CG  . LYS A 1 22 ? -10.350 4.592   -5.641  1.00 53.81 ? 21   LYS A CG  1 
ATOM   169 C  CD  . LYS A 1 22 ? -11.723 4.326   -4.989  1.00 60.25 ? 21   LYS A CD  1 
ATOM   170 C  CE  . LYS A 1 22 ? -11.700 4.400   -3.462  1.00 63.07 ? 21   LYS A CE  1 
ATOM   171 N  NZ  . LYS A 1 22 ? -12.898 3.687   -2.849  1.00 68.81 ? 21   LYS A NZ  1 
ATOM   172 N  N   . LYS A 1 23 ? -7.598  8.146   -4.475  1.00 46.58 ? 22   LYS A N   1 
ATOM   173 C  CA  . LYS A 1 23 ? -7.078  9.495   -4.224  1.00 46.55 ? 22   LYS A CA  1 
ATOM   174 C  C   . LYS A 1 23 ? -6.058  9.827   -5.289  1.00 45.46 ? 22   LYS A C   1 
ATOM   175 O  O   . LYS A 1 23 ? -6.155  10.807  -5.930  1.00 46.11 ? 22   LYS A O   1 
ATOM   176 C  CB  . LYS A 1 23 ? -6.423  9.549   -2.850  1.00 47.45 ? 22   LYS A CB  1 
ATOM   177 C  CG  . LYS A 1 23 ? -6.251  10.958  -2.190  1.00 50.52 ? 22   LYS A CG  1 
ATOM   178 C  CD  . LYS A 1 23 ? -6.007  10.771  -0.673  1.00 56.43 ? 22   LYS A CD  1 
ATOM   179 C  CE  . LYS A 1 23 ? -5.792  12.097  0.103   1.00 58.34 ? 22   LYS A CE  1 
ATOM   180 N  NZ  . LYS A 1 23 ? -7.013  12.847  0.483   1.00 56.15 ? 22   LYS A NZ  1 
ATOM   181 N  N   . LEU A 1 24 ? -5.068  8.955   -5.446  1.00 44.26 ? 23   LEU A N   1 
ATOM   182 C  CA  . LEU A 1 24 ? -4.017  9.158   -6.435  1.00 43.57 ? 23   LEU A CA  1 
ATOM   183 C  C   . LEU A 1 24 ? -4.599  9.490   -7.805  1.00 45.63 ? 23   LEU A C   1 
ATOM   184 O  O   . LEU A 1 24 ? -4.099  10.370  -8.506  1.00 43.61 ? 23   LEU A O   1 
ATOM   185 C  CB  . LEU A 1 24 ? -3.124  7.920   -6.531  1.00 42.01 ? 23   LEU A CB  1 
ATOM   186 C  CG  . LEU A 1 24 ? -1.726  8.133   -7.116  1.00 44.79 ? 23   LEU A CG  1 
ATOM   187 C  CD1 . LEU A 1 24 ? -1.274  9.571   -6.913  1.00 45.42 ? 23   LEU A CD1 1 
ATOM   188 C  CD2 . LEU A 1 24 ? -0.731  7.162   -6.501  1.00 43.56 ? 23   LEU A CD2 1 
ATOM   189 N  N   . GLU A 1 25 ? -5.659  8.782   -8.181  1.00 46.10 ? 24   GLU A N   1 
ATOM   190 C  CA  . GLU A 1 25 ? -6.307  8.997   -9.468  1.00 47.39 ? 24   GLU A CA  1 
ATOM   191 C  C   . GLU A 1 25 ? -6.973  10.368  -9.532  1.00 47.73 ? 24   GLU A C   1 
ATOM   192 O  O   . GLU A 1 25 ? -6.675  11.173  -10.413 1.00 50.14 ? 24   GLU A O   1 
ATOM   193 C  CB  . GLU A 1 25 ? -7.338  7.900   -9.739  1.00 48.76 ? 24   GLU A CB  1 
ATOM   194 C  CG  . GLU A 1 25 ? -6.886  6.861   -10.753 1.00 48.98 ? 24   GLU A CG  1 
ATOM   195 C  CD  . GLU A 1 25 ? -6.516  7.474   -12.089 1.00 54.50 ? 24   GLU A CD  1 
ATOM   196 O  OE1 . GLU A 1 25 ? -7.400  8.075   -12.735 1.00 48.96 ? 24   GLU A OE1 1 
ATOM   197 O  OE2 . GLU A 1 25 ? -5.340  7.355   -12.494 1.00 55.64 ? 24   GLU A OE2 1 
ATOM   198 N  N   . ALA A 1 26 ? -7.876  10.626  -8.591  1.00 48.39 ? 25   ALA A N   1 
ATOM   199 C  CA  . ALA A 1 26 ? -8.586  11.892  -8.541  1.00 50.47 ? 25   ALA A CA  1 
ATOM   200 C  C   . ALA A 1 26 ? -7.722  13.175  -8.202  1.00 51.33 ? 25   ALA A C   1 
ATOM   201 O  O   . ALA A 1 26 ? -8.130  14.291  -8.500  1.00 52.87 ? 25   ALA A O   1 
ATOM   202 C  CB  . ALA A 1 26 ? -9.769  11.780  -7.619  1.00 50.50 ? 25   ALA A CB  1 
ATOM   203 N  N   . LEU A 1 27 ? -6.556  13.044  -7.583  1.00 50.76 ? 26   LEU A N   1 
ATOM   204 C  CA  . LEU A 1 27 ? -5.589  14.114  -7.699  1.00 51.52 ? 26   LEU A CA  1 
ATOM   205 C  C   . LEU A 1 27 ? -5.065  14.201  -9.139  1.00 51.07 ? 26   LEU A C   1 
ATOM   206 O  O   . LEU A 1 27 ? -4.927  15.289  -9.660  1.00 51.22 ? 26   LEU A O   1 
ATOM   207 C  CB  . LEU A 1 27 ? -4.420  13.956  -6.732  1.00 52.21 ? 26   LEU A CB  1 
ATOM   208 C  CG  . LEU A 1 27 ? -4.303  14.990  -5.605  1.00 56.88 ? 26   LEU A CG  1 
ATOM   209 C  CD1 . LEU A 1 27 ? -5.454  14.951  -4.571  1.00 60.95 ? 26   LEU A CD1 1 
ATOM   210 C  CD2 . LEU A 1 27 ? -2.966  14.811  -4.922  1.00 59.38 ? 26   LEU A CD2 1 
ATOM   211 N  N   . GLU A 1 28 ? -4.779  13.090  -9.798  1.00 49.58 ? 27   GLU A N   1 
ATOM   212 C  CA  . GLU A 1 28 ? -4.335  13.185  -11.160 1.00 50.38 ? 27   GLU A CA  1 
ATOM   213 C  C   . GLU A 1 28 ? -5.340  13.948  -12.000 1.00 52.23 ? 27   GLU A C   1 
ATOM   214 O  O   . GLU A 1 28 ? -4.949  14.655  -12.888 1.00 53.34 ? 27   GLU A O   1 
ATOM   215 C  CB  . GLU A 1 28 ? -4.022  11.818  -11.731 1.00 49.77 ? 27   GLU A CB  1 
ATOM   216 C  CG  . GLU A 1 28 ? -3.721  11.715  -13.218 1.00 49.43 ? 27   GLU A CG  1 
ATOM   217 C  CD  . GLU A 1 28 ? -3.599  10.226  -13.691 1.00 53.87 ? 27   GLU A CD  1 
ATOM   218 O  OE1 . GLU A 1 28 ? -3.373  9.320   -12.864 1.00 54.43 ? 27   GLU A OE1 1 
ATOM   219 O  OE2 . GLU A 1 28 ? -3.743  9.933   -14.901 1.00 53.90 ? 27   GLU A OE2 1 
ATOM   220 N  N   . HIS A 1 29 ? -6.624  13.855  -11.691 1.00 54.68 ? 28   HIS A N   1 
ATOM   221 C  CA  . HIS A 1 29 ? -7.726  14.534  -12.468 1.00 56.68 ? 28   HIS A CA  1 
ATOM   222 C  C   . HIS A 1 29 ? -8.360  15.814  -11.818 1.00 58.95 ? 28   HIS A C   1 
ATOM   223 O  O   . HIS A 1 29 ? -7.754  16.494  -10.957 1.00 60.39 ? 28   HIS A O   1 
ATOM   224 C  CB  . HIS A 1 29 ? -8.863  13.505  -12.793 1.00 55.54 ? 28   HIS A CB  1 
ATOM   225 C  CG  . HIS A 1 29 ? -8.407  12.353  -13.616 1.00 49.75 ? 28   HIS A CG  1 
ATOM   226 N  ND1 . HIS A 1 29 ? -7.752  12.523  -14.811 1.00 47.62 ? 28   HIS A ND1 1 
ATOM   227 C  CD2 . HIS A 1 29 ? -8.484  11.023  -13.412 1.00 48.28 ? 28   HIS A CD2 1 
ATOM   228 C  CE1 . HIS A 1 29 ? -7.429  11.346  -15.304 1.00 47.01 ? 28   HIS A CE1 1 
ATOM   229 N  NE2 . HIS A 1 29 ? -7.875  10.415  -14.482 1.00 43.18 ? 28   HIS A NE2 1 
ATOM   230 N  N   . GLY A 1 30 ? -9.591  16.117  -12.221 1.00 61.05 ? 29   GLY A N   1 
ATOM   231 C  CA  . GLY A 1 30 ? -10.367 17.249  -11.657 1.00 63.80 ? 29   GLY A CA  1 
ATOM   232 C  C   . GLY A 1 30 ? -10.210 18.583  -12.431 1.00 64.99 ? 29   GLY A C   1 
ATOM   233 O  O   . GLY A 1 30 ? -11.192 19.161  -12.935 1.00 65.89 ? 29   GLY A O   1 
HETATM 234 C  C   . ACE B 1 1  ? 10.575  -17.892 9.269   1.00 60.00 ? 0    ACE B C   1 
HETATM 235 O  O   . ACE B 1 1  ? 10.752  -16.673 9.478   1.00 59.95 ? 0    ACE B O   1 
HETATM 236 C  CH3 . ACE B 1 1  ? 11.473  -18.939 9.856   1.00 62.18 ? 0    ACE B CH3 1 
ATOM   237 N  N   . GLU B 1 2  ? 9.714   -18.382 8.367   1.00 59.23 ? 1    GLU B N   1 
ATOM   238 C  CA  . GLU B 1 2  ? 8.891   -17.570 7.454   1.00 56.64 ? 1    GLU B CA  1 
ATOM   239 C  C   . GLU B 1 2  ? 7.994   -16.535 8.197   1.00 53.68 ? 1    GLU B C   1 
ATOM   240 O  O   . GLU B 1 2  ? 7.692   -15.489 7.613   1.00 52.49 ? 1    GLU B O   1 
ATOM   241 C  CB  . GLU B 1 2  ? 8.053   -18.467 6.495   1.00 58.20 ? 1    GLU B CB  1 
ATOM   242 C  CG  . GLU B 1 2  ? 8.826   -19.246 5.397   1.00 58.35 ? 1    GLU B CG  1 
ATOM   243 C  CD  . GLU B 1 2  ? 8.687   -18.627 3.997   1.00 59.14 ? 1    GLU B CD  1 
ATOM   244 O  OE1 . GLU B 1 2  ? 9.674   -18.041 3.512   1.00 61.94 ? 1    GLU B OE1 1 
ATOM   245 O  OE2 . GLU B 1 2  ? 7.612   -18.716 3.356   1.00 53.16 ? 1    GLU B OE2 1 
ATOM   246 N  N   . TRP B 1 3  ? 7.630   -16.807 9.468   1.00 51.70 ? 2    TRP B N   1 
ATOM   247 C  CA  . TRP B 1 3  ? 6.575   -16.060 10.159  1.00 50.06 ? 2    TRP B CA  1 
ATOM   248 C  C   . TRP B 1 3  ? 6.957   -14.641 10.464  1.00 49.12 ? 2    TRP B C   1 
ATOM   249 O  O   . TRP B 1 3  ? 6.194   -13.743 10.179  1.00 47.64 ? 2    TRP B O   1 
ATOM   250 C  CB  . TRP B 1 3  ? 6.160   -16.681 11.494  1.00 51.12 ? 2    TRP B CB  1 
ATOM   251 C  CG  . TRP B 1 3  ? 5.073   -15.839 12.173  1.00 52.41 ? 2    TRP B CG  1 
ATOM   252 C  CD1 . TRP B 1 3  ? 5.197   -15.039 13.300  1.00 54.34 ? 2    TRP B CD1 1 
ATOM   253 C  CD2 . TRP B 1 3  ? 3.723   -15.681 11.719  1.00 50.39 ? 2    TRP B CD2 1 
ATOM   254 N  NE1 . TRP B 1 3  ? 3.975   -14.428 13.585  1.00 55.91 ? 2    TRP B NE1 1 
ATOM   255 C  CE2 . TRP B 1 3  ? 3.066   -14.804 12.627  1.00 52.85 ? 2    TRP B CE2 1 
ATOM   256 C  CE3 . TRP B 1 3  ? 3.002   -16.204 10.633  1.00 50.17 ? 2    TRP B CE3 1 
ATOM   257 C  CZ2 . TRP B 1 3  ? 1.732   -14.426 12.462  1.00 54.55 ? 2    TRP B CZ2 1 
ATOM   258 C  CZ3 . TRP B 1 3  ? 1.699   -15.852 10.477  1.00 53.90 ? 2    TRP B CZ3 1 
ATOM   259 C  CH2 . TRP B 1 3  ? 1.059   -14.961 11.391  1.00 55.75 ? 2    TRP B CH2 1 
ATOM   260 N  N   . GLU B 1 4  ? 8.110   -14.451 11.100  1.00 49.29 ? 3    GLU B N   1 
ATOM   261 C  CA  . GLU B 1 4  ? 8.532   -13.146 11.531  1.00 50.02 ? 3    GLU B CA  1 
ATOM   262 C  C   . GLU B 1 4  ? 9.078   -12.400 10.329  1.00 48.82 ? 3    GLU B C   1 
ATOM   263 O  O   . GLU B 1 4  ? 9.027   -11.175 10.319  1.00 49.61 ? 3    GLU B O   1 
ATOM   264 C  CB  . GLU B 1 4  ? 9.583   -13.253 12.614  1.00 53.61 ? 3    GLU B CB  1 
ATOM   265 C  CG  . GLU B 1 4  ? 9.445   -12.214 13.683  1.00 59.30 ? 3    GLU B CG  1 
ATOM   266 C  CD  . GLU B 1 4  ? 8.718   -12.739 14.883  1.00 64.93 ? 3    GLU B CD  1 
ATOM   267 O  OE1 . GLU B 1 4  ? 7.672   -13.400 14.709  1.00 65.60 ? 3    GLU B OE1 1 
ATOM   268 O  OE2 . GLU B 1 4  ? 9.187   -12.486 16.016  1.00 72.92 ? 3    GLU B OE2 1 
ATOM   269 N  N   . ALA B 1 5  ? 9.583   -13.127 9.322   1.00 47.57 ? 4    ALA B N   1 
ATOM   270 C  CA  . ALA B 1 5  ? 9.954   -12.542 8.041   1.00 47.50 ? 4    ALA B CA  1 
ATOM   271 C  C   . ALA B 1 5  ? 8.730   -11.895 7.353   1.00 45.75 ? 4    ALA B C   1 
ATOM   272 O  O   . ALA B 1 5  ? 8.755   -10.686 6.963   1.00 44.16 ? 4    ALA B O   1 
ATOM   273 C  CB  . ALA B 1 5  ? 10.559  -13.588 7.123   1.00 48.96 ? 4    ALA B CB  1 
ATOM   274 N  N   . LEU B 1 6  ? 7.670   -12.692 7.192   1.00 44.56 ? 5    LEU B N   1 
ATOM   275 C  CA  . LEU B 1 6  ? 6.417   -12.154 6.685   1.00 43.66 ? 5    LEU B CA  1 
ATOM   276 C  C   . LEU B 1 6  ? 5.868   -10.973 7.547   1.00 42.76 ? 5    LEU B C   1 
ATOM   277 O  O   . LEU B 1 6  ? 5.472   -9.956  6.960   1.00 43.97 ? 5    LEU B O   1 
ATOM   278 C  CB  . LEU B 1 6  ? 5.408   -13.249 6.511   1.00 44.50 ? 5    LEU B CB  1 
ATOM   279 C  CG  . LEU B 1 6  ? 4.215   -12.727 5.746   1.00 46.78 ? 5    LEU B CG  1 
ATOM   280 C  CD1 . LEU B 1 6  ? 3.919   -13.637 4.603   1.00 48.85 ? 5    LEU B CD1 1 
ATOM   281 C  CD2 . LEU B 1 6  ? 3.057   -12.658 6.702   1.00 49.98 ? 5    LEU B CD2 1 
ATOM   282 N  N   . GLU B 1 7  ? 5.905   -11.064 8.888   1.00 41.60 ? 6    GLU B N   1 
ATOM   283 C  CA  . GLU B 1 7  ? 5.481   -9.971  9.757   1.00 41.03 ? 6    GLU B CA  1 
ATOM   284 C  C   . GLU B 1 7  ? 6.298   -8.704  9.530   1.00 40.62 ? 6    GLU B C   1 
ATOM   285 O  O   . GLU B 1 7  ? 5.740   -7.584  9.527   1.00 39.63 ? 6    GLU B O   1 
ATOM   286 C  CB  . GLU B 1 7  ? 5.576   -10.323 11.202  1.00 41.85 ? 6    GLU B CB  1 
ATOM   287 C  CG  . GLU B 1 7  ? 4.342   -10.836 11.796  1.00 40.86 ? 6    GLU B CG  1 
ATOM   288 C  CD  . GLU B 1 7  ? 4.541   -11.135 13.243  1.00 43.36 ? 6    GLU B CD  1 
ATOM   289 O  OE1 . GLU B 1 7  ? 5.711   -11.350 13.654  1.00 46.22 ? 6    GLU B OE1 1 
ATOM   290 O  OE2 . GLU B 1 7  ? 3.542   -11.167 14.019  1.00 43.47 ? 6    GLU B OE2 1 
ATOM   291 N  N   . LYS B 1 8  ? 7.591   -8.883  9.301   1.00 41.33 ? 7    LYS B N   1 
ATOM   292 C  CA  . LYS B 1 8  ? 8.504   -7.769  9.062   1.00 42.86 ? 7    LYS B CA  1 
ATOM   293 C  C   . LYS B 1 8  ? 8.117   -7.134  7.706   1.00 40.76 ? 7    LYS B C   1 
ATOM   294 O  O   . LYS B 1 8  ? 8.097   -5.928  7.563   1.00 40.19 ? 7    LYS B O   1 
ATOM   295 C  CB  . LYS B 1 8  ? 9.973   -8.262  8.973   1.00 46.65 ? 7    LYS B CB  1 
ATOM   296 C  CG  . LYS B 1 8  ? 10.726  -8.643  10.290  1.00 53.14 ? 7    LYS B CG  1 
ATOM   297 C  CD  . LYS B 1 8  ? 10.005  -8.161  11.576  1.00 58.57 ? 7    LYS B CD  1 
ATOM   298 C  CE  . LYS B 1 8  ? 11.021  -7.703  12.676  1.00 64.58 ? 7    LYS B CE  1 
ATOM   299 N  NZ  . LYS B 1 8  ? 10.353  -7.551  14.016  1.00 66.88 ? 7    LYS B NZ  1 
ATOM   300 N  N   . LYS B 1 9  ? 7.793   -7.991  6.741   1.00 39.33 ? 8    LYS B N   1 
ATOM   301 C  CA  . LYS B 1 9  ? 7.429   -7.599  5.404   1.00 39.74 ? 8    LYS B CA  1 
ATOM   302 C  C   . LYS B 1 9  ? 6.097   -6.865  5.422   1.00 37.37 ? 8    LYS B C   1 
ATOM   303 O  O   . LYS B 1 9  ? 6.001   -5.839  4.779   1.00 37.42 ? 8    LYS B O   1 
ATOM   304 C  CB  . LYS B 1 9  ? 7.465   -8.787  4.452   1.00 40.68 ? 8    LYS B CB  1 
ATOM   305 C  CG  . LYS B 1 9  ? 8.080   -8.475  3.096   1.00 47.47 ? 8    LYS B CG  1 
ATOM   306 C  CD  . LYS B 1 9  ? 8.196   -9.728  2.189   1.00 54.56 ? 8    LYS B CD  1 
ATOM   307 C  CE  . LYS B 1 9  ? 7.541   -9.477  0.776   1.00 60.51 ? 8    LYS B CE  1 
ATOM   308 N  NZ  . LYS B 1 9  ? 7.607   -10.681 -0.188  1.00 63.60 ? 8    LYS B NZ  1 
ATOM   309 N  N   . LEU B 1 10 ? 5.123   -7.325  6.220   1.00 36.62 ? 9    LEU B N   1 
ATOM   310 C  CA  . LEU B 1 10 ? 3.857   -6.593  6.435   1.00 35.82 ? 9    LEU B CA  1 
ATOM   311 C  C   . LEU B 1 10 ? 4.049   -5.241  7.099   1.00 35.42 ? 9    LEU B C   1 
ATOM   312 O  O   . LEU B 1 10 ? 3.479   -4.257  6.634   1.00 34.97 ? 9    LEU B O   1 
ATOM   313 C  CB  . LEU B 1 10 ? 2.857   -7.392  7.236   1.00 36.19 ? 9    LEU B CB  1 
ATOM   314 C  CG  . LEU B 1 10 ? 1.387   -7.009  7.004   1.00 41.91 ? 9    LEU B CG  1 
ATOM   315 C  CD1 . LEU B 1 10 ? 0.993   -7.261  5.533   1.00 43.08 ? 9    LEU B CD1 1 
ATOM   316 C  CD2 . LEU B 1 10 ? 0.456   -7.818  7.887   1.00 41.38 ? 9    LEU B CD2 1 
ATOM   317 N  N   . ALA B 1 11 ? 4.819   -5.194  8.198   1.00 36.29 ? 10   ALA B N   1 
ATOM   318 C  CA  . ALA B 1 11 ? 5.233   -3.914  8.808   1.00 37.00 ? 10   ALA B CA  1 
ATOM   319 C  C   . ALA B 1 11 ? 5.895   -2.922  7.835   1.00 36.07 ? 10   ALA B C   1 
ATOM   320 O  O   . ALA B 1 11 ? 5.554   -1.759  7.924   1.00 37.76 ? 10   ALA B O   1 
ATOM   321 C  CB  . ALA B 1 11 ? 6.087   -4.092  10.097  1.00 37.40 ? 10   ALA B CB  1 
ATOM   322 N  N   . ALA B 1 12 ? 6.795   -3.362  6.945   1.00 34.77 ? 11   ALA B N   1 
ATOM   323 C  CA  . ALA B 1 12 ? 7.428   -2.458  5.970   1.00 36.11 ? 11   ALA B CA  1 
ATOM   324 C  C   . ALA B 1 12 ? 6.386   -1.939  4.968   1.00 35.11 ? 11   ALA B C   1 
ATOM   325 O  O   . ALA B 1 12 ? 6.342   -0.744  4.722   1.00 37.16 ? 11   ALA B O   1 
ATOM   326 C  CB  . ALA B 1 12 ? 8.617   -3.087  5.261   1.00 36.23 ? 11   ALA B CB  1 
ATOM   327 N  N   . LEU B 1 13 ? 5.500   -2.783  4.489   1.00 33.75 ? 12   LEU B N   1 
ATOM   328 C  CA  . LEU B 1 13 ? 4.481   -2.303  3.602   1.00 34.64 ? 12   LEU B CA  1 
ATOM   329 C  C   . LEU B 1 13 ? 3.576   -1.311  4.206   1.00 34.64 ? 12   LEU B C   1 
ATOM   330 O  O   . LEU B 1 13 ? 3.247   -0.346  3.541   1.00 33.68 ? 12   LEU B O   1 
ATOM   331 C  CB  . LEU B 1 13 ? 3.578   -3.398  3.153   1.00 36.04 ? 12   LEU B CB  1 
ATOM   332 C  CG  . LEU B 1 13 ? 3.981   -4.060  1.884   1.00 44.31 ? 12   LEU B CG  1 
ATOM   333 C  CD1 . LEU B 1 13 ? 5.240   -4.901  2.119   1.00 51.53 ? 12   LEU B CD1 1 
ATOM   334 C  CD2 . LEU B 1 13 ? 2.787   -4.924  1.498   1.00 51.85 ? 12   LEU B CD2 1 
ATOM   335 N  N   . GLU B 1 14 ? 3.080   -1.604  5.416   1.00 33.97 ? 13   GLU B N   1 
ATOM   336 C  CA  . GLU B 1 14 ? 2.268   -0.691  6.190   1.00 35.55 ? 13   GLU B CA  1 
ATOM   337 C  C   . GLU B 1 14 ? 2.918   0.702   6.395   1.00 35.34 ? 13   GLU B C   1 
ATOM   338 O  O   . GLU B 1 14 ? 2.260   1.726   6.260   1.00 34.87 ? 13   GLU B O   1 
ATOM   339 C  CB  . GLU B 1 14 ? 1.901   -1.384  7.509   1.00 36.75 ? 13   GLU B CB  1 
ATOM   340 C  CG  . GLU B 1 14 ? 1.087   -0.637  8.432   1.00 45.55 ? 13   GLU B CG  1 
ATOM   341 C  CD  . GLU B 1 14 ? 1.078   -1.281  9.880   1.00 54.81 ? 13   GLU B CD  1 
ATOM   342 O  OE1 . GLU B 1 14 ? 0.752   -0.568  10.863  1.00 58.57 ? 13   GLU B OE1 1 
ATOM   343 O  OE2 . GLU B 1 14 ? 1.432   -2.484  10.033  1.00 57.28 ? 13   GLU B OE2 1 
ATOM   344 N  N   . SER B 1 15 ? 4.211   0.781   6.646   1.00 35.57 ? 14   SER B N   1 
ATOM   345 C  CA  . SER B 1 15 ? 4.763   2.071   6.805   1.00 37.22 ? 14   SER B CA  1 
ATOM   346 C  C   . SER B 1 15 ? 5.015   2.719   5.449   1.00 36.55 ? 14   SER B C   1 
ATOM   347 O  O   . SER B 1 15 ? 4.846   3.911   5.353   1.00 38.02 ? 14   SER B O   1 
ATOM   348 C  CB  . SER B 1 15 ? 5.994   2.082   7.696   1.00 39.49 ? 14   SER B CB  1 
ATOM   349 O  OG  . SER B 1 15 ? 7.045   1.440   7.083   1.00 41.99 ? 14   SER B OG  1 
ATOM   350 N  N   . LYS B 1 16 ? 5.368   1.953   4.406   1.00 35.82 ? 15   LYS B N   1 
ATOM   351 C  CA  . LYS B 1 16 ? 5.465   2.509   3.031   1.00 35.97 ? 15   LYS B CA  1 
ATOM   352 C  C   . LYS B 1 16 ? 4.116   3.055   2.576   1.00 35.80 ? 15   LYS B C   1 
ATOM   353 O  O   . LYS B 1 16 ? 3.999   4.131   1.998   1.00 36.63 ? 15   LYS B O   1 
ATOM   354 C  CB  . LYS B 1 16 ? 5.998   1.467   2.080   1.00 36.69 ? 15   LYS B CB  1 
ATOM   355 C  CG  . LYS B 1 16 ? 7.529   1.400   2.134   1.00 40.89 ? 15   LYS B CG  1 
ATOM   356 C  CD  . LYS B 1 16 ? 8.082   0.341   1.232   1.00 44.40 ? 15   LYS B CD  1 
ATOM   357 C  CE  . LYS B 1 16 ? 9.343   -0.260  1.866   1.00 51.23 ? 15   LYS B CE  1 
ATOM   358 N  NZ  . LYS B 1 16 ? 10.096  -1.012  0.825   1.00 54.66 ? 15   LYS B NZ  1 
ATOM   359 N  N   . LEU B 1 17 ? 3.060   2.370   2.918   1.00 34.00 ? 16   LEU B N   1 
ATOM   360 C  CA  . LEU B 1 17 ? 1.750   2.847   2.536   1.00 34.50 ? 16   LEU B CA  1 
ATOM   361 C  C   . LEU B 1 17 ? 1.387   4.112   3.284   1.00 33.39 ? 16   LEU B C   1 
ATOM   362 O  O   . LEU B 1 17 ? 0.751   4.969   2.753   1.00 31.95 ? 16   LEU B O   1 
ATOM   363 C  CB  . LEU B 1 17 ? 0.717   1.740   2.794   1.00 36.41 ? 16   LEU B CB  1 
ATOM   364 C  CG  . LEU B 1 17 ? -0.743  1.924   2.444   1.00 40.17 ? 16   LEU B CG  1 
ATOM   365 C  CD1 . LEU B 1 17 ? -0.871  2.292   0.962   1.00 42.86 ? 16   LEU B CD1 1 
ATOM   366 C  CD2 . LEU B 1 17 ? -1.379  0.579   2.772   1.00 45.29 ? 16   LEU B CD2 1 
ATOM   367 N  N   . GLN B 1 18 ? 1.781   4.182   4.542   1.00 35.64 ? 17   GLN B N   1 
ATOM   368 C  CA  . GLN B 1 18 ? 1.546   5.321   5.412   1.00 37.61 ? 17   GLN B CA  1 
ATOM   369 C  C   . GLN B 1 18 ? 2.279   6.564   4.841   1.00 37.15 ? 17   GLN B C   1 
ATOM   370 O  O   . GLN B 1 18 ? 1.733   7.679   4.775   1.00 38.19 ? 17   GLN B O   1 
ATOM   371 C  CB  . GLN B 1 18 ? 2.133   5.009   6.768   1.00 39.34 ? 17   GLN B CB  1 
ATOM   372 C  CG  . GLN B 1 18 ? 1.120   5.000   7.858   1.00 49.40 ? 17   GLN B CG  1 
ATOM   373 C  CD  . GLN B 1 18 ? 1.758   5.041   9.240   1.00 58.27 ? 17   GLN B CD  1 
ATOM   374 O  OE1 . GLN B 1 18 ? 2.584   4.182   9.584   1.00 61.42 ? 17   GLN B OE1 1 
ATOM   375 N  NE2 . GLN B 1 18 ? 1.365   6.032   10.047  1.00 60.67 ? 17   GLN B NE2 1 
ATOM   376 N  N   . ALA B 1 19 ? 3.510   6.337   4.416   1.00 35.23 ? 18   ALA B N   1 
ATOM   377 C  CA  . ALA B 1 19 ? 4.313   7.376   3.777   1.00 37.42 ? 18   ALA B CA  1 
ATOM   378 C  C   . ALA B 1 19 ? 3.562   7.856   2.542   1.00 36.96 ? 18   ALA B C   1 
ATOM   379 O  O   . ALA B 1 19 ? 3.377   9.054   2.372   1.00 35.47 ? 18   ALA B O   1 
ATOM   380 C  CB  . ALA B 1 19 ? 5.717   6.837   3.421   1.00 37.51 ? 18   ALA B CB  1 
ATOM   381 N  N   . CYS B 1 20 ? 3.053   6.904   1.729   1.00 36.21 ? 19   CYS B N   1 
ATOM   382 C  CA  . CYS B 1 20 ? 2.405   7.206   0.504   1.00 37.71 ? 19   CYS B CA  1 
ATOM   383 C  C   . CYS B 1 20 ? 1.198   8.060   0.806   1.00 36.79 ? 19   CYS B C   1 
ATOM   384 O  O   . CYS B 1 20 ? 0.970   9.047   0.137   1.00 37.58 ? 19   CYS B O   1 
ATOM   385 C  CB  . CYS B 1 20 ? 2.013   5.895   -0.218  1.00 37.97 ? 19   CYS B CB  1 
ATOM   386 S  SG  . CYS B 1 20 ? 1.555   6.060   -1.901  1.00 56.27 ? 19   CYS B SG  1 
ATOM   387 N  N   . GLU B 1 21 ? 0.431   7.719   1.843   1.00 36.49 ? 20   GLU B N   1 
ATOM   388 C  CA  . GLU B 1 21 ? -0.813  8.440   2.188   1.00 37.49 ? 20   GLU B CA  1 
ATOM   389 C  C   . GLU B 1 21 ? -0.489  9.825   2.737   1.00 37.15 ? 20   GLU B C   1 
ATOM   390 O  O   . GLU B 1 21 ? -1.246  10.756  2.514   1.00 37.68 ? 20   GLU B O   1 
ATOM   391 C  CB  . GLU B 1 21 ? -1.701  7.707   3.261   1.00 39.23 ? 20   GLU B CB  1 
ATOM   392 C  CG  . GLU B 1 21 ? -2.360  6.382   2.798   1.00 43.12 ? 20   GLU B CG  1 
ATOM   393 C  CD  . GLU B 1 21 ? -2.928  5.530   3.956   1.00 47.52 ? 20   GLU B CD  1 
ATOM   394 O  OE1 . GLU B 1 21 ? -2.323  5.513   5.061   1.00 46.74 ? 20   GLU B OE1 1 
ATOM   395 O  OE2 . GLU B 1 21 ? -3.970  4.860   3.754   1.00 51.27 ? 20   GLU B OE2 1 
ATOM   396 N  N   . LYS B 1 22 ? 0.593   9.944   3.483   1.00 35.72 ? 21   LYS B N   1 
ATOM   397 C  CA  . LYS B 1 22 ? 1.056   11.248  3.928   1.00 39.34 ? 21   LYS B CA  1 
ATOM   398 C  C   . LYS B 1 22 ? 1.570   12.171  2.782   1.00 38.74 ? 21   LYS B C   1 
ATOM   399 O  O   . LYS B 1 22 ? 1.291   13.402  2.790   1.00 41.57 ? 21   LYS B O   1 
ATOM   400 C  CB  . LYS B 1 22 ? 2.146   11.073  4.974   1.00 41.04 ? 21   LYS B CB  1 
ATOM   401 C  CG  . LYS B 1 22 ? 1.571   11.100  6.409   1.00 48.39 ? 21   LYS B CG  1 
ATOM   402 C  CD  . LYS B 1 22 ? 2.522   10.456  7.451   1.00 55.02 ? 21   LYS B CD  1 
ATOM   403 C  CE  . LYS B 1 22 ? 1.805   10.270  8.829   1.00 62.07 ? 21   LYS B CE  1 
ATOM   404 N  NZ  . LYS B 1 22 ? 0.656   9.296   8.735   1.00 64.83 ? 21   LYS B NZ  1 
ATOM   405 N  N   . LYS B 1 23 ? 2.281   11.596  1.808   1.00 35.13 ? 22   LYS B N   1 
ATOM   406 C  CA  . LYS B 1 23 ? 2.780   12.374  0.688   1.00 35.36 ? 22   LYS B CA  1 
ATOM   407 C  C   . LYS B 1 23 ? 1.596   12.703  -0.189  1.00 35.78 ? 22   LYS B C   1 
ATOM   408 O  O   . LYS B 1 23 ? 1.551   13.830  -0.642  1.00 37.20 ? 22   LYS B O   1 
ATOM   409 C  CB  . LYS B 1 23 ? 3.885   11.660  -0.093  1.00 35.13 ? 22   LYS B CB  1 
ATOM   410 C  CG  . LYS B 1 23 ? 5.203   11.431  0.665   1.00 36.62 ? 22   LYS B CG  1 
ATOM   411 C  CD  . LYS B 1 23 ? 6.023   10.287  0.087   1.00 40.73 ? 22   LYS B CD  1 
ATOM   412 C  CE  . LYS B 1 23 ? 7.452   10.450  0.564   1.00 52.64 ? 22   LYS B CE  1 
ATOM   413 N  NZ  . LYS B 1 23 ? 8.502   9.334   0.288   1.00 59.99 ? 22   LYS B NZ  1 
ATOM   414 N  N   . LEU B 1 24 ? 0.615   11.802  -0.421  1.00 35.45 ? 23   LEU B N   1 
ATOM   415 C  CA  . LEU B 1 24 ? -0.594  12.178  -1.208  1.00 36.89 ? 23   LEU B CA  1 
ATOM   416 C  C   . LEU B 1 24 ? -1.381  13.336  -0.572  1.00 38.13 ? 23   LEU B C   1 
ATOM   417 O  O   . LEU B 1 24 ? -1.823  14.219  -1.258  1.00 39.37 ? 23   LEU B O   1 
ATOM   418 C  CB  . LEU B 1 24 ? -1.601  11.053  -1.311  1.00 39.47 ? 23   LEU B CB  1 
ATOM   419 C  CG  . LEU B 1 24 ? -1.474  10.074  -2.410  1.00 43.10 ? 23   LEU B CG  1 
ATOM   420 C  CD1 . LEU B 1 24 ? -2.288  8.931   -1.951  1.00 48.56 ? 23   LEU B CD1 1 
ATOM   421 C  CD2 . LEU B 1 24 ? -2.138  10.822  -3.505  1.00 50.37 ? 23   LEU B CD2 1 
ATOM   422 N  N   . GLU B 1 25 ? -1.571  13.307  0.739   1.00 38.89 ? 24   GLU B N   1 
ATOM   423 C  CA  . GLU B 1 25 ? -2.266  14.366  1.457   1.00 41.19 ? 24   GLU B CA  1 
ATOM   424 C  C   . GLU B 1 25 ? -1.505  15.700  1.317   1.00 42.01 ? 24   GLU B C   1 
ATOM   425 O  O   . GLU B 1 25 ? -2.157  16.731  1.098   1.00 44.81 ? 24   GLU B O   1 
ATOM   426 C  CB  . GLU B 1 25 ? -2.432  14.011  2.935   1.00 41.73 ? 24   GLU B CB  1 
ATOM   427 C  CG  . GLU B 1 25 ? -3.423  14.918  3.735   1.00 49.52 ? 24   GLU B CG  1 
ATOM   428 C  CD  . GLU B 1 25 ? -4.904  14.753  3.332   1.00 55.29 ? 24   GLU B CD  1 
ATOM   429 O  OE1 . GLU B 1 25 ? -5.240  13.812  2.537   1.00 53.71 ? 24   GLU B OE1 1 
ATOM   430 O  OE2 . GLU B 1 25 ? -5.743  15.581  3.837   1.00 61.04 ? 24   GLU B OE2 1 
ATOM   431 N  N   . ALA B 1 26 ? -0.169  15.694  1.446   1.00 40.89 ? 25   ALA B N   1 
ATOM   432 C  CA  . ALA B 1 26 ? 0.697   16.882  1.161   1.00 42.06 ? 25   ALA B CA  1 
ATOM   433 C  C   . ALA B 1 26 ? 0.533   17.416  -0.220  1.00 43.30 ? 25   ALA B C   1 
ATOM   434 O  O   . ALA B 1 26 ? 0.374   18.639  -0.377  1.00 45.79 ? 25   ALA B O   1 
ATOM   435 C  CB  . ALA B 1 26 ? 2.180   16.585  1.402   1.00 41.87 ? 25   ALA B CB  1 
ATOM   436 N  N   . LEU B 1 27 ? 0.565   16.514  -1.222  1.00 42.59 ? 26   LEU B N   1 
ATOM   437 C  CA  . LEU B 1 27 ? 0.328   16.879  -2.598  1.00 44.15 ? 26   LEU B CA  1 
ATOM   438 C  C   . LEU B 1 27 ? -1.072  17.532  -2.705  1.00 47.35 ? 26   LEU B C   1 
ATOM   439 O  O   . LEU B 1 27 ? -1.193  18.637  -3.234  1.00 49.47 ? 26   LEU B O   1 
ATOM   440 C  CB  . LEU B 1 27 ? 0.556   15.704  -3.578  1.00 43.68 ? 26   LEU B CB  1 
ATOM   441 C  CG  . LEU B 1 27 ? 0.496   15.884  -5.101  1.00 46.77 ? 26   LEU B CG  1 
ATOM   442 C  CD1 . LEU B 1 27 ? 1.323   17.058  -5.650  1.00 47.22 ? 26   LEU B CD1 1 
ATOM   443 C  CD2 . LEU B 1 27 ? 0.849   14.608  -5.854  1.00 47.75 ? 26   LEU B CD2 1 
ATOM   444 N  N   . GLU B 1 28 ? -2.115  16.905  -2.169  1.00 48.61 ? 27   GLU B N   1 
ATOM   445 C  CA  . GLU B 1 28 ? -3.455  17.559  -2.029  1.00 52.76 ? 27   GLU B CA  1 
ATOM   446 C  C   . GLU B 1 28 ? -3.425  19.052  -1.613  1.00 54.79 ? 27   GLU B C   1 
ATOM   447 O  O   . GLU B 1 28 ? -4.125  19.874  -2.228  1.00 56.82 ? 27   GLU B O   1 
ATOM   448 C  CB  . GLU B 1 28 ? -4.407  16.712  -1.111  1.00 53.20 ? 27   GLU B CB  1 
ATOM   449 C  CG  . GLU B 1 28 ? -5.790  17.377  -0.781  1.00 60.23 ? 27   GLU B CG  1 
ATOM   450 C  CD  . GLU B 1 28 ? -6.810  16.481  -0.081  1.00 63.58 ? 27   GLU B CD  1 
ATOM   451 O  OE1 . GLU B 1 28 ? -7.705  17.007  0.635   1.00 70.35 ? 27   GLU B OE1 1 
ATOM   452 O  OE2 . GLU B 1 28 ? -6.750  15.259  -0.277  1.00 65.96 ? 27   GLU B OE2 1 
ATOM   453 N  N   . HIS B 1 29 ? -2.618  19.398  -0.596  1.00 55.89 ? 28   HIS B N   1 
ATOM   454 C  CA  . HIS B 1 29 ? -2.553  20.769  -0.039  1.00 58.48 ? 28   HIS B CA  1 
ATOM   455 C  C   . HIS B 1 29 ? -1.472  21.563  -0.726  1.00 60.43 ? 28   HIS B C   1 
ATOM   456 O  O   . HIS B 1 29 ? -1.203  22.688  -0.317  1.00 62.85 ? 28   HIS B O   1 
ATOM   457 C  CB  . HIS B 1 29 ? -2.238  20.815  1.471   1.00 59.03 ? 28   HIS B CB  1 
ATOM   458 C  CG  . HIS B 1 29 ? -3.097  19.927  2.323   1.00 58.59 ? 28   HIS B CG  1 
ATOM   459 N  ND1 . HIS B 1 29 ? -4.466  20.060  2.393   1.00 61.07 ? 28   HIS B ND1 1 
ATOM   460 C  CD2 . HIS B 1 29 ? -2.775  18.949  3.204   1.00 54.72 ? 28   HIS B CD2 1 
ATOM   461 C  CE1 . HIS B 1 29 ? -4.955  19.144  3.213   1.00 59.23 ? 28   HIS B CE1 1 
ATOM   462 N  NE2 . HIS B 1 29 ? -3.952  18.472  3.734   1.00 53.47 ? 28   HIS B NE2 1 
ATOM   463 N  N   . GLY B 1 30 ? -0.862  20.990  -1.769  1.00 61.04 ? 29   GLY B N   1 
ATOM   464 C  CA  . GLY B 1 30 ? 0.308   21.552  -2.467  1.00 62.60 ? 29   GLY B CA  1 
ATOM   465 C  C   . GLY B 1 30 ? 1.528   20.745  -2.025  1.00 63.03 ? 29   GLY B C   1 
ATOM   466 O  O   . GLY B 1 30 ? 2.527   20.660  -2.738  1.00 65.50 ? 29   GLY B O   1 
HETATM 467 C  C   . ACE C 1 1  ? -2.311  -22.880 1.304   1.00 47.29 ? 0    ACE C C   1 
HETATM 468 O  O   . ACE C 1 1  ? -1.936  -22.061 0.443   1.00 48.77 ? 0    ACE C O   1 
HETATM 469 C  CH3 . ACE C 1 1  ? -2.195  -24.365 1.044   1.00 49.60 ? 0    ACE C CH3 1 
ATOM   470 N  N   . GLU C 1 2  ? -2.621  -22.496 2.565   1.00 43.97 ? 1    GLU C N   1 
ATOM   471 C  CA  . GLU C 1 2  ? -3.061  -21.114 2.731   1.00 40.60 ? 1    GLU C CA  1 
ATOM   472 C  C   . GLU C 1 2  ? -1.848  -20.218 2.841   1.00 40.00 ? 1    GLU C C   1 
ATOM   473 O  O   . GLU C 1 2  ? -1.892  -19.115 2.369   1.00 39.60 ? 1    GLU C O   1 
ATOM   474 C  CB  . GLU C 1 2  ? -3.921  -20.926 3.970   1.00 40.54 ? 1    GLU C CB  1 
ATOM   475 C  CG  . GLU C 1 2  ? -5.151  -20.128 3.740   1.00 37.71 ? 1    GLU C CG  1 
ATOM   476 C  CD  . GLU C 1 2  ? -5.774  -19.610 5.042   1.00 37.41 ? 1    GLU C CD  1 
ATOM   477 O  OE1 . GLU C 1 2  ? -5.167  -19.697 6.142   1.00 35.14 ? 1    GLU C OE1 1 
ATOM   478 O  OE2 . GLU C 1 2  ? -6.900  -19.094 4.966   1.00 33.17 ? 1    GLU C OE2 1 
ATOM   479 N  N   . TRP C 1 3  ? -0.789  -20.672 3.477   1.00 40.17 ? 2    TRP C N   1 
ATOM   480 C  CA  . TRP C 1 3  ? 0.393   -19.894 3.586   1.00 43.49 ? 2    TRP C CA  1 
ATOM   481 C  C   . TRP C 1 3  ? 0.773   -19.326 2.215   1.00 43.61 ? 2    TRP C C   1 
ATOM   482 O  O   . TRP C 1 3  ? 0.919   -18.142 2.075   1.00 42.32 ? 2    TRP C O   1 
ATOM   483 C  CB  . TRP C 1 3  ? 1.530   -20.682 4.186   1.00 47.19 ? 2    TRP C CB  1 
ATOM   484 C  CG  . TRP C 1 3  ? 2.749   -19.883 4.366   1.00 50.11 ? 2    TRP C CG  1 
ATOM   485 C  CD1 . TRP C 1 3  ? 3.883   -19.987 3.645   1.00 54.02 ? 2    TRP C CD1 1 
ATOM   486 C  CD2 . TRP C 1 3  ? 2.980   -18.835 5.340   1.00 53.89 ? 2    TRP C CD2 1 
ATOM   487 N  NE1 . TRP C 1 3  ? 4.821   -19.077 4.095   1.00 55.24 ? 2    TRP C NE1 1 
ATOM   488 C  CE2 . TRP C 1 3  ? 4.288   -18.358 5.133   1.00 55.47 ? 2    TRP C CE2 1 
ATOM   489 C  CE3 . TRP C 1 3  ? 2.197   -18.250 6.355   1.00 54.86 ? 2    TRP C CE3 1 
ATOM   490 C  CZ2 . TRP C 1 3  ? 4.848   -17.325 5.911   1.00 61.57 ? 2    TRP C CZ2 1 
ATOM   491 C  CZ3 . TRP C 1 3  ? 2.736   -17.224 7.127   1.00 59.32 ? 2    TRP C CZ3 1 
ATOM   492 C  CH2 . TRP C 1 3  ? 4.057   -16.766 6.899   1.00 64.25 ? 2    TRP C CH2 1 
ATOM   493 N  N   . GLU C 1 4  ? 0.813   -20.155 1.197   1.00 43.89 ? 3    GLU C N   1 
ATOM   494 C  CA  . GLU C 1 4  ? 1.234   -19.705 -0.132  1.00 46.47 ? 3    GLU C CA  1 
ATOM   495 C  C   . GLU C 1 4  ? 0.282   -18.712 -0.768  1.00 43.82 ? 3    GLU C C   1 
ATOM   496 O  O   . GLU C 1 4  ? 0.645   -17.941 -1.653  1.00 44.05 ? 3    GLU C O   1 
ATOM   497 C  CB  . GLU C 1 4  ? 1.378   -20.900 -1.083  1.00 49.43 ? 3    GLU C CB  1 
ATOM   498 C  CG  . GLU C 1 4  ? 2.419   -21.965 -0.657  1.00 55.82 ? 3    GLU C CG  1 
ATOM   499 C  CD  . GLU C 1 4  ? 3.852   -21.519 -0.808  1.00 60.71 ? 3    GLU C CD  1 
ATOM   500 O  OE1 . GLU C 1 4  ? 4.240   -21.083 -1.925  1.00 64.91 ? 3    GLU C OE1 1 
ATOM   501 O  OE2 . GLU C 1 4  ? 4.591   -21.610 0.197   1.00 63.06 ? 3    GLU C OE2 1 
ATOM   502 N  N   . ALA C 1 5  ? -0.965  -18.783 -0.348  1.00 42.33 ? 4    ALA C N   1 
ATOM   503 C  CA  . ALA C 1 5  ? -1.960  -17.841 -0.816  1.00 40.45 ? 4    ALA C CA  1 
ATOM   504 C  C   . ALA C 1 5  ? -1.755  -16.485 -0.147  1.00 37.48 ? 4    ALA C C   1 
ATOM   505 O  O   . ALA C 1 5  ? -1.914  -15.495 -0.827  1.00 38.83 ? 4    ALA C O   1 
ATOM   506 C  CB  . ALA C 1 5  ? -3.389  -18.370 -0.594  1.00 40.73 ? 4    ALA C CB  1 
ATOM   507 N  N   . LEU C 1 6  ? -1.460  -16.448 1.156   1.00 35.33 ? 5    LEU C N   1 
ATOM   508 C  CA  . LEU C 1 6  ? -1.120  -15.252 1.872   1.00 36.05 ? 5    LEU C CA  1 
ATOM   509 C  C   . LEU C 1 6  ? 0.111   -14.573 1.304   1.00 36.86 ? 5    LEU C C   1 
ATOM   510 O  O   . LEU C 1 6  ? 0.167   -13.366 1.271   1.00 37.25 ? 5    LEU C O   1 
ATOM   511 C  CB  . LEU C 1 6  ? -0.791  -15.499 3.340   1.00 37.06 ? 5    LEU C CB  1 
ATOM   512 C  CG  . LEU C 1 6  ? -1.968  -15.972 4.186   1.00 42.78 ? 5    LEU C CG  1 
ATOM   513 C  CD1 . LEU C 1 6  ? -1.492  -16.380 5.617   1.00 50.09 ? 5    LEU C CD1 1 
ATOM   514 C  CD2 . LEU C 1 6  ? -3.184  -15.020 4.209   1.00 44.78 ? 5    LEU C CD2 1 
ATOM   515 N  N   . GLU C 1 7  ? 1.142   -15.334 0.985   1.00 35.73 ? 6    GLU C N   1 
ATOM   516 C  CA  . GLU C 1 7  ? 2.303   -14.778 0.383   1.00 37.40 ? 6    GLU C CA  1 
ATOM   517 C  C   . GLU C 1 7  ? 2.034   -14.231 -0.980  1.00 37.33 ? 6    GLU C C   1 
ATOM   518 O  O   . GLU C 1 7  ? 2.503   -13.181 -1.274  1.00 38.43 ? 6    GLU C O   1 
ATOM   519 C  CB  . GLU C 1 7  ? 3.418   -15.788 0.305   1.00 38.79 ? 6    GLU C CB  1 
ATOM   520 C  CG  . GLU C 1 7  ? 4.056   -16.076 1.610   1.00 38.78 ? 6    GLU C CG  1 
ATOM   521 C  CD  . GLU C 1 7  ? 5.158   -17.080 1.372   1.00 49.99 ? 6    GLU C CD  1 
ATOM   522 O  OE1 . GLU C 1 7  ? 4.931   -18.061 0.633   1.00 51.89 ? 6    GLU C OE1 1 
ATOM   523 O  OE2 . GLU C 1 7  ? 6.272   -16.890 1.853   1.00 55.86 ? 6    GLU C OE2 1 
ATOM   524 N  N   . LYS C 1 8  ? 1.288   -14.913 -1.827  1.00 38.84 ? 7    LYS C N   1 
ATOM   525 C  CA  . LYS C 1 8  ? 0.970   -14.311 -3.101  1.00 40.59 ? 7    LYS C CA  1 
ATOM   526 C  C   . LYS C 1 8  ? 0.187   -12.994 -2.996  1.00 38.76 ? 7    LYS C C   1 
ATOM   527 O  O   . LYS C 1 8  ? 0.387   -12.104 -3.826  1.00 39.35 ? 7    LYS C O   1 
ATOM   528 C  CB  . LYS C 1 8  ? 0.237   -15.288 -4.021  1.00 43.34 ? 7    LYS C CB  1 
ATOM   529 C  CG  . LYS C 1 8  ? 1.102   -16.538 -4.497  1.00 50.95 ? 7    LYS C CG  1 
ATOM   530 C  CD  . LYS C 1 8  ? 2.281   -16.195 -5.421  1.00 58.48 ? 7    LYS C CD  1 
ATOM   531 C  CE  . LYS C 1 8  ? 3.166   -17.417 -5.681  1.00 63.54 ? 7    LYS C CE  1 
ATOM   532 N  NZ  . LYS C 1 8  ? 3.876   -17.271 -6.985  1.00 72.16 ? 7    LYS C NZ  1 
ATOM   533 N  N   . LYS C 1 9  ? -0.711  -12.889 -2.008  1.00 37.26 ? 8    LYS C N   1 
ATOM   534 C  CA  . LYS C 1 9  ? -1.497  -11.706 -1.782  1.00 35.67 ? 8    LYS C CA  1 
ATOM   535 C  C   . LYS C 1 9  ? -0.555  -10.631 -1.340  1.00 34.75 ? 8    LYS C C   1 
ATOM   536 O  O   . LYS C 1 9  ? -0.755  -9.540  -1.771  1.00 36.15 ? 8    LYS C O   1 
ATOM   537 C  CB  . LYS C 1 9  ? -2.573  -11.887 -0.693  1.00 35.57 ? 8    LYS C CB  1 
ATOM   538 C  CG  . LYS C 1 9  ? -3.711  -12.704 -1.108  1.00 38.42 ? 8    LYS C CG  1 
ATOM   539 C  CD  . LYS C 1 9  ? -4.734  -12.890 -0.014  1.00 39.57 ? 8    LYS C CD  1 
ATOM   540 C  CE  . LYS C 1 9  ? -5.978  -13.461 -0.593  1.00 37.89 ? 8    LYS C CE  1 
ATOM   541 N  NZ  . LYS C 1 9  ? -7.119  -13.473 0.317   1.00 40.52 ? 8    LYS C NZ  1 
ATOM   542 N  N   . LEU C 1 10 ? 0.428   -10.914 -0.472  1.00 34.73 ? 9    LEU C N   1 
ATOM   543 C  CA  . LEU C 1 10 ? 1.421   -9.936  -0.003  1.00 36.19 ? 9    LEU C CA  1 
ATOM   544 C  C   . LEU C 1 10 ? 2.272   -9.427  -1.201  1.00 36.88 ? 9    LEU C C   1 
ATOM   545 O  O   . LEU C 1 10 ? 2.520   -8.227  -1.289  1.00 36.25 ? 9    LEU C O   1 
ATOM   546 C  CB  . LEU C 1 10 ? 2.356   -10.526 1.094   1.00 38.25 ? 9    LEU C CB  1 
ATOM   547 C  CG  . LEU C 1 10 ? 3.348   -9.607  1.851   1.00 43.66 ? 9    LEU C CG  1 
ATOM   548 C  CD1 . LEU C 1 10 ? 3.612   -9.980  3.281   1.00 45.64 ? 9    LEU C CD1 1 
ATOM   549 C  CD2 . LEU C 1 10 ? 4.654   -9.542  1.188   1.00 45.75 ? 9    LEU C CD2 1 
ATOM   550 N  N   . ALA C 1 11 ? 2.693   -10.328 -2.104  1.00 37.09 ? 10   ALA C N   1 
ATOM   551 C  CA  . ALA C 1 11 ? 3.434   -9.963  -3.318  1.00 39.83 ? 10   ALA C CA  1 
ATOM   552 C  C   . ALA C 1 11 ? 2.679   -8.995  -4.211  1.00 39.03 ? 10   ALA C C   1 
ATOM   553 O  O   . ALA C 1 11 ? 3.242   -8.007  -4.650  1.00 37.76 ? 10   ALA C O   1 
ATOM   554 C  CB  . ALA C 1 11 ? 3.792   -11.179 -4.116  1.00 42.55 ? 10   ALA C CB  1 
ATOM   555 N  N   . ALA C 1 12 ? 1.411   -9.318  -4.483  1.00 38.18 ? 11   ALA C N   1 
ATOM   556 C  CA  . ALA C 1 12 ? 0.486   -8.488  -5.233  1.00 38.08 ? 11   ALA C CA  1 
ATOM   557 C  C   . ALA C 1 12 ? 0.284   -7.119  -4.573  1.00 36.06 ? 11   ALA C C   1 
ATOM   558 O  O   . ALA C 1 12 ? 0.283   -6.136  -5.283  1.00 36.17 ? 11   ALA C O   1 
ATOM   559 C  CB  . ALA C 1 12 ? -0.865  -9.183  -5.372  1.00 38.70 ? 11   ALA C CB  1 
ATOM   560 N  N   . LEU C 1 13 ? 0.043   -7.070  -3.262  1.00 34.89 ? 12   LEU C N   1 
ATOM   561 C  CA  . LEU C 1 13 ? -0.039  -5.783  -2.552  1.00 36.09 ? 12   LEU C CA  1 
ATOM   562 C  C   . LEU C 1 13 ? 1.219   -4.969  -2.762  1.00 35.33 ? 12   LEU C C   1 
ATOM   563 O  O   . LEU C 1 13 ? 1.179   -3.787  -2.937  1.00 35.60 ? 12   LEU C O   1 
ATOM   564 C  CB  . LEU C 1 13 ? -0.220  -5.889  -1.030  1.00 37.07 ? 12   LEU C CB  1 
ATOM   565 C  CG  . LEU C 1 13 ? -1.553  -6.294  -0.463  1.00 42.86 ? 12   LEU C CG  1 
ATOM   566 C  CD1 . LEU C 1 13 ? -1.519  -6.277  1.088   1.00 47.85 ? 12   LEU C CD1 1 
ATOM   567 C  CD2 . LEU C 1 13 ? -2.536  -5.301  -1.046  1.00 48.74 ? 12   LEU C CD2 1 
ATOM   568 N  N   . GLU C 1 14 ? 2.351   -5.597  -2.685  1.00 34.68 ? 13   GLU C N   1 
ATOM   569 C  CA  . GLU C 1 14 ? 3.572   -4.859  -2.815  1.00 35.68 ? 13   GLU C CA  1 
ATOM   570 C  C   . GLU C 1 14 ? 3.826   -4.313  -4.249  1.00 37.10 ? 13   GLU C C   1 
ATOM   571 O  O   . GLU C 1 14 ? 4.487   -3.284  -4.420  1.00 36.30 ? 13   GLU C O   1 
ATOM   572 C  CB  . GLU C 1 14 ? 4.663   -5.805  -2.385  1.00 37.11 ? 13   GLU C CB  1 
ATOM   573 C  CG  . GLU C 1 14 ? 6.029   -5.385  -2.623  1.00 45.49 ? 13   GLU C CG  1 
ATOM   574 C  CD  . GLU C 1 14 ? 6.980   -6.433  -2.061  1.00 59.11 ? 13   GLU C CD  1 
ATOM   575 O  OE1 . GLU C 1 14 ? 6.550   -7.204  -1.117  1.00 63.48 ? 13   GLU C OE1 1 
ATOM   576 O  OE2 . GLU C 1 14 ? 8.130   -6.493  -2.581  1.00 63.13 ? 13   GLU C OE2 1 
ATOM   577 N  N   . SER C 1 15 ? 3.399   -5.040  -5.267  1.00 36.72 ? 14   SER C N   1 
ATOM   578 C  CA  . SER C 1 15 ? 3.398   -4.599  -6.634  1.00 39.54 ? 14   SER C CA  1 
ATOM   579 C  C   . SER C 1 15 ? 2.496   -3.437  -6.863  1.00 38.62 ? 14   SER C C   1 
ATOM   580 O  O   . SER C 1 15 ? 2.872   -2.529  -7.619  1.00 39.37 ? 14   SER C O   1 
ATOM   581 C  CB  . SER C 1 15 ? 2.833   -5.701  -7.528  1.00 43.22 ? 14   SER C CB  1 
ATOM   582 O  OG  . SER C 1 15 ? 3.692   -6.795  -7.490  1.00 50.97 ? 14   SER C OG  1 
ATOM   583 N  N   . LYS C 1 16 ? 1.287   -3.470  -6.279  1.00 37.19 ? 15   LYS C N   1 
ATOM   584 C  CA  . LYS C 1 16 ? 0.376   -2.351  -6.432  1.00 37.24 ? 15   LYS C CA  1 
ATOM   585 C  C   . LYS C 1 16 ? 0.950   -1.163  -5.665  1.00 35.51 ? 15   LYS C C   1 
ATOM   586 O  O   . LYS C 1 16 ? 0.873   -0.063  -6.132  1.00 35.14 ? 15   LYS C O   1 
ATOM   587 C  CB  . LYS C 1 16 ? -1.024  -2.699  -5.953  1.00 39.53 ? 15   LYS C CB  1 
ATOM   588 C  CG  . LYS C 1 16 ? -1.672  -3.968  -6.703  1.00 44.73 ? 15   LYS C CG  1 
ATOM   589 C  CD  . LYS C 1 16 ? -3.191  -4.099  -6.473  1.00 54.17 ? 15   LYS C CD  1 
ATOM   590 C  CE  . LYS C 1 16 ? -3.765  -5.390  -7.163  1.00 57.61 ? 15   LYS C CE  1 
ATOM   591 N  NZ  . LYS C 1 16 ? -4.565  -6.235  -6.186  1.00 63.73 ? 15   LYS C NZ  1 
ATOM   592 N  N   . LEU C 1 17 ? 1.557   -1.380  -4.506  1.00 33.37 ? 16   LEU C N   1 
ATOM   593 C  CA  . LEU C 1 17 ? 2.148   -0.241  -3.786  1.00 33.43 ? 16   LEU C CA  1 
ATOM   594 C  C   . LEU C 1 17 ? 3.297   0.450   -4.609  1.00 33.09 ? 16   LEU C C   1 
ATOM   595 O  O   . LEU C 1 17 ? 3.272   1.652   -4.795  1.00 32.58 ? 16   LEU C O   1 
ATOM   596 C  CB  . LEU C 1 17 ? 2.621   -0.637  -2.397  1.00 34.30 ? 16   LEU C CB  1 
ATOM   597 C  CG  . LEU C 1 17 ? 3.319   0.547   -1.690  1.00 37.25 ? 16   LEU C CG  1 
ATOM   598 C  CD1 . LEU C 1 17 ? 2.359   1.762   -1.476  1.00 36.73 ? 16   LEU C CD1 1 
ATOM   599 C  CD2 . LEU C 1 17 ? 3.801   0.034   -0.390  1.00 41.35 ? 16   LEU C CD2 1 
ATOM   600 N  N   . GLN C 1 18 ? 4.276   -0.323  -5.087  1.00 33.56 ? 17   GLN C N   1 
ATOM   601 C  CA  . GLN C 1 18 ? 5.327   0.113   -5.965  1.00 36.28 ? 17   GLN C CA  1 
ATOM   602 C  C   . GLN C 1 18 ? 4.747   0.863   -7.118  1.00 36.58 ? 17   GLN C C   1 
ATOM   603 O  O   . GLN C 1 18 ? 5.271   1.891   -7.486  1.00 37.68 ? 17   GLN C O   1 
ATOM   604 C  CB  . GLN C 1 18 ? 6.136   -1.083  -6.419  1.00 38.97 ? 17   GLN C CB  1 
ATOM   605 C  CG  . GLN C 1 18 ? 7.408   -0.745  -7.080  1.00 47.64 ? 17   GLN C CG  1 
ATOM   606 C  CD  . GLN C 1 18 ? 8.228   -1.997  -7.406  1.00 57.20 ? 17   GLN C CD  1 
ATOM   607 O  OE1 . GLN C 1 18 ? 8.439   -2.862  -6.536  1.00 61.84 ? 17   GLN C OE1 1 
ATOM   608 N  NE2 . GLN C 1 18 ? 8.659   -2.114  -8.659  1.00 58.65 ? 17   GLN C NE2 1 
ATOM   609 N  N   . ALA C 1 19 ? 3.624   0.414   -7.658  1.00 37.21 ? 18   ALA C N   1 
ATOM   610 C  CA  . ALA C 1 19 ? 2.995   1.126   -8.764  1.00 38.39 ? 18   ALA C CA  1 
ATOM   611 C  C   . ALA C 1 19 ? 2.335   2.457   -8.332  1.00 37.46 ? 18   ALA C C   1 
ATOM   612 O  O   . ALA C 1 19 ? 2.503   3.471   -9.028  1.00 37.08 ? 18   ALA C O   1 
ATOM   613 C  CB  . ALA C 1 19 ? 2.007   0.262   -9.489  1.00 40.62 ? 18   ALA C CB  1 
ATOM   614 N  N   . CYS C 1 20 ? 1.615   2.470   -7.207  1.00 35.94 ? 19   CYS C N   1 
ATOM   615 C  CA  . CYS C 1 20 ? 1.116   3.700   -6.633  1.00 37.46 ? 19   CYS C CA  1 
ATOM   616 C  C   . CYS C 1 20 ? 2.318   4.646   -6.243  1.00 34.06 ? 19   CYS C C   1 
ATOM   617 O  O   . CYS C 1 20 ? 2.261   5.855   -6.435  1.00 34.22 ? 19   CYS C O   1 
ATOM   618 C  CB  . CYS C 1 20 ? 0.119   3.319   -5.499  1.00 38.87 ? 19   CYS C CB  1 
ATOM   619 S  SG  . CYS C 1 20 ? -0.417  4.574   -4.239  1.00 59.00 ? 19   CYS C SG  1 
ATOM   620 N  N   . GLU C 1 21 ? 3.434   4.120   -5.782  1.00 31.91 ? 20   GLU C N   1 
ATOM   621 C  CA  . GLU C 1 21 ? 4.557   4.992   -5.459  1.00 31.81 ? 20   GLU C CA  1 
ATOM   622 C  C   . GLU C 1 21 ? 5.160   5.683   -6.700  1.00 33.17 ? 20   GLU C C   1 
ATOM   623 O  O   . GLU C 1 21 ? 5.464   6.878   -6.641  1.00 33.02 ? 20   GLU C O   1 
ATOM   624 C  CB  . GLU C 1 21 ? 5.653   4.320   -4.659  1.00 31.72 ? 20   GLU C CB  1 
ATOM   625 C  CG  . GLU C 1 21 ? 5.302   4.029   -3.215  1.00 33.79 ? 20   GLU C CG  1 
ATOM   626 C  CD  . GLU C 1 21 ? 6.313   3.083   -2.625  1.00 43.65 ? 20   GLU C CD  1 
ATOM   627 O  OE1 . GLU C 1 21 ? 6.893   2.276   -3.413  1.00 46.42 ? 20   GLU C OE1 1 
ATOM   628 O  OE2 . GLU C 1 21 ? 6.550   3.137   -1.396  1.00 49.67 ? 20   GLU C OE2 1 
ATOM   629 N  N   . LYS C 1 22 ? 5.348   4.933   -7.785  1.00 34.53 ? 21   LYS C N   1 
ATOM   630 C  CA  . LYS C 1 22 ? 5.817   5.461   -9.083  1.00 36.87 ? 21   LYS C CA  1 
ATOM   631 C  C   . LYS C 1 22 ? 4.844   6.475   -9.660  1.00 35.97 ? 21   LYS C C   1 
ATOM   632 O  O   . LYS C 1 22 ? 5.299   7.506   -10.130 1.00 38.27 ? 21   LYS C O   1 
ATOM   633 C  CB  . LYS C 1 22 ? 6.184   4.369   -10.098 1.00 39.05 ? 21   LYS C CB  1 
ATOM   634 C  CG  . LYS C 1 22 ? 7.434   3.496   -9.744  1.00 45.68 ? 21   LYS C CG  1 
ATOM   635 C  CD  . LYS C 1 22 ? 7.646   2.426   -10.867 1.00 52.67 ? 21   LYS C CD  1 
ATOM   636 C  CE  . LYS C 1 22 ? 8.844   1.454   -10.748 1.00 60.15 ? 21   LYS C CE  1 
ATOM   637 N  NZ  . LYS C 1 22 ? 8.756   0.545   -11.955 1.00 58.21 ? 21   LYS C NZ  1 
ATOM   638 N  N   . LYS C 1 23 ? 3.533   6.232   -9.603  1.00 34.83 ? 22   LYS C N   1 
ATOM   639 C  CA  . LYS C 1 23 ? 2.566   7.258   -10.013 1.00 34.61 ? 22   LYS C CA  1 
ATOM   640 C  C   . LYS C 1 23 ? 2.595   8.534   -9.167  1.00 32.43 ? 22   LYS C C   1 
ATOM   641 O  O   . LYS C 1 23 ? 2.441   9.630   -9.689  1.00 33.49 ? 22   LYS C O   1 
ATOM   642 C  CB  . LYS C 1 23 ? 1.162   6.704   -9.992  1.00 37.01 ? 22   LYS C CB  1 
ATOM   643 C  CG  . LYS C 1 23 ? 0.149   7.518   -10.759 1.00 41.22 ? 22   LYS C CG  1 
ATOM   644 C  CD  . LYS C 1 23 ? -0.971  6.530   -11.203 1.00 50.41 ? 22   LYS C CD  1 
ATOM   645 C  CE  . LYS C 1 23 ? -2.206  7.319   -11.466 1.00 57.45 ? 22   LYS C CE  1 
ATOM   646 N  NZ  . LYS C 1 23 ? -3.360  6.603   -12.203 1.00 64.31 ? 22   LYS C NZ  1 
ATOM   647 N  N   . LEU C 1 24 ? 2.760   8.392   -7.868  1.00 30.11 ? 23   LEU C N   1 
ATOM   648 C  CA  . LEU C 1 24 ? 2.879   9.527   -6.996  1.00 30.69 ? 23   LEU C CA  1 
ATOM   649 C  C   . LEU C 1 24 ? 4.132   10.368  -7.302  1.00 29.39 ? 23   LEU C C   1 
ATOM   650 O  O   . LEU C 1 24 ? 3.998   11.546  -7.408  1.00 29.25 ? 23   LEU C O   1 
ATOM   651 C  CB  . LEU C 1 24 ? 2.758   9.147   -5.518  1.00 32.22 ? 23   LEU C CB  1 
ATOM   652 C  CG  . LEU C 1 24 ? 2.975   10.234  -4.496  1.00 33.46 ? 23   LEU C CG  1 
ATOM   653 C  CD1 . LEU C 1 24 ? 1.923   11.232  -4.611  1.00 30.69 ? 23   LEU C CD1 1 
ATOM   654 C  CD2 . LEU C 1 24 ? 2.873   9.435   -3.198  1.00 36.95 ? 23   LEU C CD2 1 
ATOM   655 N  N   . GLU C 1 25 ? 5.311   9.780   -7.492  1.00 27.82 ? 24   GLU C N   1 
ATOM   656 C  CA  . GLU C 1 25 ? 6.473   10.527  -7.909  1.00 29.30 ? 24   GLU C CA  1 
ATOM   657 C  C   . GLU C 1 25 ? 6.219   11.286  -9.219  1.00 31.33 ? 24   GLU C C   1 
ATOM   658 O  O   . GLU C 1 25 ? 6.684   12.432  -9.363  1.00 32.70 ? 24   GLU C O   1 
ATOM   659 C  CB  . GLU C 1 25 ? 7.743   9.646   -8.004  1.00 27.90 ? 24   GLU C CB  1 
ATOM   660 C  CG  . GLU C 1 25 ? 8.113   9.070   -6.565  1.00 33.11 ? 24   GLU C CG  1 
ATOM   661 C  CD  . GLU C 1 25 ? 8.453   10.190  -5.607  1.00 34.72 ? 24   GLU C CD  1 
ATOM   662 O  OE1 . GLU C 1 25 ? 8.028   10.270  -4.427  1.00 26.35 ? 24   GLU C OE1 1 
ATOM   663 O  OE2 . GLU C 1 25 ? 9.127   11.098  -6.107  1.00 30.41 ? 24   GLU C OE2 1 
ATOM   664 N  N   . ALA C 1 26 ? 5.514   10.687  -10.171 1.00 32.52 ? 25   ALA C N   1 
ATOM   665 C  CA  . ALA C 1 26 ? 5.293   11.331  -11.482 1.00 35.39 ? 25   ALA C CA  1 
ATOM   666 C  C   . ALA C 1 26 ? 4.393   12.515  -11.272 1.00 35.76 ? 25   ALA C C   1 
ATOM   667 O  O   . ALA C 1 26 ? 4.580   13.512  -11.936 1.00 36.65 ? 25   ALA C O   1 
ATOM   668 C  CB  . ALA C 1 26 ? 4.598   10.371  -12.496 1.00 37.78 ? 25   ALA C CB  1 
ATOM   669 N  N   . LEU C 1 27 ? 3.427   12.416  -10.344 1.00 35.44 ? 26   LEU C N   1 
ATOM   670 C  CA  . LEU C 1 27 ? 2.553   13.555  -10.072 1.00 37.30 ? 26   LEU C CA  1 
ATOM   671 C  C   . LEU C 1 27 ? 3.237   14.628  -9.282  1.00 36.72 ? 26   LEU C C   1 
ATOM   672 O  O   . LEU C 1 27 ? 2.892   15.761  -9.481  1.00 39.01 ? 26   LEU C O   1 
ATOM   673 C  CB  . LEU C 1 27 ? 1.252   13.225  -9.380  1.00 38.44 ? 26   LEU C CB  1 
ATOM   674 C  CG  . LEU C 1 27 ? 0.345   12.289  -10.137 1.00 43.38 ? 26   LEU C CG  1 
ATOM   675 C  CD1 . LEU C 1 27 ? -0.938  11.940  -9.290  1.00 51.90 ? 26   LEU C CD1 1 
ATOM   676 C  CD2 . LEU C 1 27 ? -0.047  12.911  -11.459 1.00 52.01 ? 26   LEU C CD2 1 
ATOM   677 N  N   . GLU C 1 28 ? 4.159   14.282  -8.379  1.00 34.81 ? 27   GLU C N   1 
ATOM   678 C  CA  . GLU C 1 28 ? 4.838   15.289  -7.594  1.00 33.84 ? 27   GLU C CA  1 
ATOM   679 C  C   . GLU C 1 28 ? 5.752   16.106  -8.449  1.00 33.15 ? 27   GLU C C   1 
ATOM   680 O  O   . GLU C 1 28 ? 5.886   17.251  -8.215  1.00 35.55 ? 27   GLU C O   1 
ATOM   681 C  CB  . GLU C 1 28 ? 5.668   14.702  -6.458  1.00 32.69 ? 27   GLU C CB  1 
ATOM   682 C  CG  . GLU C 1 28 ? 4.880   14.138  -5.377  1.00 34.30 ? 27   GLU C CG  1 
ATOM   683 C  CD  . GLU C 1 28 ? 5.753   13.431  -4.339  1.00 35.07 ? 27   GLU C CD  1 
ATOM   684 O  OE1 . GLU C 1 28 ? 6.688   12.709  -4.650  1.00 33.01 ? 27   GLU C OE1 1 
ATOM   685 O  OE2 . GLU C 1 28 ? 5.469   13.512  -3.180  1.00 37.01 ? 27   GLU C OE2 1 
ATOM   686 N  N   . HIS C 1 29 ? 6.369   15.514  -9.450  1.00 32.71 ? 28   HIS C N   1 
ATOM   687 C  CA  . HIS C 1 29 ? 7.519   16.066  -10.101 1.00 33.63 ? 28   HIS C CA  1 
ATOM   688 C  C   . HIS C 1 29 ? 7.331   16.361  -11.602 1.00 36.65 ? 28   HIS C C   1 
ATOM   689 O  O   . HIS C 1 29 ? 8.224   16.863  -12.244 1.00 37.28 ? 28   HIS C O   1 
ATOM   690 C  CB  . HIS C 1 29 ? 8.785   15.180  -9.847  1.00 32.80 ? 28   HIS C CB  1 
ATOM   691 C  CG  . HIS C 1 29 ? 9.073   14.932  -8.384  1.00 31.58 ? 28   HIS C CG  1 
ATOM   692 N  ND1 . HIS C 1 29 ? 9.497   15.924  -7.521  1.00 29.08 ? 28   HIS C ND1 1 
ATOM   693 C  CD2 . HIS C 1 29 ? 9.048   13.790  -7.656  1.00 26.26 ? 28   HIS C CD2 1 
ATOM   694 C  CE1 . HIS C 1 29 ? 9.670   15.414  -6.314  1.00 27.88 ? 28   HIS C CE1 1 
ATOM   695 N  NE2 . HIS C 1 29 ? 9.432   14.112  -6.375  1.00 26.80 ? 28   HIS C NE2 1 
ATOM   696 N  N   . GLY C 1 30 ? 6.188   16.013  -12.146 1.00 39.31 ? 29   GLY C N   1 
ATOM   697 C  CA  . GLY C 1 30 ? 5.820   16.291  -13.542 1.00 46.34 ? 29   GLY C CA  1 
ATOM   698 C  C   . GLY C 1 30 ? 6.451   15.284  -14.476 1.00 50.86 ? 29   GLY C C   1 
ATOM   699 O  O   . GLY C 1 30 ? 7.128   14.348  -14.001 1.00 52.96 ? 29   GLY C O   1 
HETATM 700 ZN ZN  . ZN  D 2 .  ? 2.841   -11.386 15.810  1.00 60.29 ? 1030 ZN  B ZN  1 
HETATM 701 ZN ZN  . ZN  E 2 .  ? 6.221   -11.755 15.661  1.00 58.24 ? 1031 ZN  B ZN  1 
HETATM 702 ZN ZN  . ZN  F 2 .  ? -7.345  15.987  2.528   1.00 63.40 ? 1032 ZN  B ZN  1 
HETATM 703 ZN ZN  . ZN  G 2 .  ? -5.181  17.486  4.954   1.00 56.90 ? 1033 ZN  B ZN  1 
HETATM 704 ZN ZN  . ZN  H 2 .  ? 9.761   17.874  -7.743  1.00 35.58 ? 1030 ZN  C ZN  1 
HETATM 705 ZN ZN  . ZN  I 2 .  ? 7.849   11.873  -3.554  1.00 34.55 ? 1031 ZN  C ZN  1 
HETATM 706 O  O   . HOH J 3 .  ? -1.429  -8.716  14.810  1.00 38.42 ? 2001 HOH A O   1 
HETATM 707 O  O   . HOH J 3 .  ? -1.993  -5.733  15.677  1.00 58.45 ? 2002 HOH A O   1 
HETATM 708 O  O   . HOH J 3 .  ? -4.584  -1.357  8.930   1.00 56.45 ? 2003 HOH A O   1 
HETATM 709 O  O   . HOH J 3 .  ? -6.420  2.253   10.489  1.00 80.71 ? 2004 HOH A O   1 
HETATM 710 O  O   . HOH J 3 .  ? -3.625  12.280  -16.764 1.00 61.95 ? 2005 HOH A O   1 
HETATM 711 O  O   . HOH K 3 .  ? 9.144   -17.542 12.519  1.00 70.52 ? 2001 HOH B O   1 
HETATM 712 O  O   . HOH K 3 .  ? 11.852  -6.442  16.317  1.00 61.98 ? 2002 HOH B O   1 
HETATM 713 O  O   . HOH K 3 .  ? 0.422   18.402  -8.809  1.00 75.22 ? 2003 HOH B O   1 
HETATM 714 O  O   . HOH K 3 .  ? -2.117  17.932  -9.328  1.00 63.44 ? 2004 HOH B O   1 
HETATM 715 O  O   . HOH K 3 .  ? 1.823   -4.713  11.158  1.00 48.36 ? 2005 HOH B O   1 
HETATM 716 O  O   . HOH K 3 .  ? 12.390  -0.998  0.417   1.00 64.22 ? 2006 HOH B O   1 
HETATM 717 O  O   . HOH K 3 .  ? 3.161   1.833   10.504  1.00 57.82 ? 2007 HOH B O   1 
HETATM 718 O  O   . HOH K 3 .  ? -1.669  18.436  -6.828  1.00 57.87 ? 2008 HOH B O   1 
HETATM 719 O  O   . HOH L 3 .  ? -6.729  -13.007 3.431   1.00 50.72 ? 2001 HOH C O   1 
HETATM 720 O  O   . HOH L 3 .  ? -6.707  -16.799 0.712   1.00 53.19 ? 2002 HOH C O   1 
HETATM 721 O  O   . HOH L 3 .  ? 5.953   7.884   -3.832  1.00 45.44 ? 2003 HOH C O   1 
HETATM 722 O  O   . HOH L 3 .  ? 3.717   15.174  -1.879  1.00 43.64 ? 2004 HOH C O   1 
HETATM 723 O  O   . HOH L 3 .  ? 8.839   18.669  -7.067  1.00 32.86 ? 2005 HOH C O   1 
HETATM 724 O  O   . HOH L 3 .  ? 7.253   11.780  -1.842  1.00 49.63 ? 2006 HOH C O   1 
# 
loop_
_atom_site_anisotrop.id 
_atom_site_anisotrop.type_symbol 
_atom_site_anisotrop.pdbx_label_atom_id 
_atom_site_anisotrop.pdbx_label_alt_id 
_atom_site_anisotrop.pdbx_label_comp_id 
_atom_site_anisotrop.pdbx_label_asym_id 
_atom_site_anisotrop.pdbx_label_seq_id 
_atom_site_anisotrop.pdbx_PDB_ins_code 
_atom_site_anisotrop.U[1][1] 
_atom_site_anisotrop.U[2][2] 
_atom_site_anisotrop.U[3][3] 
_atom_site_anisotrop.U[1][2] 
_atom_site_anisotrop.U[1][3] 
_atom_site_anisotrop.U[2][3] 
_atom_site_anisotrop.pdbx_auth_seq_id 
_atom_site_anisotrop.pdbx_auth_comp_id 
_atom_site_anisotrop.pdbx_auth_asym_id 
_atom_site_anisotrop.pdbx_auth_atom_id 
1   C  C   . ACE A 1  ? 0.5809 0.5598 0.3963 -0.0806 0.0455  0.0386  0    ACE A C   
2   O  O   . ACE A 1  ? 0.5182 0.5167 0.3831 -0.0972 0.0559  0.0221  0    ACE A O   
3   C  CH3 . ACE A 1  ? 0.6504 0.5793 0.4068 -0.0795 0.0773  0.0686  0    ACE A CH3 
4   N  N   . GLU A 2  ? 0.5929 0.5814 0.4233 -0.0633 0.0157  0.0402  1    GLU A N   
5   C  CA  . GLU A 2  ? 0.5596 0.5943 0.4606 -0.0647 -0.0031 0.0187  1    GLU A CA  
6   C  C   . GLU A 2  ? 0.5126 0.5450 0.4575 -0.0724 0.0179  0.0209  1    GLU A C   
7   O  O   . GLU A 2  ? 0.4909 0.5401 0.4710 -0.0840 0.0276  0.0081  1    GLU A O   
8   C  CB  . GLU A 2  ? 0.6018 0.6564 0.5187 -0.0379 -0.0394 0.0168  1    GLU A CB  
9   C  CG  . GLU A 2  ? 0.6703 0.7497 0.5758 -0.0268 -0.0826 -0.0075 1    GLU A CG  
10  C  CD  . GLU A 2  ? 0.5841 0.7274 0.6033 -0.0383 -0.0994 -0.0385 1    GLU A CD  
11  O  OE1 . GLU A 2  ? 0.6043 0.7642 0.6400 -0.0517 -0.1184 -0.0675 1    GLU A OE1 
12  O  OE2 . GLU A 2  ? 0.5382 0.7102 0.6327 -0.0351 -0.0871 -0.0349 1    GLU A OE2 
13  N  N   . TRP A 3  ? 0.5092 0.5088 0.4417 -0.0623 0.0242  0.0364  2    TRP A N   
14  C  CA  . TRP A 3  ? 0.4933 0.4785 0.4457 -0.0639 0.0380  0.0306  2    TRP A CA  
15  C  C   . TRP A 3  ? 0.4722 0.4537 0.4261 -0.0813 0.0479  0.0181  2    TRP A C   
16  O  O   . TRP A 3  ? 0.4559 0.4386 0.4146 -0.0779 0.0534  0.0094  2    TRP A O   
17  C  CB  . TRP A 3  ? 0.5296 0.4674 0.4682 -0.0551 0.0383  0.0405  2    TRP A CB  
18  C  CG  . TRP A 3  ? 0.5352 0.4524 0.4809 -0.0442 0.0408  0.0252  2    TRP A CG  
19  C  CD1 . TRP A 3  ? 0.5443 0.4401 0.4871 -0.0520 0.0384  0.0083  2    TRP A CD1 
20  C  CD2 . TRP A 3  ? 0.5783 0.4906 0.5267 -0.0156 0.0428  0.0205  2    TRP A CD2 
21  N  NE1 . TRP A 3  ? 0.5862 0.4521 0.5079 -0.0276 0.0346  -0.0068 2    TRP A NE1 
22  C  CE2 . TRP A 3  ? 0.5812 0.4573 0.5050 -0.0059 0.0448  0.0016  2    TRP A CE2 
23  C  CE3 . TRP A 3  ? 0.6306 0.5666 0.6021 0.0087  0.0402  0.0259  2    TRP A CE3 
24  C  CZ2 . TRP A 3  ? 0.6838 0.5397 0.5889 0.0261  0.0537  -0.0096 2    TRP A CZ2 
25  C  CZ3 . TRP A 3  ? 0.7120 0.6407 0.6905 0.0387  0.0524  0.0144  2    TRP A CZ3 
26  C  CH2 . TRP A 3  ? 0.7631 0.6478 0.6996 0.0472  0.0642  -0.0023 2    TRP A CH2 
27  N  N   . GLU A 4  ? 0.4515 0.4255 0.4005 -0.0957 0.0534  0.0182  3    GLU A N   
28  C  CA  . GLU A 4  ? 0.4419 0.4213 0.4086 -0.1055 0.0559  0.0008  3    GLU A CA  
29  C  C   . GLU A 4  ? 0.4436 0.4423 0.4076 -0.1077 0.0550  -0.0101 3    GLU A C   
30  O  O   . GLU A 4  ? 0.4514 0.4414 0.4223 -0.1039 0.0498  -0.0236 3    GLU A O   
31  C  CB  . GLU A 4  ? 0.4487 0.4281 0.4377 -0.1210 0.0720  0.0008  3    GLU A CB  
32  C  CG  . GLU A 4  ? 0.4634 0.4145 0.4815 -0.1263 0.0709  0.0021  3    GLU A CG  
33  C  CD  . GLU A 4  ? 0.4461 0.3966 0.5122 -0.1508 0.1010  0.0055  3    GLU A CD  
34  O  OE1 . GLU A 4  ? 0.4552 0.4312 0.5268 -0.1597 0.1288  0.0063  3    GLU A OE1 
35  O  OE2 . GLU A 4  ? 0.5500 0.4722 0.6571 -0.1619 0.1006  0.0042  3    GLU A OE2 
36  N  N   . ALA A 5  ? 0.4422 0.4586 0.3947 -0.1099 0.0529  -0.0080 4    ALA A N   
37  C  CA  . ALA A 5  ? 0.4460 0.4712 0.4072 -0.1148 0.0484  -0.0229 4    ALA A CA  
38  C  C   . ALA A 5  ? 0.4382 0.4537 0.4186 -0.1141 0.0540  -0.0187 4    ALA A C   
39  O  O   . ALA A 5  ? 0.4755 0.4672 0.4536 -0.1164 0.0601  -0.0235 4    ALA A O   
40  C  CB  . ALA A 5  ? 0.4535 0.4973 0.4028 -0.1153 0.0333  -0.0321 4    ALA A CB  
41  N  N   . LEU A 6  ? 0.4338 0.4589 0.4269 -0.1070 0.0582  -0.0078 5    LEU A N   
42  C  CA  . LEU A 6  ? 0.4353 0.4493 0.4408 -0.1030 0.0814  -0.0005 5    LEU A CA  
43  C  C   . LEU A 6  ? 0.4648 0.4267 0.4155 -0.0886 0.0892  0.0032  5    LEU A C   
44  O  O   . LEU A 6  ? 0.4989 0.4245 0.4251 -0.0850 0.1109  0.0109  5    LEU A O   
45  C  CB  . LEU A 6  ? 0.4448 0.4785 0.4706 -0.0882 0.0871  0.0060  5    LEU A CB  
46  C  CG  . LEU A 6  ? 0.5184 0.5492 0.5645 -0.0834 0.1275  0.0128  5    LEU A CG  
47  C  CD1 . LEU A 6  ? 0.5381 0.6310 0.6857 -0.0993 0.1337  0.0046  5    LEU A CD1 
48  C  CD2 . LEU A 6  ? 0.5863 0.6018 0.6051 -0.0550 0.1379  0.0162  5    LEU A CD2 
49  N  N   . GLU A 7  ? 0.4310 0.3811 0.3604 -0.0782 0.0702  -0.0026 6    GLU A N   
50  C  CA  . GLU A 7  ? 0.4681 0.3725 0.3517 -0.0582 0.0594  -0.0101 6    GLU A CA  
51  C  C   . GLU A 7  ? 0.4868 0.3714 0.3575 -0.0569 0.0491  -0.0174 6    GLU A C   
52  O  O   . GLU A 7  ? 0.5355 0.3659 0.3467 -0.0321 0.0432  -0.0171 6    GLU A O   
53  C  CB  . GLU A 7  ? 0.4385 0.3422 0.3360 -0.0547 0.0346  -0.0242 6    GLU A CB  
54  C  CG  . GLU A 7  ? 0.4891 0.3773 0.3743 -0.0413 0.0374  -0.0218 6    GLU A CG  
55  C  CD  . GLU A 7  ? 0.4940 0.3677 0.4058 -0.0447 0.0114  -0.0390 6    GLU A CD  
56  O  OE1 . GLU A 7  ? 0.4515 0.3502 0.4118 -0.0680 0.0100  -0.0404 6    GLU A OE1 
57  O  OE2 . GLU A 7  ? 0.4784 0.3138 0.3686 -0.0256 -0.0048 -0.0546 6    GLU A OE2 
58  N  N   . LYS A 8  ? 0.4521 0.3704 0.3646 -0.0753 0.0450  -0.0252 7    LYS A N   
59  C  CA  . LYS A 8  ? 0.5145 0.4142 0.4233 -0.0683 0.0335  -0.0373 7    LYS A CA  
60  C  C   . LYS A 8  ? 0.5513 0.4099 0.4347 -0.0713 0.0524  -0.0237 7    LYS A C   
61  O  O   . LYS A 8  ? 0.5939 0.4042 0.4473 -0.0555 0.0444  -0.0253 7    LYS A O   
62  C  CB  . LYS A 8  ? 0.4811 0.4259 0.4378 -0.0818 0.0312  -0.0548 7    LYS A CB  
63  C  CG  . LYS A 8  ? 0.5444 0.5260 0.5447 -0.0864 0.0281  -0.0651 7    LYS A CG  
64  C  CD  . LYS A 8  ? 0.6534 0.6231 0.6758 -0.0660 -0.0030 -0.0856 7    LYS A CD  
65  C  CE  . LYS A 8  ? 0.6884 0.6739 0.7575 -0.0765 -0.0086 -0.0927 7    LYS A CE  
66  N  NZ  . LYS A 8  ? 0.7247 0.6646 0.7419 -0.0587 -0.0302 -0.0902 7    LYS A NZ  
234 C  C   . ACE B 1  ? 0.6598 0.6694 0.9506 -0.0073 -0.0451 0.0591  0    ACE B C   
235 O  O   . ACE B 1  ? 0.6491 0.6817 0.9470 -0.0118 -0.0492 0.0567  0    ACE B O   
236 C  CH3 . ACE B 1  ? 0.6678 0.6790 1.0157 0.0006  -0.0566 0.0746  0    ACE B CH3 
237 N  N   . GLU B 2  ? 0.6808 0.6504 0.9191 -0.0076 -0.0357 0.0486  1    GLU B N   
238 C  CA  . GLU B 2  ? 0.6735 0.6213 0.8572 -0.0128 -0.0290 0.0341  1    GLU B CA  
239 C  C   . GLU B 2  ? 0.6223 0.6136 0.8033 -0.0283 -0.0432 0.0399  1    GLU B C   
240 O  O   . GLU B 2  ? 0.6152 0.6061 0.7728 -0.0309 -0.0345 0.0297  1    GLU B O   
241 C  CB  . GLU B 2  ? 0.7380 0.6108 0.8625 -0.0134 -0.0448 0.0254  1    GLU B CB  
242 C  CG  . GLU B 2  ? 0.7880 0.5714 0.8573 0.0136  -0.0203 0.0125  1    GLU B CG  
243 C  CD  . GLU B 2  ? 0.8618 0.5577 0.8277 0.0292  -0.0027 -0.0067 1    GLU B CD  
244 O  OE1 . GLU B 2  ? 0.9011 0.5890 0.8631 0.0542  0.0539  -0.0062 1    GLU B OE1 
245 O  OE2 . GLU B 2  ? 0.8339 0.4601 0.7257 0.0182  -0.0469 -0.0175 1    GLU B OE2 
246 N  N   . TRP B 3  ? 0.5847 0.6007 0.7788 -0.0322 -0.0571 0.0585  2    TRP B N   
247 C  CA  . TRP B 3  ? 0.5644 0.5974 0.7401 -0.0361 -0.0545 0.0719  2    TRP B CA  
248 C  C   . TRP B 3  ? 0.5577 0.6010 0.7075 -0.0324 -0.0505 0.0614  2    TRP B C   
249 O  O   . TRP B 3  ? 0.5421 0.5914 0.6762 -0.0353 -0.0397 0.0598  2    TRP B O   
250 C  CB  . TRP B 3  ? 0.5800 0.6117 0.7503 -0.0289 -0.0538 0.1005  2    TRP B CB  
251 C  CG  . TRP B 3  ? 0.6051 0.6383 0.7476 -0.0207 -0.0293 0.1216  2    TRP B CG  
252 C  CD1 . TRP B 3  ? 0.6641 0.6694 0.7311 -0.0012 -0.0187 0.1269  2    TRP B CD1 
253 C  CD2 . TRP B 3  ? 0.5592 0.6080 0.7474 -0.0275 -0.0129 0.1432  2    TRP B CD2 
254 N  NE1 . TRP B 3  ? 0.6886 0.6912 0.7446 0.0108  0.0209  0.1522  2    TRP B NE1 
255 C  CE2 . TRP B 3  ? 0.6051 0.6463 0.7563 -0.0074 0.0246  0.1658  2    TRP B CE2 
256 C  CE3 . TRP B 3  ? 0.5323 0.5860 0.7876 -0.0470 -0.0336 0.1481  2    TRP B CE3 
257 C  CZ2 . TRP B 3  ? 0.6006 0.6603 0.8115 -0.0063 0.0535  0.1993  2    TRP B CZ2 
258 C  CZ3 . TRP B 3  ? 0.5539 0.6225 0.8714 -0.0523 -0.0250 0.1794  2    TRP B CZ3 
259 C  CH2 . TRP B 3  ? 0.5748 0.6571 0.8864 -0.0320 0.0245  0.2085  2    TRP B CH2 
260 N  N   . GLU B 4  ? 0.5597 0.5997 0.7132 -0.0267 -0.0678 0.0578  3    GLU B N   
261 C  CA  . GLU B 4  ? 0.5790 0.6124 0.7092 -0.0249 -0.0821 0.0498  3    GLU B CA  
262 C  C   . GLU B 4  ? 0.5414 0.5955 0.7178 -0.0312 -0.0689 0.0354  3    GLU B C   
263 O  O   . GLU B 4  ? 0.5570 0.6107 0.7173 -0.0333 -0.0719 0.0279  3    GLU B O   
264 C  CB  . GLU B 4  ? 0.6343 0.6400 0.7625 -0.0200 -0.1265 0.0557  3    GLU B CB  
265 C  CG  . GLU B 4  ? 0.7555 0.7060 0.7913 -0.0108 -0.1553 0.0535  3    GLU B CG  
266 C  CD  . GLU B 4  ? 0.8821 0.7741 0.8105 0.0095  -0.1498 0.0698  3    GLU B CD  
267 O  OE1 . GLU B 4  ? 0.8817 0.7970 0.8136 0.0140  -0.1016 0.0854  3    GLU B OE1 
268 O  OE2 . GLU B 4  ? 1.0410 0.8507 0.8787 0.0232  -0.1963 0.0712  3    GLU B OE2 
269 N  N   . ALA B 5  ? 0.5091 0.5674 0.7307 -0.0290 -0.0483 0.0339  4    ALA B N   
270 C  CA  . ALA B 5  ? 0.5033 0.5590 0.7425 -0.0249 -0.0163 0.0259  4    ALA B CA  
271 C  C   . ALA B 5  ? 0.5070 0.5501 0.6813 -0.0306 -0.0063 0.0138  4    ALA B C   
272 O  O   . ALA B 5  ? 0.4860 0.5354 0.6565 -0.0323 0.0032  0.0080  4    ALA B O   
273 C  CB  . ALA B 5  ? 0.5249 0.5530 0.7822 -0.0094 0.0150  0.0288  4    ALA B CB  
274 N  N   . LEU B 6  ? 0.5101 0.5338 0.6491 -0.0350 -0.0146 0.0147  5    LEU B N   
275 C  CA  . LEU B 6  ? 0.5131 0.5265 0.6190 -0.0438 -0.0203 0.0126  5    LEU B CA  
276 C  C   . LEU B 6  ? 0.4895 0.5377 0.5972 -0.0474 -0.0197 0.0191  5    LEU B C   
277 O  O   . LEU B 6  ? 0.5102 0.5571 0.6030 -0.0504 -0.0141 0.0124  5    LEU B O   
278 C  CB  . LEU B 6  ? 0.5322 0.5206 0.6377 -0.0514 -0.0432 0.0229  5    LEU B CB  
279 C  CG  . LEU B 6  ? 0.5722 0.5392 0.6658 -0.0624 -0.0625 0.0253  5    LEU B CG  
280 C  CD1 . LEU B 6  ? 0.6405 0.5247 0.6909 -0.0650 -0.0969 0.0171  5    LEU B CD1 
281 C  CD2 . LEU B 6  ? 0.5770 0.5884 0.7333 -0.0704 -0.0659 0.0570  5    LEU B CD2 
282 N  N   . GLU B 7  ? 0.4710 0.5316 0.5778 -0.0418 -0.0235 0.0314  6    GLU B N   
283 C  CA  . GLU B 7  ? 0.4761 0.5351 0.5478 -0.0343 -0.0176 0.0363  6    GLU B CA  
284 C  C   . GLU B 7  ? 0.4740 0.5313 0.5378 -0.0358 -0.0256 0.0175  6    GLU B C   
285 O  O   . GLU B 7  ? 0.4716 0.5249 0.5091 -0.0336 -0.0170 0.0147  6    GLU B O   
286 C  CB  . GLU B 7  ? 0.5091 0.5425 0.5385 -0.0192 -0.0218 0.0504  6    GLU B CB  
287 C  CG  . GLU B 7  ? 0.5004 0.5285 0.5237 -0.0076 0.0072  0.0817  6    GLU B CG  
288 C  CD  . GLU B 7  ? 0.5749 0.5511 0.5212 0.0164  0.0108  0.0966  6    GLU B CD  
289 O  OE1 . GLU B 7  ? 0.6287 0.5797 0.5475 0.0154  -0.0285 0.0810  6    GLU B OE1 
290 O  OE2 . GLU B 7  ? 0.5971 0.5463 0.5082 0.0404  0.0542  0.1295  6    GLU B OE2 
291 N  N   . LYS B 8  ? 0.4684 0.5294 0.5725 -0.0389 -0.0396 0.0105  7    LYS B N   
292 C  CA  . LYS B 8  ? 0.4762 0.5401 0.6122 -0.0424 -0.0498 0.0033  7    LYS B CA  
293 C  C   . LYS B 8  ? 0.4453 0.5189 0.5840 -0.0454 -0.0174 -0.0038 7    LYS B C   
294 O  O   . LYS B 8  ? 0.4394 0.5134 0.5743 -0.0481 -0.0179 -0.0089 7    LYS B O   
295 C  CB  . LYS B 8  ? 0.4912 0.5654 0.7157 -0.0431 -0.0621 0.0126  7    LYS B CB  
296 C  CG  . LYS B 8  ? 0.5755 0.6287 0.8149 -0.0433 -0.1165 0.0216  7    LYS B CG  
297 C  CD  . LYS B 8  ? 0.7013 0.7003 0.8235 -0.0368 -0.1496 0.0148  7    LYS B CD  
298 C  CE  . LYS B 8  ? 0.7981 0.7388 0.9165 -0.0385 -0.2289 0.0177  7    LYS B CE  
299 N  NZ  . LYS B 8  ? 0.9135 0.7602 0.8673 -0.0192 -0.2550 0.0123  7    LYS B NZ  
300 N  N   . LYS B 9  ? 0.4335 0.4978 0.5631 -0.0433 0.0040  -0.0043 8    LYS B N   
301 C  CA  . LYS B 9  ? 0.4568 0.4974 0.5557 -0.0413 0.0258  -0.0111 8    LYS B CA  
302 C  C   . LYS B 9  ? 0.4370 0.4804 0.5025 -0.0496 0.0146  -0.0128 8    LYS B C   
303 O  O   . LYS B 9  ? 0.4445 0.4811 0.4961 -0.0502 0.0238  -0.0180 8    LYS B O   
304 C  CB  . LYS B 9  ? 0.4963 0.4883 0.5608 -0.0318 0.0382  -0.0132 8    LYS B CB  
305 C  CG  . LYS B 9  ? 0.6132 0.5511 0.6392 -0.0133 0.0784  -0.0157 8    LYS B CG  
306 C  CD  . LYS B 9  ? 0.7565 0.6079 0.7084 0.0068  0.0928  -0.0198 8    LYS B CD  
307 C  CE  . LYS B 9  ? 0.9118 0.6553 0.7319 0.0190  0.0928  -0.0320 8    LYS B CE  
308 N  NZ  . LYS B 9  ? 1.0361 0.6469 0.7333 0.0454  0.0971  -0.0407 8    LYS B NZ  
309 N  N   . LEU B 10 ? 0.4230 0.4783 0.4899 -0.0531 0.0008  -0.0018 9    LEU B N   
310 C  CA  . LEU B 10 ? 0.4098 0.4749 0.4759 -0.0555 0.0012  0.0092  9    LEU B CA  
311 C  C   . LEU B 10 ? 0.4084 0.4809 0.4564 -0.0487 0.0109  0.0042  9    LEU B C   
312 O  O   . LEU B 10 ? 0.4038 0.4768 0.4479 -0.0504 0.0165  0.0034  9    LEU B O   
313 C  CB  . LEU B 10 ? 0.4017 0.4773 0.4959 -0.0533 0.0018  0.0358  9    LEU B CB  
314 C  CG  . LEU B 10 ? 0.4561 0.5412 0.5949 -0.0568 0.0036  0.0615  9    LEU B CG  
315 C  CD1 . LEU B 10 ? 0.4772 0.5334 0.6260 -0.0745 -0.0355 0.0556  9    LEU B CD1 
316 C  CD2 . LEU B 10 ? 0.4245 0.5249 0.6228 -0.0499 0.0186  0.1024  9    LEU B CD2 
317 N  N   . ALA B 11 ? 0.4287 0.4925 0.4577 -0.0404 0.0037  0.0011  10   ALA B N   
318 C  CA  . ALA B 11 ? 0.4565 0.4980 0.4514 -0.0342 -0.0061 -0.0086 10   ALA B CA  
319 C  C   . ALA B 11 ? 0.4299 0.4825 0.4578 -0.0450 -0.0094 -0.0209 10   ALA B C   
320 O  O   . ALA B 11 ? 0.4639 0.5037 0.4672 -0.0423 -0.0086 -0.0254 10   ALA B O   
321 C  CB  . ALA B 11 ? 0.4880 0.4886 0.4442 -0.0252 -0.0382 -0.0110 10   ALA B CB  
322 N  N   . ALA B 12 ? 0.3913 0.4590 0.4705 -0.0519 -0.0041 -0.0215 11   ALA B N   
323 C  CA  . ALA B 12 ? 0.3950 0.4668 0.5100 -0.0555 0.0098  -0.0227 11   ALA B CA  
324 C  C   . ALA B 12 ? 0.3989 0.4623 0.4725 -0.0559 0.0296  -0.0263 11   ALA B C   
325 O  O   . ALA B 12 ? 0.4251 0.4872 0.4994 -0.0579 0.0323  -0.0286 11   ALA B O   
326 C  CB  . ALA B 12 ? 0.3742 0.4507 0.5516 -0.0513 0.0315  -0.0117 11   ALA B CB  
327 N  N   . LEU B 13 ? 0.3962 0.4476 0.4385 -0.0557 0.0317  -0.0248 12   LEU B N   
328 C  CA  . LEU B 13 ? 0.4243 0.4565 0.4352 -0.0587 0.0304  -0.0245 12   LEU B CA  
329 C  C   . LEU B 13 ? 0.4155 0.4668 0.4336 -0.0603 0.0257  -0.0197 12   LEU B C   
330 O  O   . LEU B 13 ? 0.4100 0.4518 0.4176 -0.0622 0.0281  -0.0211 12   LEU B O   
331 C  CB  . LEU B 13 ? 0.4565 0.4630 0.4497 -0.0625 0.0103  -0.0185 12   LEU B CB  
332 C  CG  . LEU B 13 ? 0.6042 0.5425 0.5366 -0.0557 0.0108  -0.0262 12   LEU B CG  
333 C  CD1 . LEU B 13 ? 0.6916 0.6311 0.6352 -0.0443 0.0364  -0.0285 12   LEU B CD1 
334 C  CD2 . LEU B 13 ? 0.7187 0.6162 0.6350 -0.0654 -0.0361 -0.0193 12   LEU B CD2 
335 N  N   . GLU B 14 ? 0.3989 0.4656 0.4260 -0.0546 0.0254  -0.0099 13   GLU B N   
336 C  CA  . GLU B 14 ? 0.4213 0.4889 0.4406 -0.0439 0.0377  -0.0005 13   GLU B CA  
337 C  C   . GLU B 14 ? 0.4335 0.4847 0.4242 -0.0403 0.0360  -0.0168 13   GLU B C   
338 O  O   . GLU B 14 ? 0.4313 0.4774 0.4162 -0.0357 0.0458  -0.0136 13   GLU B O   
339 C  CB  . GLU B 14 ? 0.4428 0.5040 0.4494 -0.0274 0.0515  0.0158  13   GLU B CB  
340 C  CG  . GLU B 14 ? 0.5722 0.6103 0.5482 -0.0028 0.0824  0.0320  13   GLU B CG  
341 C  CD  . GLU B 14 ? 0.7230 0.7202 0.6391 0.0243  0.1037  0.0460  13   GLU B CD  
342 O  OE1 . GLU B 14 ? 0.8182 0.7548 0.6523 0.0570  0.1331  0.0529  13   GLU B OE1 
343 O  OE2 . GLU B 14 ? 0.7448 0.7539 0.6776 0.0173  0.0921  0.0497  13   GLU B OE2 
344 N  N   . SER B 15 ? 0.4400 0.4815 0.4297 -0.0442 0.0184  -0.0302 14   SER B N   
345 C  CA  . SER B 15 ? 0.4703 0.4912 0.4526 -0.0449 0.0042  -0.0403 14   SER B CA  
346 C  C   . SER B 15 ? 0.4422 0.4817 0.4648 -0.0563 0.0163  -0.0400 14   SER B C   
347 O  O   . SER B 15 ? 0.4671 0.4950 0.4824 -0.0561 0.0148  -0.0434 14   SER B O   
348 C  CB  . SER B 15 ? 0.5079 0.4995 0.4929 -0.0464 -0.0355 -0.0469 14   SER B CB  
349 O  OG  . SER B 15 ? 0.5025 0.5258 0.5669 -0.0587 -0.0381 -0.0403 14   SER B OG  
350 N  N   . LYS B 16 ? 0.4207 0.4728 0.4673 -0.0609 0.0324  -0.0350 15   LYS B N   
351 C  CA  . LYS B 16 ? 0.4263 0.4675 0.4727 -0.0620 0.0545  -0.0312 15   LYS B CA  
352 C  C   . LYS B 16 ? 0.4406 0.4713 0.4483 -0.0627 0.0511  -0.0312 15   LYS B C   
353 O  O   . LYS B 16 ? 0.4563 0.4766 0.4586 -0.0635 0.0572  -0.0302 15   LYS B O   
354 C  CB  . LYS B 16 ? 0.4459 0.4662 0.4818 -0.0553 0.0781  -0.0255 15   LYS B CB  
355 C  CG  . LYS B 16 ? 0.4699 0.5026 0.5812 -0.0509 0.0988  -0.0125 15   LYS B CG  
356 C  CD  . LYS B 16 ? 0.5319 0.5308 0.6239 -0.0336 0.1390  -0.0025 15   LYS B CD  
357 C  CE  . LYS B 16 ? 0.5737 0.6044 0.7682 -0.0316 0.1447  0.0136  15   LYS B CE  
358 N  NZ  . LYS B 16 ? 0.6331 0.6218 0.8217 -0.0044 0.2085  0.0331  15   LYS B NZ  
359 N  N   . LEU B 17 ? 0.4188 0.4547 0.4181 -0.0626 0.0395  -0.0262 16   LEU B N   
360 C  CA  . LEU B 17 ? 0.4261 0.4580 0.4266 -0.0642 0.0306  -0.0156 16   LEU B CA  
361 C  C   . LEU B 17 ? 0.4052 0.4482 0.4151 -0.0567 0.0413  -0.0142 16   LEU B C   
362 O  O   . LEU B 17 ? 0.3870 0.4243 0.4022 -0.0576 0.0399  -0.0081 16   LEU B O   
363 C  CB  . LEU B 17 ? 0.4379 0.4780 0.4675 -0.0662 0.0153  0.0021  16   LEU B CB  
364 C  CG  . LEU B 17 ? 0.4687 0.5102 0.5470 -0.0707 -0.0044 0.0276  16   LEU B CG  
365 C  CD1 . LEU B 17 ? 0.5336 0.5242 0.5706 -0.0805 -0.0374 0.0219  16   LEU B CD1 
366 C  CD2 . LEU B 17 ? 0.5128 0.5641 0.6436 -0.0750 -0.0211 0.0495  16   LEU B CD2 
367 N  N   . GLN B 18 ? 0.4382 0.4803 0.4355 -0.0462 0.0478  -0.0198 17   GLN B N   
368 C  CA  . GLN B 18 ? 0.4808 0.4992 0.4488 -0.0308 0.0564  -0.0225 17   GLN B CA  
369 C  C   . GLN B 18 ? 0.4786 0.4851 0.4477 -0.0400 0.0446  -0.0360 17   GLN B C   
370 O  O   . GLN B 18 ? 0.4993 0.4918 0.4596 -0.0335 0.0511  -0.0346 17   GLN B O   
371 C  CB  . GLN B 18 ? 0.5315 0.5145 0.4483 -0.0168 0.0494  -0.0311 17   GLN B CB  
372 C  CG  . GLN B 18 ? 0.6870 0.6351 0.5548 0.0145  0.0818  -0.0152 17   GLN B CG  
373 C  CD  . GLN B 18 ? 0.8618 0.7282 0.6240 0.0365  0.0673  -0.0288 17   GLN B CD  
374 O  OE1 . GLN B 18 ? 0.9053 0.7678 0.6606 0.0278  0.0392  -0.0363 17   GLN B OE1 
375 N  NE2 . GLN B 18 ? 0.9517 0.7352 0.6181 0.0684  0.0828  -0.0314 17   GLN B NE2 
376 N  N   . ALA B 19 ? 0.4435 0.4568 0.4382 -0.0533 0.0323  -0.0427 18   ALA B N   
377 C  CA  . ALA B 19 ? 0.4624 0.4707 0.4884 -0.0624 0.0287  -0.0437 18   ALA B CA  
378 C  C   . ALA B 19 ? 0.4583 0.4691 0.4768 -0.0638 0.0479  -0.0358 18   ALA B C   
379 O  O   . ALA B 19 ? 0.4428 0.4423 0.4624 -0.0638 0.0472  -0.0359 18   ALA B O   
380 C  CB  . ALA B 19 ? 0.4393 0.4606 0.5252 -0.0709 0.0294  -0.0365 18   ALA B CB  
381 N  N   . CYS B 20 ? 0.4546 0.4658 0.4553 -0.0644 0.0551  -0.0293 19   CYS B N   
382 C  CA  . CYS B 20 ? 0.4911 0.4776 0.4638 -0.0655 0.0560  -0.0218 19   CYS B CA  
383 C  C   . CYS B 20 ? 0.4725 0.4670 0.4582 -0.0638 0.0457  -0.0159 19   CYS B C   
384 O  O   . CYS B 20 ? 0.4903 0.4684 0.4688 -0.0648 0.0454  -0.0119 19   CYS B O   
385 C  CB  . CYS B 20 ? 0.5169 0.4749 0.4510 -0.0657 0.0438  -0.0181 19   CYS B CB  
386 S  SG  . CYS B 20 ? 0.8034 0.6798 0.6546 -0.0627 0.0293  -0.0120 19   CYS B SG  
387 N  N   . GLU B 21 ? 0.4543 0.4698 0.4624 -0.0568 0.0454  -0.0099 20   GLU B N   
388 C  CA  . GLU B 21 ? 0.4550 0.4766 0.4927 -0.0466 0.0518  0.0070  20   GLU B CA  
389 C  C   . GLU B 21 ? 0.4641 0.4679 0.4794 -0.0359 0.0655  -0.0045 20   GLU B C   
390 O  O   . GLU B 21 ? 0.4670 0.4657 0.4990 -0.0297 0.0712  0.0064  20   GLU B O   
391 C  CB  . GLU B 21 ? 0.4594 0.4988 0.5321 -0.0308 0.0704  0.0280  20   GLU B CB  
392 C  CG  . GLU B 21 ? 0.4848 0.5423 0.6110 -0.0427 0.0483  0.0498  20   GLU B CG  
393 C  CD  . GLU B 21 ? 0.5201 0.5971 0.6880 -0.0260 0.0768  0.0745  20   GLU B CD  
394 O  OE1 . GLU B 21 ? 0.5352 0.5967 0.6436 -0.0076 0.1060  0.0609  20   GLU B OE1 
395 O  OE2 . GLU B 21 ? 0.5296 0.6277 0.7907 -0.0305 0.0656  0.1115  20   GLU B OE2 
396 N  N   . LYS B 22 ? 0.4631 0.4488 0.4452 -0.0338 0.0621  -0.0242 21   LYS B N   
397 C  CA  . LYS B 22 ? 0.5299 0.4785 0.4862 -0.0280 0.0552  -0.0374 21   LYS B CA  
398 C  C   . LYS B 22 ? 0.5107 0.4641 0.4970 -0.0448 0.0476  -0.0370 21   LYS B C   
399 O  O   . LYS B 22 ? 0.5563 0.4866 0.5364 -0.0393 0.0471  -0.0381 21   LYS B O   
400 C  CB  . LYS B 22 ? 0.5750 0.4874 0.4968 -0.0262 0.0303  -0.0549 21   LYS B CB  
401 C  CG  . LYS B 22 ? 0.7186 0.5671 0.5528 0.0061  0.0396  -0.0593 21   LYS B CG  
402 C  CD  . LYS B 22 ? 0.8361 0.6368 0.6174 0.0089  0.0046  -0.0738 21   LYS B CD  
403 C  CE  . LYS B 22 ? 0.9951 0.7100 0.6532 0.0518  0.0293  -0.0727 21   LYS B CE  
404 N  NZ  . LYS B 22 ? 0.9988 0.7698 0.6946 0.0657  0.0896  -0.0434 21   LYS B NZ  
405 N  N   . LYS B 23 ? 0.4507 0.4229 0.4610 -0.0593 0.0497  -0.0320 22   LYS B N   
406 C  CA  . LYS B 23 ? 0.4504 0.4145 0.4784 -0.0671 0.0587  -0.0232 22   LYS B CA  
407 C  C   . LYS B 23 ? 0.4674 0.4217 0.4701 -0.0642 0.0609  -0.0133 22   LYS B C   
408 O  O   . LYS B 23 ? 0.4889 0.4284 0.4960 -0.0650 0.0632  -0.0085 22   LYS B O   
409 C  CB  . LYS B 23 ? 0.4409 0.4068 0.4869 -0.0712 0.0786  -0.0129 22   LYS B CB  
410 C  CG  . LYS B 23 ? 0.4327 0.4134 0.5451 -0.0771 0.0702  -0.0120 22   LYS B CG  
411 C  CD  . LYS B 23 ? 0.4759 0.4634 0.6079 -0.0732 0.1001  0.0019  22   LYS B CD  
412 C  CE  . LYS B 23 ? 0.5831 0.5882 0.8285 -0.0809 0.0932  0.0183  22   LYS B CE  
413 N  NZ  . LYS B 23 ? 0.6517 0.6705 0.9570 -0.0742 0.1256  0.0399  22   LYS B NZ  
414 N  N   . LEU B 24 ? 0.4669 0.4246 0.4553 -0.0627 0.0512  -0.0066 23   LEU B N   
415 C  CA  . LEU B 24 ? 0.4912 0.4324 0.4779 -0.0631 0.0334  0.0091  23   LEU B CA  
416 C  C   . LEU B 24 ? 0.4894 0.4440 0.5152 -0.0540 0.0393  0.0153  23   LEU B C   
417 O  O   . LEU B 24 ? 0.5096 0.4472 0.5387 -0.0552 0.0310  0.0250  23   LEU B O   
418 C  CB  . LEU B 24 ? 0.5170 0.4616 0.5208 -0.0661 0.0066  0.0228  23   LEU B CB  
419 C  CG  . LEU B 24 ? 0.6005 0.4935 0.5434 -0.0727 -0.0212 0.0230  23   LEU B CG  
420 C  CD1 . LEU B 24 ? 0.6462 0.5598 0.6388 -0.0774 -0.0475 0.0353  23   LEU B CD1 
421 C  CD2 . LEU B 24 ? 0.7197 0.5603 0.6336 -0.0752 -0.0530 0.0357  23   LEU B CD2 
422 N  N   . GLU B 25 ? 0.4888 0.4587 0.5298 -0.0399 0.0569  0.0117  24   GLU B N   
423 C  CA  . GLU B 25 ? 0.5178 0.4764 0.5707 -0.0199 0.0762  0.0180  24   GLU B CA  
424 C  C   . GLU B 25 ? 0.5477 0.4758 0.5725 -0.0228 0.0716  0.0012  24   GLU B C   
425 O  O   . GLU B 25 ? 0.5822 0.4982 0.6221 -0.0147 0.0768  0.0110  24   GLU B O   
426 C  CB  . GLU B 25 ? 0.5376 0.4822 0.5655 0.0062  0.1046  0.0158  24   GLU B CB  
427 C  CG  . GLU B 25 ? 0.6481 0.5600 0.6733 0.0425  0.1447  0.0323  24   GLU B CG  
428 C  CD  . GLU B 25 ? 0.6710 0.6241 0.8055 0.0509  0.1644  0.0791  24   GLU B CD  
429 O  OE1 . GLU B 25 ? 0.6125 0.6105 0.8175 0.0265  0.1335  0.0971  24   GLU B OE1 
430 O  OE2 . GLU B 25 ? 0.7453 0.6749 0.8988 0.0844  0.2078  0.1015  24   GLU B OE2 
431 N  N   . ALA B 26 ? 0.5444 0.4608 0.5482 -0.0343 0.0599  -0.0179 25   ALA B N   
432 C  CA  . ALA B 26 ? 0.5649 0.4569 0.5760 -0.0436 0.0482  -0.0246 25   ALA B CA  
433 C  C   . ALA B 26 ? 0.5726 0.4706 0.6020 -0.0535 0.0538  -0.0082 25   ALA B C   
434 O  O   . ALA B 26 ? 0.6084 0.4859 0.6453 -0.0514 0.0516  -0.0056 25   ALA B O   
435 C  CB  . ALA B 26 ? 0.5560 0.4459 0.5886 -0.0579 0.0314  -0.0328 25   ALA B CB  
436 N  N   . LEU B 27 ? 0.5638 0.4717 0.5825 -0.0606 0.0588  0.0027  26   LEU B N   
437 C  CA  . LEU B 27 ? 0.6006 0.4819 0.5950 -0.0633 0.0605  0.0190  26   LEU B CA  
438 C  C   . LEU B 27 ? 0.6385 0.5160 0.6443 -0.0581 0.0427  0.0292  26   LEU B C   
439 O  O   . LEU B 27 ? 0.6722 0.5287 0.6786 -0.0578 0.0423  0.0374  26   LEU B O   
440 C  CB  . LEU B 27 ? 0.6225 0.4762 0.5606 -0.0634 0.0639  0.0258  26   LEU B CB  
441 C  CG  . LEU B 27 ? 0.7128 0.4941 0.5701 -0.0574 0.0663  0.0419  26   LEU B CG  
442 C  CD1 . LEU B 27 ? 0.7239 0.4833 0.5870 -0.0530 0.1021  0.0562  26   LEU B CD1 
443 C  CD2 . LEU B 27 ? 0.7737 0.4980 0.5424 -0.0484 0.0728  0.0433  26   LEU B CD2 
444 N  N   . GLU B 28 ? 0.6378 0.5377 0.6714 -0.0524 0.0320  0.0352  27   GLU B N   
445 C  CA  . GLU B 28 ? 0.6699 0.5772 0.7573 -0.0424 0.0252  0.0557  27   GLU B CA  
446 C  C   . GLU B 28 ? 0.6975 0.5916 0.7925 -0.0308 0.0440  0.0511  27   GLU B C   
447 O  O   . GLU B 28 ? 0.7184 0.6011 0.8391 -0.0295 0.0330  0.0688  27   GLU B O   
448 C  CB  . GLU B 28 ? 0.6439 0.5854 0.7920 -0.0300 0.0345  0.0718  27   GLU B CB  
449 C  CG  . GLU B 28 ? 0.6984 0.6533 0.9365 -0.0108 0.0480  0.1060  27   GLU B CG  
450 C  CD  . GLU B 28 ? 0.6981 0.6882 1.0293 0.0037  0.0660  0.1405  27   GLU B CD  
451 O  OE1 . GLU B 28 ? 0.7576 0.7559 1.1593 0.0339  0.1111  0.1708  27   GLU B OE1 
452 O  OE2 . GLU B 28 ? 0.7202 0.7247 1.0611 -0.0117 0.0403  0.1434  27   GLU B OE2 
453 N  N   . HIS B 29 ? 0.7245 0.6068 0.7921 -0.0227 0.0621  0.0278  28   HIS B N   
454 C  CA  . HIS B 29 ? 0.7734 0.6188 0.8294 -0.0089 0.0705  0.0187  28   HIS B CA  
455 C  C   . HIS B 29 ? 0.8052 0.6335 0.8573 -0.0284 0.0550  0.0118  28   HIS B C   
456 O  O   . HIS B 29 ? 0.8506 0.6410 0.8962 -0.0229 0.0496  0.0026  28   HIS B O   
457 C  CB  . HIS B 29 ? 0.8127 0.6149 0.8153 0.0134  0.0815  -0.0034 28   HIS B CB  
458 C  CG  . HIS B 29 ? 0.8071 0.6158 0.8032 0.0394  0.1130  0.0075  28   HIS B CG  
459 N  ND1 . HIS B 29 ? 0.8173 0.6386 0.8644 0.0643  0.1481  0.0396  28   HIS B ND1 
460 C  CD2 . HIS B 29 ? 0.7749 0.5745 0.7293 0.0481  0.1199  -0.0028 28   HIS B CD2 
461 C  CE1 . HIS B 29 ? 0.7920 0.6182 0.8400 0.0871  0.1816  0.0533  28   HIS B CE1 
462 N  NE2 . HIS B 29 ? 0.7482 0.5566 0.7267 0.0784  0.1650  0.0249  28   HIS B NE2 
463 N  N   . GLY B 30 ? 0.8071 0.6512 0.8609 -0.0468 0.0518  0.0204  29   GLY B N   
464 C  CA  . GLY B 30 ? 0.8274 0.6573 0.8937 -0.0604 0.0560  0.0266  29   GLY B CA  
465 C  C   . GLY B 30 ? 0.8217 0.6659 0.9071 -0.0690 0.0585  0.0192  29   GLY B C   
466 O  O   . GLY B 30 ? 0.8436 0.6879 0.9569 -0.0768 0.0771  0.0365  29   GLY B O   
467 C  C   . ACE C 1  ? 0.5814 0.5119 0.7032 -0.0096 0.1130  -0.0065 0    ACE C C   
468 O  O   . ACE C 1  ? 0.6121 0.5289 0.7118 -0.0147 0.1201  -0.0124 0    ACE C O   
469 C  CH3 . ACE C 1  ? 0.6197 0.5231 0.7418 -0.0090 0.1307  -0.0095 0    ACE C CH3 
470 N  N   . GLU C 2  ? 0.5276 0.4802 0.6628 -0.0063 0.0991  0.0026  1    GLU C N   
471 C  CA  . GLU C 2  ? 0.4880 0.4447 0.6099 -0.0091 0.0953  0.0033  1    GLU C CA  
472 C  C   . GLU C 2  ? 0.4792 0.4416 0.5987 -0.0102 0.0905  0.0060  1    GLU C C   
473 O  O   . GLU C 2  ? 0.4765 0.4423 0.5856 -0.0120 0.0912  0.0021  1    GLU C O   
474 C  CB  . GLU C 2  ? 0.4965 0.4359 0.6080 -0.0097 0.1054  0.0094  1    GLU C CB  
475 C  CG  . GLU C 2  ? 0.4509 0.3894 0.5923 -0.0083 0.1205  0.0157  1    GLU C CG  
476 C  CD  . GLU C 2  ? 0.4695 0.3604 0.5914 -0.0078 0.1625  0.0200  1    GLU C CD  
477 O  OE1 . GLU C 2  ? 0.4848 0.3240 0.5261 -0.0184 0.1690  0.0149  1    GLU C OE1 
478 O  OE2 . GLU C 2  ? 0.3954 0.2830 0.5815 -0.0020 0.1921  0.0338  1    GLU C OE2 
479 N  N   . TRP C 3  ? 0.4732 0.4367 0.6162 -0.0122 0.0785  0.0201  2    TRP C N   
480 C  CA  . TRP C 3  ? 0.5050 0.4750 0.6725 -0.0180 0.0624  0.0354  2    TRP C CA  
481 C  C   . TRP C 3  ? 0.4954 0.4781 0.6834 -0.0087 0.0881  0.0242  2    TRP C C   
482 O  O   . TRP C 3  ? 0.4840 0.4697 0.6543 -0.0125 0.0819  0.0224  2    TRP C O   
483 C  CB  . TRP C 3  ? 0.5260 0.5013 0.7655 -0.0242 0.0378  0.0681  2    TRP C CB  
484 C  CG  . TRP C 3  ? 0.5428 0.5253 0.8357 -0.0361 0.0071  0.0988  2    TRP C CG  
485 C  CD1 . TRP C 3  ? 0.5418 0.5530 0.9575 -0.0243 0.0249  0.1212  2    TRP C CD1 
486 C  CD2 . TRP C 3  ? 0.6253 0.5704 0.8516 -0.0665 -0.0439 0.1158  2    TRP C CD2 
487 N  NE1 . TRP C 3  ? 0.5419 0.5559 1.0009 -0.0435 -0.0222 0.1574  2    TRP C NE1 
488 C  CE2 . TRP C 3  ? 0.6037 0.5719 0.9318 -0.0733 -0.0716 0.1533  2    TRP C CE2 
489 C  CE3 . TRP C 3  ? 0.7087 0.5836 0.7919 -0.0915 -0.0589 0.1041  2    TRP C CE3 
490 C  CZ2 . TRP C 3  ? 0.7095 0.6370 0.9927 -0.1101 -0.1341 0.1820  2    TRP C CZ2 
491 C  CZ3 . TRP C 3  ? 0.8104 0.6233 0.8199 -0.1288 -0.1058 0.1249  2    TRP C CZ3 
492 C  CH2 . TRP C 3  ? 0.8313 0.6733 0.9364 -0.1406 -0.1529 0.1646  2    TRP C CH2 
493 N  N   . GLU C 4  ? 0.4995 0.4689 0.6990 -0.0013 0.1219  0.0138  3    GLU C N   
494 C  CA  . GLU C 4  ? 0.5466 0.4890 0.7301 -0.0009 0.1571  0.0020  3    GLU C CA  
495 C  C   . GLU C 4  ? 0.5429 0.4720 0.6497 -0.0130 0.1419  -0.0139 3    GLU C C   
496 O  O   . GLU C 4  ? 0.5623 0.4689 0.6425 -0.0185 0.1566  -0.0204 3    GLU C O   
497 C  CB  . GLU C 4  ? 0.6103 0.4931 0.7747 -0.0010 0.2084  -0.0090 3    GLU C CB  
498 C  CG  . GLU C 4  ? 0.6515 0.5424 0.9270 0.0145  0.2408  0.0133  3    GLU C CG  
499 C  CD  . GLU C 4  ? 0.6703 0.5732 1.0629 0.0260  0.2742  0.0397  3    GLU C CD  
500 O  OE1 . GLU C 4  ? 0.7530 0.6005 1.1127 0.0257  0.3325  0.0258  3    GLU C OE1 
501 O  OE2 . GLU C 4  ? 0.6399 0.5973 1.1587 0.0302  0.2385  0.0802  3    GLU C OE2 
502 N  N   . ALA C 5  ? 0.5282 0.4663 0.6135 -0.0183 0.1147  -0.0145 4    ALA C N   
503 C  CA  . ALA C 5  ? 0.5142 0.4492 0.5735 -0.0302 0.0935  -0.0140 4    ALA C CA  
504 C  C   . ALA C 5  ? 0.4594 0.4251 0.5393 -0.0234 0.0890  -0.0096 4    ALA C C   
505 O  O   . ALA C 5  ? 0.4816 0.4442 0.5494 -0.0305 0.0822  -0.0097 4    ALA C O   
506 C  CB  . ALA C 5  ? 0.5125 0.4480 0.5870 -0.0370 0.0727  -0.0033 4    ALA C CB  
507 N  N   . LEU C 6  ? 0.4248 0.4011 0.5165 -0.0169 0.0895  -0.0041 5    LEU C N   
508 C  CA  . LEU C 6  ? 0.4409 0.4126 0.5160 -0.0202 0.0860  -0.0003 5    LEU C CA  
509 C  C   . LEU C 6  ? 0.4428 0.4273 0.5304 -0.0211 0.0796  0.0020  5    LEU C C   
510 O  O   . LEU C 6  ? 0.4535 0.4366 0.5251 -0.0246 0.0770  0.0011  5    LEU C O   
511 C  CB  . LEU C 6  ? 0.4757 0.4149 0.5175 -0.0300 0.0767  0.0092  5    LEU C CB  
512 C  CG  . LEU C 6  ? 0.5695 0.4729 0.5831 -0.0310 0.0988  0.0069  5    LEU C CG  
513 C  CD1 . LEU C 6  ? 0.7077 0.5468 0.6486 -0.0528 0.0838  0.0170  5    LEU C CD1 
514 C  CD2 . LEU C 6  ? 0.6001 0.4835 0.6177 -0.0261 0.1370  0.0041  5    LEU C CD2 
515 N  N   . GLU C 7  ? 0.4113 0.4042 0.5419 -0.0169 0.0838  0.0096  6    GLU C N   
516 C  CA  . GLU C 7  ? 0.4160 0.4175 0.5875 -0.0146 0.0924  0.0178  6    GLU C CA  
517 C  C   . GLU C 7  ? 0.4332 0.4177 0.5672 -0.0146 0.1178  -0.0011 6    GLU C C   
518 O  O   . GLU C 7  ? 0.4441 0.4348 0.5810 -0.0160 0.1172  0.0006  6    GLU C O   
519 C  CB  . GLU C 7  ? 0.4020 0.4083 0.6635 -0.0071 0.1101  0.0385  6    GLU C CB  
520 C  CG  . GLU C 7  ? 0.3783 0.3982 0.6970 -0.0178 0.0634  0.0742  6    GLU C CG  
521 C  CD  . GLU C 7  ? 0.4702 0.5025 0.9265 -0.0073 0.0869  0.1057  6    GLU C CD  
522 O  OE1 . GLU C 7  ? 0.4987 0.5129 0.9597 0.0076  0.1422  0.0882  6    GLU C OE1 
523 O  OE2 . GLU C 7  ? 0.5005 0.5516 1.0702 -0.0160 0.0542  0.1531  6    GLU C OE2 
524 N  N   . LYS C 8  ? 0.4803 0.4299 0.5656 -0.0202 0.1329  -0.0158 7    LYS C N   
525 C  CA  . LYS C 8  ? 0.5395 0.4454 0.5573 -0.0356 0.1395  -0.0275 7    LYS C CA  
526 C  C   . LYS C 8  ? 0.5098 0.4423 0.5205 -0.0421 0.1040  -0.0234 7    LYS C C   
527 O  O   . LYS C 8  ? 0.5347 0.4469 0.5134 -0.0522 0.1047  -0.0264 7    LYS C O   
528 C  CB  . LYS C 8  ? 0.6257 0.4585 0.5623 -0.0571 0.1434  -0.0365 7    LYS C CB  
529 C  CG  . LYS C 8  ? 0.7506 0.5169 0.6681 -0.0546 0.2056  -0.0457 7    LYS C CG  
530 C  CD  . LYS C 8  ? 0.8748 0.5760 0.7711 -0.0551 0.2730  -0.0528 7    LYS C CD  
531 C  CE  . LYS C 8  ? 0.9517 0.5888 0.8734 -0.0445 0.3570  -0.0546 7    LYS C CE  
532 N  NZ  . LYS C 8  ? 1.1352 0.6393 0.9674 -0.0595 0.4449  -0.0692 7    LYS C NZ  
533 N  N   . LYS C 9  ? 0.4695 0.4346 0.5115 -0.0369 0.0835  -0.0151 8    LYS C N   
534 C  CA  . LYS C 9  ? 0.4376 0.4192 0.4985 -0.0388 0.0700  -0.0065 8    LYS C CA  
535 C  C   . LYS C 9  ? 0.4219 0.4168 0.4815 -0.0322 0.0778  -0.0096 8    LYS C C   
536 O  O   . LYS C 9  ? 0.4386 0.4363 0.4983 -0.0365 0.0727  -0.0074 8    LYS C O   
537 C  CB  . LYS C 9  ? 0.4203 0.4102 0.5207 -0.0317 0.0764  0.0039  8    LYS C CB  
538 C  CG  . LYS C 9  ? 0.4474 0.4324 0.5800 -0.0401 0.0601  0.0183  8    LYS C CG  
539 C  CD  . LYS C 9  ? 0.4409 0.4290 0.6333 -0.0294 0.0837  0.0320  8    LYS C CD  
540 C  CE  . LYS C 9  ? 0.3945 0.3863 0.6585 -0.0413 0.0560  0.0609  8    LYS C CE  
541 N  NZ  . LYS C 9  ? 0.3938 0.3882 0.7572 -0.0287 0.0913  0.0845  8    LYS C NZ  
542 N  N   . LEU C 10 ? 0.4191 0.4176 0.4828 -0.0273 0.0802  -0.0077 9    LEU C N   
543 C  CA  . LEU C 10 ? 0.4373 0.4376 0.4999 -0.0309 0.0707  -0.0007 9    LEU C CA  
544 C  C   . LEU C 10 ? 0.4355 0.4473 0.5184 -0.0286 0.0798  -0.0023 9    LEU C C   
545 O  O   . LEU C 10 ? 0.4286 0.4445 0.5039 -0.0320 0.0735  -0.0013 9    LEU C O   
546 C  CB  . LEU C 10 ? 0.4619 0.4532 0.5380 -0.0387 0.0487  0.0180  9    LEU C CB  
547 C  CG  . LEU C 10 ? 0.5647 0.5106 0.5834 -0.0623 0.0183  0.0320  9    LEU C CG  
548 C  CD1 . LEU C 10 ? 0.5885 0.5164 0.6292 -0.0843 -0.0302 0.0660  9    LEU C CD1 
549 C  CD2 . LEU C 10 ? 0.5942 0.5410 0.6030 -0.0667 0.0140  0.0317  9    LEU C CD2 
550 N  N   . ALA C 11 ? 0.4374 0.4370 0.5347 -0.0248 0.1049  -0.0060 10   ALA C N   
551 C  CA  . ALA C 11 ? 0.4814 0.4570 0.5747 -0.0257 0.1367  -0.0107 10   ALA C CA  
552 C  C   . ALA C 11 ? 0.5020 0.4550 0.5260 -0.0398 0.1264  -0.0226 10   ALA C C   
553 O  O   . ALA C 11 ? 0.4862 0.4387 0.5099 -0.0411 0.1331  -0.0222 10   ALA C O   
554 C  CB  . ALA C 11 ? 0.5360 0.4601 0.6206 -0.0249 0.1855  -0.0169 10   ALA C CB  
555 N  N   . ALA C 12 ? 0.5125 0.4459 0.4922 -0.0532 0.1041  -0.0257 11   ALA C N   
556 C  CA  . ALA C 12 ? 0.5300 0.4445 0.4721 -0.0739 0.0735  -0.0208 11   ALA C CA  
557 C  C   . ALA C 12 ? 0.4705 0.4361 0.4634 -0.0637 0.0595  -0.0127 11   ALA C C   
558 O  O   . ALA C 12 ? 0.4811 0.4365 0.4563 -0.0748 0.0488  -0.0097 11   ALA C O   
559 C  CB  . ALA C 12 ? 0.5462 0.4426 0.4815 -0.0916 0.0389  -0.0081 11   ALA C CB  
560 N  N   . LEU C 13 ? 0.4300 0.4288 0.4668 -0.0480 0.0633  -0.0089 12   LEU C N   
561 C  CA  . LEU C 13 ? 0.4347 0.4473 0.4891 -0.0426 0.0672  -0.0050 12   LEU C CA  
562 C  C   . LEU C 13 ? 0.4286 0.4462 0.4674 -0.0424 0.0682  -0.0098 12   LEU C C   
563 O  O   . LEU C 13 ? 0.4309 0.4518 0.4696 -0.0448 0.0657  -0.0081 12   LEU C O   
564 C  CB  . LEU C 13 ? 0.4535 0.4521 0.5029 -0.0363 0.0839  -0.0046 12   LEU C CB  
565 C  CG  . LEU C 13 ? 0.5211 0.5057 0.6015 -0.0322 0.1040  0.0035  12   LEU C CG  
566 C  CD1 . LEU C 13 ? 0.6216 0.5497 0.6468 -0.0344 0.1348  -0.0014 12   LEU C CD1 
567 C  CD2 . LEU C 13 ? 0.5704 0.5648 0.7162 -0.0325 0.1084  0.0205  12   LEU C CD2 
568 N  N   . GLU C 14 ? 0.4174 0.4372 0.4631 -0.0390 0.0732  -0.0099 13   GLU C N   
569 C  CA  . GLU C 14 ? 0.4207 0.4491 0.4857 -0.0388 0.0733  -0.0036 13   GLU C CA  
570 C  C   . GLU C 14 ? 0.4486 0.4634 0.4973 -0.0422 0.0913  -0.0110 13   GLU C C   
571 O  O   . GLU C 14 ? 0.4315 0.4552 0.4924 -0.0425 0.0905  -0.0068 13   GLU C O   
572 C  CB  . GLU C 14 ? 0.4179 0.4532 0.5389 -0.0348 0.0752  0.0126  13   GLU C CB  
573 C  CG  . GLU C 14 ? 0.4965 0.5442 0.6875 -0.0334 0.0795  0.0330  13   GLU C CG  
574 C  CD  . GLU C 14 ? 0.6322 0.6913 0.9223 -0.0311 0.0744  0.0646  13   GLU C CD  
575 O  OE1 . GLU C 14 ? 0.6950 0.7494 0.9672 -0.0377 0.0471  0.0694  13   GLU C OE1 
576 O  OE2 . GLU C 14 ? 0.6444 0.7127 1.0414 -0.0230 0.1026  0.0888  13   GLU C OE2 
577 N  N   . SER C 15 ? 0.4719 0.4467 0.4765 -0.0506 0.1069  -0.0206 14   SER C N   
578 C  CA  . SER C 15 ? 0.5479 0.4686 0.4858 -0.0684 0.1187  -0.0280 14   SER C CA  
579 C  C   . SER C 15 ? 0.5377 0.4695 0.4602 -0.0815 0.0791  -0.0218 14   SER C C   
580 O  O   . SER C 15 ? 0.5643 0.4748 0.4565 -0.0914 0.0823  -0.0232 14   SER C O   
581 C  CB  . SER C 15 ? 0.6502 0.4904 0.5013 -0.0913 0.1268  -0.0356 14   SER C CB  
582 O  OG  . SER C 15 ? 0.7761 0.5554 0.6049 -0.0881 0.1926  -0.0452 14   SER C OG  
583 N  N   . LYS C 16 ? 0.4995 0.4584 0.4551 -0.0822 0.0477  -0.0106 15   LYS C N   
584 C  CA  . LYS C 16 ? 0.4850 0.4586 0.4710 -0.0914 0.0178  0.0063  15   LYS C CA  
585 C  C   . LYS C 16 ? 0.4395 0.4503 0.4593 -0.0728 0.0347  0.0021  15   LYS C C   
586 O  O   . LYS C 16 ? 0.4327 0.4453 0.4572 -0.0796 0.0242  0.0086  15   LYS C O   
587 C  CB  . LYS C 16 ? 0.4864 0.4760 0.5392 -0.0928 -0.0026 0.0285  15   LYS C CB  
588 C  CG  . LYS C 16 ? 0.5806 0.5238 0.5950 -0.1199 -0.0353 0.0394  15   LYS C CG  
589 C  CD  . LYS C 16 ? 0.6594 0.6212 0.7778 -0.1286 -0.0706 0.0791  15   LYS C CD  
590 C  CE  . LYS C 16 ? 0.7376 0.6441 0.8071 -0.1628 -0.1153 0.0938  15   LYS C CE  
591 N  NZ  . LYS C 16 ? 0.7708 0.7153 0.9351 -0.1432 -0.1029 0.1064  15   LYS C NZ  
592 N  N   . LEU C 17 ? 0.4038 0.4301 0.4339 -0.0566 0.0535  -0.0054 16   LEU C N   
593 C  CA  . LEU C 17 ? 0.4026 0.4349 0.4327 -0.0522 0.0586  -0.0060 16   LEU C CA  
594 C  C   . LEU C 17 ? 0.3986 0.4371 0.4215 -0.0553 0.0566  -0.0078 16   LEU C C   
595 O  O   . LEU C 17 ? 0.3914 0.4331 0.4132 -0.0582 0.0525  -0.0060 16   LEU C O   
596 C  CB  . LEU C 17 ? 0.4248 0.4411 0.4371 -0.0513 0.0610  -0.0055 16   LEU C CB  
597 C  CG  . LEU C 17 ? 0.4813 0.4733 0.4604 -0.0614 0.0530  -0.0016 16   LEU C CG  
598 C  CD1 . LEU C 17 ? 0.4899 0.4534 0.4522 -0.0617 0.0787  -0.0053 16   LEU C CD1 
599 C  CD2 . LEU C 17 ? 0.5634 0.5109 0.4967 -0.0769 0.0365  0.0067  16   LEU C CD2 
600 N  N   . GLN C 18 ? 0.4039 0.4379 0.4331 -0.0532 0.0698  -0.0089 17   GLN C N   
601 C  CA  . GLN C 18 ? 0.4390 0.4641 0.4752 -0.0540 0.0891  -0.0079 17   GLN C CA  
602 C  C   . GLN C 18 ? 0.4708 0.4674 0.4514 -0.0684 0.0860  -0.0151 17   GLN C C   
603 O  O   . GLN C 18 ? 0.4832 0.4827 0.4655 -0.0701 0.0887  -0.0135 17   GLN C O   
604 C  CB  . GLN C 18 ? 0.4738 0.4742 0.5323 -0.0485 0.1291  -0.0066 17   GLN C CB  
605 C  CG  . GLN C 18 ? 0.5740 0.5595 0.6764 -0.0437 0.1706  0.0022  17   GLN C CG  
606 C  CD  . GLN C 18 ? 0.6883 0.6398 0.8449 -0.0338 0.2325  0.0100  17   GLN C CD  
607 O  OE1 . GLN C 18 ? 0.7112 0.6951 0.9433 -0.0245 0.2206  0.0267  17   GLN C OE1 
608 N  NE2 . GLN C 18 ? 0.7498 0.6186 0.8597 -0.0388 0.3055  -0.0010 17   GLN C NE2 
609 N  N   . ALA C 19 ? 0.5041 0.4702 0.4395 -0.0844 0.0690  -0.0161 18   ALA C N   
610 C  CA  . ALA C 19 ? 0.5503 0.4764 0.4320 -0.1112 0.0435  -0.0101 18   ALA C CA  
611 C  C   . ALA C 19 ? 0.5023 0.4766 0.4442 -0.1071 0.0149  0.0044  18   ALA C C   
612 O  O   . ALA C 19 ? 0.5082 0.4700 0.4305 -0.1191 0.0048  0.0085  18   ALA C O   
613 C  CB  . ALA C 19 ? 0.6198 0.4842 0.4394 -0.1423 0.0140  -0.0018 18   ALA C CB  
614 N  N   . CYS C 20 ? 0.4469 0.4617 0.4569 -0.0909 0.0134  0.0121  19   CYS C N   
615 C  CA  . CYS C 20 ? 0.4387 0.4784 0.5058 -0.0826 0.0156  0.0232  19   CYS C CA  
616 C  C   . CYS C 20 ? 0.4009 0.4487 0.4444 -0.0732 0.0331  0.0092  19   CYS C C   
617 O  O   . CYS C 20 ? 0.3966 0.4491 0.4541 -0.0753 0.0304  0.0148  19   CYS C O   
618 C  CB  . CYS C 20 ? 0.4350 0.4809 0.5610 -0.0695 0.0356  0.0323  19   CYS C CB  
619 S  SG  . CYS C 20 ? 0.6801 0.7097 0.8519 -0.0545 0.0861  0.0374  19   CYS C SG  
620 N  N   . GLU C 21 ? 0.3808 0.4294 0.4020 -0.0666 0.0435  -0.0016 20   GLU C N   
621 C  CA  . GLU C 21 ? 0.3789 0.4328 0.3969 -0.0654 0.0436  -0.0017 20   GLU C CA  
622 C  C   . GLU C 21 ? 0.3971 0.4526 0.4103 -0.0706 0.0453  -0.0020 20   GLU C C   
623 O  O   . GLU C 21 ? 0.3918 0.4540 0.4085 -0.0721 0.0399  0.0007  20   GLU C O   
624 C  CB  . GLU C 21 ? 0.3736 0.4281 0.4032 -0.0644 0.0385  0.0048  20   GLU C CB  
625 C  CG  . GLU C 21 ? 0.4203 0.4453 0.4182 -0.0710 0.0294  0.0073  20   GLU C CG  
626 C  CD  . GLU C 21 ? 0.5368 0.5619 0.5597 -0.0772 0.0076  0.0243  20   GLU C CD  
627 O  OE1 . GLU C 21 ? 0.5410 0.5964 0.6263 -0.0660 0.0205  0.0295  20   GLU C OE1 
628 O  OE2 . GLU C 21 ? 0.6434 0.6229 0.6205 -0.0979 -0.0205 0.0365  20   GLU C OE2 
629 N  N   . LYS C 22 ? 0.4315 0.4612 0.4190 -0.0770 0.0592  -0.0066 21   LYS C N   
630 C  CA  . LYS C 22 ? 0.4876 0.4803 0.4329 -0.0899 0.0732  -0.0095 21   LYS C CA  
631 C  C   . LYS C 22 ? 0.4874 0.4717 0.4074 -0.1078 0.0389  -0.0025 21   LYS C C   
632 O  O   . LYS C 22 ? 0.5203 0.5016 0.4319 -0.1121 0.0403  -0.0015 21   LYS C O   
633 C  CB  . LYS C 22 ? 0.5610 0.4801 0.4427 -0.1018 0.1122  -0.0184 21   LYS C CB  
634 C  CG  . LYS C 22 ? 0.6214 0.5456 0.5685 -0.0810 0.1642  -0.0159 21   LYS C CG  
635 C  CD  . LYS C 22 ? 0.6455 0.6535 0.7021 -0.0619 0.1347  0.0022  21   LYS C CD  
636 C  CE  . LYS C 22 ? 0.6943 0.7227 0.8683 -0.0479 0.1613  0.0276  21   LYS C CE  
637 N  NZ  . LYS C 22 ? 0.6348 0.7141 0.8628 -0.0511 0.1006  0.0500  21   LYS C NZ  
638 N  N   . LYS C 23 ? 0.4695 0.4536 0.4001 -0.1185 0.0065  0.0098  22   LYS C N   
639 C  CA  . LYS C 23 ? 0.4555 0.4437 0.4156 -0.1347 -0.0320 0.0326  22   LYS C CA  
640 C  C   . LYS C 23 ? 0.3887 0.4250 0.4185 -0.1136 -0.0193 0.0352  22   LYS C C   
641 O  O   . LYS C 23 ? 0.3970 0.4340 0.4413 -0.1235 -0.0357 0.0476  22   LYS C O   
642 C  CB  . LYS C 23 ? 0.4704 0.4565 0.4794 -0.1486 -0.0687 0.0598  22   LYS C CB  
643 C  CG  . LYS C 23 ? 0.5113 0.4863 0.5686 -0.1788 -0.1256 0.1012  22   LYS C CG  
644 C  CD  . LYS C 23 ? 0.6347 0.5745 0.7062 -0.2122 -0.1817 0.1359  22   LYS C CD  
645 C  CE  . LYS C 23 ? 0.6710 0.6302 0.8814 -0.2330 -0.2403 0.1971  22   LYS C CE  
646 N  NZ  . LYS C 23 ? 0.7643 0.6756 1.0035 -0.2861 -0.3321 0.2551  22   LYS C NZ  
647 N  N   . LEU C 24 ? 0.3434 0.4010 0.3996 -0.0909 0.0092  0.0250  23   LEU C N   
648 C  CA  . LEU C 24 ? 0.3423 0.4052 0.4183 -0.0800 0.0293  0.0233  23   LEU C CA  
649 C  C   . LEU C 24 ? 0.3361 0.4027 0.3775 -0.0823 0.0262  0.0145  23   LEU C C   
650 O  O   . LEU C 24 ? 0.3291 0.3969 0.3852 -0.0839 0.0265  0.0199  23   LEU C O   
651 C  CB  . LEU C 24 ? 0.3735 0.4136 0.4368 -0.0699 0.0591  0.0152  23   LEU C CB  
652 C  CG  . LEU C 24 ? 0.4156 0.4125 0.4431 -0.0711 0.0858  0.0097  23   LEU C CG  
653 C  CD1 . LEU C 24 ? 0.3625 0.3501 0.4534 -0.0659 0.1151  0.0235  23   LEU C CD1 
654 C  CD2 . LEU C 24 ? 0.4960 0.4392 0.4685 -0.0739 0.1078  0.0018  23   LEU C CD2 
655 N  N   . GLU C 25 ? 0.3239 0.3922 0.3407 -0.0817 0.0275  0.0068  24   GLU C N   
656 C  CA  . GLU C 25 ? 0.3413 0.4151 0.3567 -0.0833 0.0288  0.0074  24   GLU C CA  
657 C  C   . GLU C 25 ? 0.3773 0.4396 0.3733 -0.0949 0.0240  0.0090  24   GLU C C   
658 O  O   . GLU C 25 ? 0.3900 0.4602 0.3919 -0.0959 0.0217  0.0114  24   GLU C O   
659 C  CB  . GLU C 25 ? 0.3155 0.3910 0.3536 -0.0786 0.0439  0.0109  24   GLU C CB  
660 C  CG  . GLU C 25 ? 0.3713 0.4533 0.4334 -0.0770 0.0266  0.0213  24   GLU C CG  
661 C  CD  . GLU C 25 ? 0.4014 0.4707 0.4471 -0.0891 -0.0014 0.0310  24   GLU C CD  
662 O  OE1 . GLU C 25 ? 0.3265 0.3558 0.3188 -0.1011 -0.0149 0.0303  24   GLU C OE1 
663 O  OE2 . GLU C 25 ? 0.3357 0.4164 0.4031 -0.0910 -0.0044 0.0380  24   GLU C OE2 
664 N  N   . ALA C 26 ? 0.4150 0.4456 0.3750 -0.1109 0.0148  0.0111  25   ALA C N   
665 C  CA  . ALA C 26 ? 0.4819 0.4712 0.3916 -0.1371 -0.0036 0.0186  25   ALA C CA  
666 C  C   . ALA C 26 ? 0.4560 0.4768 0.4260 -0.1389 -0.0340 0.0377  25   ALA C C   
667 O  O   . ALA C 26 ? 0.4753 0.4859 0.4310 -0.1509 -0.0458 0.0438  25   ALA C O   
668 C  CB  . ALA C 26 ? 0.5643 0.4790 0.3920 -0.1713 -0.0257 0.0251  25   ALA C CB  
669 N  N   . LEU C 27 ? 0.4168 0.4681 0.4616 -0.1260 -0.0363 0.0489  26   LEU C N   
670 C  CA  . LEU C 27 ? 0.4047 0.4765 0.5358 -0.1229 -0.0422 0.0721  26   LEU C CA  
671 C  C   . LEU C 27 ? 0.3938 0.4762 0.5248 -0.1048 -0.0084 0.0566  26   LEU C C   
672 O  O   . LEU C 27 ? 0.4062 0.4935 0.5821 -0.1071 -0.0108 0.0716  26   LEU C O   
673 C  CB  . LEU C 27 ? 0.3821 0.4647 0.6134 -0.1144 -0.0335 0.0954  26   LEU C CB  
674 C  CG  . LEU C 27 ? 0.4397 0.5108 0.6975 -0.1393 -0.0835 0.1255  26   LEU C CG  
675 C  CD1 . LEU C 27 ? 0.4956 0.5848 0.8913 -0.1244 -0.0626 0.1549  26   LEU C CD1 
676 C  CD2 . LEU C 27 ? 0.5540 0.6031 0.8188 -0.1786 -0.1509 0.1624  26   LEU C CD2 
677 N  N   . GLU C 28 ? 0.3876 0.4643 0.4706 -0.0930 0.0154  0.0336  27   GLU C N   
678 C  CA  . GLU C 28 ? 0.3879 0.4507 0.4468 -0.0891 0.0320  0.0249  27   GLU C CA  
679 C  C   . GLU C 28 ? 0.3786 0.4564 0.4245 -0.0956 0.0150  0.0248  27   GLU C C   
680 O  O   . GLU C 28 ? 0.4114 0.4813 0.4577 -0.0964 0.0205  0.0261  27   GLU C O   
681 C  CB  . GLU C 28 ? 0.3998 0.4372 0.4051 -0.0900 0.0363  0.0137  27   GLU C CB  
682 C  CG  . GLU C 28 ? 0.4399 0.4359 0.4273 -0.0880 0.0624  0.0103  27   GLU C CG  
683 C  CD  . GLU C 28 ? 0.4847 0.4435 0.4044 -0.1003 0.0476  0.0062  27   GLU C CD  
684 O  OE1 . GLU C 28 ? 0.4406 0.4345 0.3789 -0.1014 0.0181  0.0120  27   GLU C OE1 
685 O  OE2 . GLU C 28 ? 0.5590 0.4397 0.4075 -0.1125 0.0681  0.0016  27   GLU C OE2 
686 N  N   . HIS C 29 ? 0.3767 0.4618 0.4043 -0.1013 0.0046  0.0228  28   HIS C N   
687 C  CA  . HIS C 29 ? 0.3922 0.4788 0.4065 -0.1047 0.0069  0.0214  28   HIS C CA  
688 C  C   . HIS C 29 ? 0.4511 0.5116 0.4295 -0.1225 0.0000  0.0250  28   HIS C C   
689 O  O   . HIS C 29 ? 0.4695 0.5172 0.4297 -0.1265 0.0133  0.0232  28   HIS C O   
690 C  CB  . HIS C 29 ? 0.3762 0.4660 0.4039 -0.0979 0.0225  0.0209  28   HIS C CB  
691 C  CG  . HIS C 29 ? 0.3533 0.4489 0.3977 -0.0949 0.0080  0.0266  28   HIS C CG  
692 N  ND1 . HIS C 29 ? 0.3284 0.4126 0.3636 -0.1039 -0.0125 0.0345  28   HIS C ND1 
693 C  CD2 . HIS C 29 ? 0.2858 0.3773 0.3347 -0.0928 0.0058  0.0283  28   HIS C CD2 
694 C  CE1 . HIS C 29 ? 0.3294 0.3862 0.3434 -0.1140 -0.0313 0.0418  28   HIS C CE1 
695 N  NE2 . HIS C 29 ? 0.3058 0.3746 0.3379 -0.1051 -0.0209 0.0390  28   HIS C NE2 
696 N  N   . GLY C 30 ? 0.4969 0.5357 0.4608 -0.1394 -0.0245 0.0354  29   GLY C N   
697 C  CA  . GLY C 30 ? 0.6248 0.6090 0.5270 -0.1740 -0.0536 0.0482  29   GLY C CA  
698 C  C   . GLY C 30 ? 0.7473 0.6487 0.5362 -0.1942 -0.0283 0.0341  29   GLY C C   
699 O  O   . GLY C 30 ? 0.7694 0.6769 0.5656 -0.1737 0.0146  0.0182  29   GLY C O   
700 ZN ZN  . ZN  D .  ? 1.0358 0.6519 0.6028 0.0227  0.0791  0.1431  1030 ZN  B ZN  
701 ZN ZN  . ZN  E .  ? 0.9979 0.5745 0.6404 -0.0153 -0.0608 0.1200  1031 ZN  B ZN  
702 ZN ZN  . ZN  F .  ? 0.7722 0.6837 0.9528 0.1177  0.1384  0.0428  1032 ZN  B ZN  
703 ZN ZN  . ZN  G .  ? 0.7723 0.6211 0.7683 0.1546  0.1501  0.0150  1033 ZN  B ZN  
704 ZN ZN  . ZN  H .  ? 0.5493 0.4247 0.3779 -0.1476 -0.0525 -0.0259 1030 ZN  C ZN  
705 ZN ZN  . ZN  I .  ? 0.4932 0.4305 0.3887 -0.0565 0.0182  -0.0186 1031 ZN  C ZN  
706 O  O   . HOH J .  ? 0.3724 0.5371 0.5502 -0.1334 -0.1551 0.0970  2001 HOH A O   
707 O  O   . HOH J .  ? 0.6443 0.9087 0.6676 0.1192  -0.0156 0.1428  2002 HOH A O   
708 O  O   . HOH J .  ? 0.6891 0.8565 0.5990 -0.0365 -0.0541 0.0392  2003 HOH A O   
709 O  O   . HOH J .  ? 1.0019 1.1253 0.9393 0.2098  0.1009  0.1888  2004 HOH A O   
710 O  O   . HOH J .  ? 1.0455 0.7319 0.5764 0.1695  -0.1042 -0.0432 2005 HOH A O   
711 O  O   . HOH K .  ? 0.8394 0.8155 1.0244 0.0260  -0.0897 0.2016  2001 HOH B O   
712 O  O   . HOH K .  ? 0.5811 0.9744 0.7994 -0.0309 -0.0731 0.1061  2002 HOH B O   
713 O  O   . HOH K .  ? 1.0682 0.8997 0.8902 0.3293  0.1351  0.1748  2003 HOH B O   
714 O  O   . HOH K .  ? 0.9201 0.6542 0.8362 0.0029  -0.0611 0.0619  2004 HOH B O   
715 O  O   . HOH K .  ? 0.5027 0.6419 0.6928 -0.1002 -0.1307 0.0633  2005 HOH B O   
716 O  O   . HOH K .  ? 0.5937 1.0376 0.8085 0.1247  -0.1738 0.2189  2006 HOH B O   
717 O  O   . HOH K .  ? 0.9137 0.6174 0.6657 -0.0417 -0.1932 -0.0833 2007 HOH B O   
718 O  O   . HOH K .  ? 0.8693 0.5611 0.7681 0.0025  -0.0498 0.0404  2008 HOH B O   
719 O  O   . HOH L .  ? 0.6149 0.6367 0.6753 -0.1787 -0.0310 0.0137  2001 HOH C O   
720 O  O   . HOH L .  ? 0.6498 0.6410 0.7300 -0.2174 0.0499  -0.0015 2002 HOH C O   
721 O  O   . HOH L .  ? 0.5918 0.5065 0.6280 -0.1342 -0.1153 -0.0465 2003 HOH C O   
722 O  O   . HOH L .  ? 0.6569 0.4183 0.5828 -0.0935 -0.0489 -0.0415 2004 HOH C O   
723 O  O   . HOH L .  ? 0.6322 0.2421 0.3739 -0.1864 -0.0468 -0.0986 2005 HOH C O   
724 O  O   . HOH L .  ? 0.7351 0.5812 0.5693 -0.2021 -0.2813 -0.0828 2006 HOH C O   
# 
